data_1T4E
# 
_entry.id   1T4E 
# 
_audit_conform.dict_name       mmcif_pdbx.dic 
_audit_conform.dict_version    5.376 
_audit_conform.dict_location   http://mmcif.pdb.org/dictionaries/ascii/mmcif_pdbx.dic 
# 
loop_
_database_2.database_id 
_database_2.database_code 
_database_2.pdbx_database_accession 
_database_2.pdbx_DOI 
PDB   1T4E         pdb_00001t4e 10.2210/pdb1t4e/pdb 
RCSB  RCSB022297   ?            ?                   
WWPDB D_1000022297 ?            ?                   
# 
loop_
_pdbx_database_related.db_name 
_pdbx_database_related.db_id 
_pdbx_database_related.details 
_pdbx_database_related.content_type 
PDB 1RV1 'Same protein, different clone, in complex with a different inhibitor' unspecified 
PDB 1YCR 'Same protein, different clone, in complex with a p53 peptide'         unspecified 
PDB 1T4F 'Same protein, longer clone, in complex with an optimized p53 peptide' unspecified 
# 
_pdbx_database_status.status_code                     REL 
_pdbx_database_status.entry_id                        1T4E 
_pdbx_database_status.recvd_initial_deposition_date   2004-04-29 
_pdbx_database_status.deposit_site                    RCSB 
_pdbx_database_status.process_site                    RCSB 
_pdbx_database_status.status_code_sf                  REL 
_pdbx_database_status.status_code_mr                  ? 
_pdbx_database_status.SG_entry                        ? 
_pdbx_database_status.pdb_format_compatible           Y 
_pdbx_database_status.status_code_cs                  ? 
_pdbx_database_status.methods_development_category    ? 
_pdbx_database_status.status_code_nmr_data            ? 
# 
loop_
_audit_author.name 
_audit_author.pdbx_ordinal 
'Grasberger, B.L.' 1 
'Schubert, C.'     2 
'Koblish, H.K.'    3 
'Carver, T.E.'     4 
'Franks, C.F.'     5 
'Zhao, S.Y.'       6 
'Lu, T.'           7 
'LaFrance, L.V.'   8 
'Parks, D.J.'      9 
# 
_citation.id                        primary 
_citation.title                     
'Discovery and cocrystal structure of benzodiazepinedione HDM2 antagonists that activate p53 in cells' 
_citation.journal_abbrev            J.Med.Chem. 
_citation.journal_volume            48 
_citation.page_first                909 
_citation.page_last                 912 
_citation.year                      2005 
_citation.journal_id_ASTM           JMCMAR 
_citation.country                   US 
_citation.journal_id_ISSN           0022-2623 
_citation.journal_id_CSD            0151 
_citation.book_publisher            ? 
_citation.pdbx_database_id_PubMed   15715460 
_citation.pdbx_database_id_DOI      10.1021/jm049137g 
# 
loop_
_citation_author.citation_id 
_citation_author.name 
_citation_author.ordinal 
_citation_author.identifier_ORCID 
primary 'Grasberger, B.L.' 1 ? 
primary 'Lu, T.'           2 ? 
primary 'Schubert, C.'     3 ? 
primary 'Parks, D.J.'      4 ? 
primary 'Carver, T.E.'     5 ? 
primary 'Koblish, H.K.'    6 ? 
primary 'Cummings, M.D.'   7 ? 
primary 'LaFrance, L.V.'   8 ? 
# 
_cell.entry_id           1T4E 
_cell.length_a           98.486 
_cell.length_b           98.486 
_cell.length_c           74.038 
_cell.angle_alpha        90.00 
_cell.angle_beta         90.00 
_cell.angle_gamma        120.00 
_cell.Z_PDB              12 
_cell.pdbx_unique_axis   ? 
# 
_symmetry.entry_id                         1T4E 
_symmetry.space_group_name_H-M             'P 32 2 1' 
_symmetry.pdbx_full_space_group_name_H-M   ? 
_symmetry.cell_setting                     ? 
_symmetry.Int_Tables_number                154 
_symmetry.space_group_name_Hall            ? 
# 
loop_
_entity.id 
_entity.type 
_entity.src_method 
_entity.pdbx_description 
_entity.formula_weight 
_entity.pdbx_number_of_molecules 
_entity.pdbx_ec 
_entity.pdbx_mutation 
_entity.pdbx_fragment 
_entity.details 
1 polymer     man 'Ubiquitin-protein ligase E3 Mdm2'                                                                              
11156.052 2  6.3.2.- '17-111, additional GLY at N-terminus' 'p53-binding domain' ? 
2 non-polymer syn '(4-CHLOROPHENYL)[3-(4-CHLOROPHENYL)-7-IODO-2,5-DIOXO-1,2,3,5-TETRAHYDRO-4H-1,4-BENZODIAZEPIN-4-YL]ACETIC ACID' 
581.187   2  ?       ?                                      ?                    ? 
3 water       nat water                                                                                                           
18.015    50 ?       ?                                      ?                    ? 
# 
_entity_name_com.entity_id   1 
_entity_name_com.name        'p53-binding protein Mdm2, Oncoprotein Mdm2, Double minute 2 protein, Hdm2' 
# 
_entity_poly.entity_id                      1 
_entity_poly.type                           'polypeptide(L)' 
_entity_poly.nstd_linkage                   no 
_entity_poly.nstd_monomer                   no 
_entity_poly.pdbx_seq_one_letter_code       
;GSQIPASEQETLVRPKPLLLKLLKSVGAQKDTYTMKEVLFYLGQYIMTKRLYDEKQQHIVYCSNDLLGDLFGVPSFSVKE
HRKIYTMIYRNLVVVN
;
_entity_poly.pdbx_seq_one_letter_code_can   
;GSQIPASEQETLVRPKPLLLKLLKSVGAQKDTYTMKEVLFYLGQYIMTKRLYDEKQQHIVYCSNDLLGDLFGVPSFSVKE
HRKIYTMIYRNLVVVN
;
_entity_poly.pdbx_strand_id                 A,B 
_entity_poly.pdbx_target_identifier         ? 
# 
loop_
_entity_poly_seq.entity_id 
_entity_poly_seq.num 
_entity_poly_seq.mon_id 
_entity_poly_seq.hetero 
1 1  GLY n 
1 2  SER n 
1 3  GLN n 
1 4  ILE n 
1 5  PRO n 
1 6  ALA n 
1 7  SER n 
1 8  GLU n 
1 9  GLN n 
1 10 GLU n 
1 11 THR n 
1 12 LEU n 
1 13 VAL n 
1 14 ARG n 
1 15 PRO n 
1 16 LYS n 
1 17 PRO n 
1 18 LEU n 
1 19 LEU n 
1 20 LEU n 
1 21 LYS n 
1 22 LEU n 
1 23 LEU n 
1 24 LYS n 
1 25 SER n 
1 26 VAL n 
1 27 GLY n 
1 28 ALA n 
1 29 GLN n 
1 30 LYS n 
1 31 ASP n 
1 32 THR n 
1 33 TYR n 
1 34 THR n 
1 35 MET n 
1 36 LYS n 
1 37 GLU n 
1 38 VAL n 
1 39 LEU n 
1 40 PHE n 
1 41 TYR n 
1 42 LEU n 
1 43 GLY n 
1 44 GLN n 
1 45 TYR n 
1 46 ILE n 
1 47 MET n 
1 48 THR n 
1 49 LYS n 
1 50 ARG n 
1 51 LEU n 
1 52 TYR n 
1 53 ASP n 
1 54 GLU n 
1 55 LYS n 
1 56 GLN n 
1 57 GLN n 
1 58 HIS n 
1 59 ILE n 
1 60 VAL n 
1 61 TYR n 
1 62 CYS n 
1 63 SER n 
1 64 ASN n 
1 65 ASP n 
1 66 LEU n 
1 67 LEU n 
1 68 GLY n 
1 69 ASP n 
1 70 LEU n 
1 71 PHE n 
1 72 GLY n 
1 73 VAL n 
1 74 PRO n 
1 75 SER n 
1 76 PHE n 
1 77 SER n 
1 78 VAL n 
1 79 LYS n 
1 80 GLU n 
1 81 HIS n 
1 82 ARG n 
1 83 LYS n 
1 84 ILE n 
1 85 TYR n 
1 86 THR n 
1 87 MET n 
1 88 ILE n 
1 89 TYR n 
1 90 ARG n 
1 91 ASN n 
1 92 LEU n 
1 93 VAL n 
1 94 VAL n 
1 95 VAL n 
1 96 ASN n 
# 
_entity_src_gen.entity_id                          1 
_entity_src_gen.pdbx_src_id                        1 
_entity_src_gen.pdbx_alt_source_flag               sample 
_entity_src_gen.pdbx_seq_type                      ? 
_entity_src_gen.pdbx_beg_seq_num                   ? 
_entity_src_gen.pdbx_end_seq_num                   ? 
_entity_src_gen.gene_src_common_name               human 
_entity_src_gen.gene_src_genus                     Homo 
_entity_src_gen.pdbx_gene_src_gene                 MDM2 
_entity_src_gen.gene_src_species                   ? 
_entity_src_gen.gene_src_strain                    ? 
_entity_src_gen.gene_src_tissue                    ? 
_entity_src_gen.gene_src_tissue_fraction           ? 
_entity_src_gen.gene_src_details                   ? 
_entity_src_gen.pdbx_gene_src_fragment             ? 
_entity_src_gen.pdbx_gene_src_scientific_name      'Homo sapiens' 
_entity_src_gen.pdbx_gene_src_ncbi_taxonomy_id     9606 
_entity_src_gen.pdbx_gene_src_variant              ? 
_entity_src_gen.pdbx_gene_src_cell_line            ? 
_entity_src_gen.pdbx_gene_src_atcc                 ? 
_entity_src_gen.pdbx_gene_src_organ                ? 
_entity_src_gen.pdbx_gene_src_organelle            ? 
_entity_src_gen.pdbx_gene_src_cell                 ? 
_entity_src_gen.pdbx_gene_src_cellular_location    ? 
_entity_src_gen.host_org_common_name               ? 
_entity_src_gen.pdbx_host_org_scientific_name      'Escherichia coli BL21' 
_entity_src_gen.pdbx_host_org_ncbi_taxonomy_id     511693 
_entity_src_gen.host_org_genus                     Escherichia 
_entity_src_gen.pdbx_host_org_gene                 ? 
_entity_src_gen.pdbx_host_org_organ                ? 
_entity_src_gen.host_org_species                   'Escherichia coli' 
_entity_src_gen.pdbx_host_org_tissue               ? 
_entity_src_gen.pdbx_host_org_tissue_fraction      ? 
_entity_src_gen.pdbx_host_org_strain               BL21 
_entity_src_gen.pdbx_host_org_variant              ? 
_entity_src_gen.pdbx_host_org_cell_line            ? 
_entity_src_gen.pdbx_host_org_atcc                 ? 
_entity_src_gen.pdbx_host_org_culture_collection   ? 
_entity_src_gen.pdbx_host_org_cell                 ? 
_entity_src_gen.pdbx_host_org_organelle            ? 
_entity_src_gen.pdbx_host_org_cellular_location    ? 
_entity_src_gen.pdbx_host_org_vector_type          plasmid 
_entity_src_gen.pdbx_host_org_vector               ? 
_entity_src_gen.host_org_details                   ? 
_entity_src_gen.expression_system_id               ? 
_entity_src_gen.plasmid_name                       pGEX4t-3 
_entity_src_gen.plasmid_details                    ? 
_entity_src_gen.pdbx_description                   ? 
# 
_struct_ref.id                         1 
_struct_ref.db_name                    UNP 
_struct_ref.db_code                    MDM2_HUMAN 
_struct_ref.pdbx_db_accession          Q00987 
_struct_ref.entity_id                  1 
_struct_ref.pdbx_seq_one_letter_code   
;SQIPASEQETLVRPKPLLLKLLKSVGAQKDTYTMKEVLFYLGQYIMTKRLYDEKQQHIVYCSNDLLGDLFGVPSFSVKEH
RKIYTMIYRNLVVVN
;
_struct_ref.pdbx_align_begin           17 
_struct_ref.pdbx_db_isoform            ? 
# 
loop_
_struct_ref_seq.align_id 
_struct_ref_seq.ref_id 
_struct_ref_seq.pdbx_PDB_id_code 
_struct_ref_seq.pdbx_strand_id 
_struct_ref_seq.seq_align_beg 
_struct_ref_seq.pdbx_seq_align_beg_ins_code 
_struct_ref_seq.seq_align_end 
_struct_ref_seq.pdbx_seq_align_end_ins_code 
_struct_ref_seq.pdbx_db_accession 
_struct_ref_seq.db_align_beg 
_struct_ref_seq.pdbx_db_align_beg_ins_code 
_struct_ref_seq.db_align_end 
_struct_ref_seq.pdbx_db_align_end_ins_code 
_struct_ref_seq.pdbx_auth_seq_align_beg 
_struct_ref_seq.pdbx_auth_seq_align_end 
1 1 1T4E A 2 ? 96 ? Q00987 17 ? 111 ? 17 111 
2 1 1T4E B 2 ? 96 ? Q00987 17 ? 111 ? 17 111 
# 
loop_
_struct_ref_seq_dif.align_id 
_struct_ref_seq_dif.pdbx_pdb_id_code 
_struct_ref_seq_dif.mon_id 
_struct_ref_seq_dif.pdbx_pdb_strand_id 
_struct_ref_seq_dif.seq_num 
_struct_ref_seq_dif.pdbx_pdb_ins_code 
_struct_ref_seq_dif.pdbx_seq_db_name 
_struct_ref_seq_dif.pdbx_seq_db_accession_code 
_struct_ref_seq_dif.db_mon_id 
_struct_ref_seq_dif.pdbx_seq_db_seq_num 
_struct_ref_seq_dif.details 
_struct_ref_seq_dif.pdbx_auth_seq_num 
_struct_ref_seq_dif.pdbx_ordinal 
1 1T4E GLY A 1 ? UNP Q00987 ? ? 'cloning artifact' 16 1 
2 1T4E GLY B 1 ? UNP Q00987 ? ? 'cloning artifact' 16 2 
# 
loop_
_chem_comp.id 
_chem_comp.type 
_chem_comp.mon_nstd_flag 
_chem_comp.name 
_chem_comp.pdbx_synonyms 
_chem_comp.formula 
_chem_comp.formula_weight 
ALA 'L-peptide linking' y ALANINE ?                         'C3 H7 N O2'          89.093  
ARG 'L-peptide linking' y ARGININE ?                         'C6 H15 N4 O2 1'      175.209 
ASN 'L-peptide linking' y ASPARAGINE ?                         'C4 H8 N2 O3'         132.118 
ASP 'L-peptide linking' y 'ASPARTIC ACID' ?                         'C4 H7 N O4'          133.103 
CYS 'L-peptide linking' y CYSTEINE ?                         'C3 H7 N O2 S'        121.158 
DIZ non-polymer         . 
'(4-CHLOROPHENYL)[3-(4-CHLOROPHENYL)-7-IODO-2,5-DIOXO-1,2,3,5-TETRAHYDRO-4H-1,4-BENZODIAZEPIN-4-YL]ACETIC ACID' 
DI-CHLORO-BENZO-DIAZEPINE 'C23 H15 Cl2 I N2 O4' 581.187 
GLN 'L-peptide linking' y GLUTAMINE ?                         'C5 H10 N2 O3'        146.144 
GLU 'L-peptide linking' y 'GLUTAMIC ACID' ?                         'C5 H9 N O4'          147.129 
GLY 'peptide linking'   y GLYCINE ?                         'C2 H5 N O2'          75.067  
HIS 'L-peptide linking' y HISTIDINE ?                         'C6 H10 N3 O2 1'      156.162 
HOH non-polymer         . WATER ?                         'H2 O'                18.015  
ILE 'L-peptide linking' y ISOLEUCINE ?                         'C6 H13 N O2'         131.173 
LEU 'L-peptide linking' y LEUCINE ?                         'C6 H13 N O2'         131.173 
LYS 'L-peptide linking' y LYSINE ?                         'C6 H15 N2 O2 1'      147.195 
MET 'L-peptide linking' y METHIONINE ?                         'C5 H11 N O2 S'       149.211 
PHE 'L-peptide linking' y PHENYLALANINE ?                         'C9 H11 N O2'         165.189 
PRO 'L-peptide linking' y PROLINE ?                         'C5 H9 N O2'          115.130 
SER 'L-peptide linking' y SERINE ?                         'C3 H7 N O3'          105.093 
THR 'L-peptide linking' y THREONINE ?                         'C4 H9 N O3'          119.119 
TYR 'L-peptide linking' y TYROSINE ?                         'C9 H11 N O3'         181.189 
VAL 'L-peptide linking' y VALINE ?                         'C5 H11 N O2'         117.146 
# 
_exptl.entry_id          1T4E 
_exptl.method            'X-RAY DIFFRACTION' 
_exptl.crystals_number   1 
# 
_exptl_crystal.id                    1 
_exptl_crystal.density_meas          ? 
_exptl_crystal.density_percent_sol   73.3 
_exptl_crystal.description           ? 
_exptl_crystal.density_Matthews      4.65 
_exptl_crystal.F_000                 ? 
_exptl_crystal.preparation           ? 
# 
_exptl_crystal_grow.crystal_id      1 
_exptl_crystal_grow.method          'VAPOR DIFFUSION, HANGING DROP' 
_exptl_crystal_grow.temp            277.0 
_exptl_crystal_grow.temp_details    ? 
_exptl_crystal_grow.pH              6.5 
_exptl_crystal_grow.pdbx_details    '(NH4)2SO4, PEG400, NaSCN, pH 6.5, VAPOR DIFFUSION, HANGING DROP' 
_exptl_crystal_grow.pdbx_pH_range   . 
# 
_diffrn.id                     1 
_diffrn.ambient_temp           120 
_diffrn.ambient_temp_details   ? 
_diffrn.crystal_id             1 
# 
_diffrn_detector.diffrn_id              1 
_diffrn_detector.detector               CCD 
_diffrn_detector.type                   'BRUKER SMART 6000' 
_diffrn_detector.pdbx_collection_date   2001-10-29 
_diffrn_detector.details                'Osmic Blue' 
# 
_diffrn_radiation.diffrn_id                        1 
_diffrn_radiation.wavelength_id                    1 
_diffrn_radiation.pdbx_monochromatic_or_laue_m_l   M 
_diffrn_radiation.monochromator                    Mirrors 
_diffrn_radiation.pdbx_diffrn_protocol             'SINGLE WAVELENGTH' 
_diffrn_radiation.pdbx_scattering_type             x-ray 
# 
_diffrn_radiation_wavelength.id           1 
_diffrn_radiation_wavelength.wavelength   1.5418 
_diffrn_radiation_wavelength.wt           1.0 
# 
_diffrn_source.diffrn_id                   1 
_diffrn_source.source                      'ROTATING ANODE' 
_diffrn_source.type                        MACSCIENCE 
_diffrn_source.pdbx_synchrotron_site       ? 
_diffrn_source.pdbx_synchrotron_beamline   ? 
_diffrn_source.pdbx_wavelength             ? 
_diffrn_source.pdbx_wavelength_list        1.5418 
# 
_reflns.entry_id                     1T4E 
_reflns.observed_criterion_sigma_I   -3.0 
_reflns.observed_criterion_sigma_F   0.0 
_reflns.d_resolution_low             56 
_reflns.d_resolution_high            2.4 
_reflns.number_obs                   15112 
_reflns.number_all                   15132 
_reflns.percent_possible_obs         91.3 
_reflns.pdbx_Rmerge_I_obs            0.16 
_reflns.pdbx_Rsym_value              ? 
_reflns.pdbx_netI_over_sigmaI        4.6 
_reflns.B_iso_Wilson_estimate        17.8 
_reflns.pdbx_redundancy              4.2 
_reflns.R_free_details               ? 
_reflns.limit_h_max                  ? 
_reflns.limit_h_min                  ? 
_reflns.limit_k_max                  ? 
_reflns.limit_k_min                  ? 
_reflns.limit_l_max                  ? 
_reflns.limit_l_min                  ? 
_reflns.observed_criterion_F_max     ? 
_reflns.observed_criterion_F_min     ? 
_reflns.pdbx_chi_squared             ? 
_reflns.pdbx_scaling_rejects         ? 
_reflns.pdbx_diffrn_id               1 
_reflns.pdbx_ordinal                 1 
# 
_reflns_shell.d_res_high             2.4 
_reflns_shell.d_res_low              2.54 
_reflns_shell.percent_possible_all   97.1 
_reflns_shell.Rmerge_I_obs           0.548 
_reflns_shell.pdbx_Rsym_value        ? 
_reflns_shell.meanI_over_sigI_obs    0.92 
_reflns_shell.pdbx_redundancy        ? 
_reflns_shell.percent_possible_obs   ? 
_reflns_shell.number_unique_all      ? 
_reflns_shell.number_measured_all    ? 
_reflns_shell.number_measured_obs    ? 
_reflns_shell.number_unique_obs      ? 
_reflns_shell.pdbx_chi_squared       ? 
_reflns_shell.pdbx_diffrn_id         ? 
_reflns_shell.pdbx_ordinal           1 
# 
_refine.entry_id                                 1T4E 
_refine.ls_number_reflns_obs                     12914 
_refine.ls_number_reflns_all                     12914 
_refine.pdbx_ls_sigma_I                          ? 
_refine.pdbx_ls_sigma_F                          0.0 
_refine.pdbx_data_cutoff_high_absF               1742754.28 
_refine.pdbx_data_cutoff_low_absF                0.000000 
_refine.pdbx_data_cutoff_high_rms_absF           ? 
_refine.ls_d_res_low                             55.91 
_refine.ls_d_res_high                            2.60 
_refine.ls_percent_reflns_obs                    98.7 
_refine.ls_R_factor_obs                          ? 
_refine.ls_R_factor_all                          ? 
_refine.ls_R_factor_R_work                       0.239 
_refine.ls_R_factor_R_free                       0.276 
_refine.ls_R_factor_R_free_error                 0.009 
_refine.ls_R_factor_R_free_error_details         ? 
_refine.ls_percent_reflns_R_free                 7.4 
_refine.ls_number_reflns_R_free                  950 
_refine.ls_number_parameters                     ? 
_refine.ls_number_restraints                     ? 
_refine.occupancy_min                            ? 
_refine.occupancy_max                            ? 
_refine.correlation_coeff_Fo_to_Fc               ? 
_refine.correlation_coeff_Fo_to_Fc_free          ? 
_refine.B_iso_mean                               27.4 
_refine.aniso_B[1][1]                            -5.54 
_refine.aniso_B[2][2]                            -5.54 
_refine.aniso_B[3][3]                            11.08 
_refine.aniso_B[1][2]                            -0.13 
_refine.aniso_B[1][3]                            0.00 
_refine.aniso_B[2][3]                            0.00 
_refine.solvent_model_details                    'FLAT MODEL' 
_refine.solvent_model_param_ksol                 0.372649 
_refine.solvent_model_param_bsol                 25.2844 
_refine.pdbx_solvent_vdw_probe_radii             ? 
_refine.pdbx_solvent_ion_probe_radii             ? 
_refine.pdbx_solvent_shrinkage_radii             ? 
_refine.pdbx_ls_cross_valid_method               THROUGHOUT 
_refine.details                                  ? 
_refine.pdbx_starting_model                      'PDB ENTRY 1T4F' 
_refine.pdbx_method_to_determine_struct          'MOLECULAR REPLACEMENT' 
_refine.pdbx_isotropic_thermal_model             RESTRAINED 
_refine.pdbx_stereochemistry_target_values       'Engh & Huber' 
_refine.pdbx_stereochem_target_val_spec_case     ? 
_refine.pdbx_R_Free_selection_details            RANDOM 
_refine.pdbx_overall_ESU_R                       ? 
_refine.pdbx_overall_ESU_R_Free                  ? 
_refine.overall_SU_ML                            ? 
_refine.overall_SU_B                             ? 
_refine.ls_redundancy_reflns_obs                 ? 
_refine.B_iso_min                                ? 
_refine.B_iso_max                                ? 
_refine.overall_SU_R_Cruickshank_DPI             ? 
_refine.overall_SU_R_free                        ? 
_refine.ls_wR_factor_R_free                      ? 
_refine.ls_wR_factor_R_work                      ? 
_refine.overall_FOM_free_R_set                   ? 
_refine.overall_FOM_work_R_set                   ? 
_refine.pdbx_refine_id                           'X-RAY DIFFRACTION' 
_refine.pdbx_diffrn_id                           1 
_refine.pdbx_TLS_residual_ADP_flag               ? 
_refine.pdbx_overall_phase_error                 ? 
_refine.pdbx_overall_SU_R_free_Cruickshank_DPI   ? 
_refine.pdbx_overall_SU_R_Blow_DPI               ? 
_refine.pdbx_overall_SU_R_free_Blow_DPI          ? 
# 
_refine_analyze.entry_id                        1T4E 
_refine_analyze.Luzzati_coordinate_error_obs    0.34 
_refine_analyze.Luzzati_sigma_a_obs             0.42 
_refine_analyze.Luzzati_d_res_low_obs           5.00 
_refine_analyze.Luzzati_coordinate_error_free   0.41 
_refine_analyze.Luzzati_sigma_a_free            0.45 
_refine_analyze.Luzzati_d_res_low_free          ? 
_refine_analyze.number_disordered_residues      ? 
_refine_analyze.occupancy_sum_hydrogen          ? 
_refine_analyze.occupancy_sum_non_hydrogen      ? 
_refine_analyze.pdbx_Luzzati_d_res_high_obs     ? 
_refine_analyze.pdbx_refine_id                  'X-RAY DIFFRACTION' 
# 
_refine_hist.pdbx_refine_id                   'X-RAY DIFFRACTION' 
_refine_hist.cycle_id                         LAST 
_refine_hist.pdbx_number_atoms_protein        1568 
_refine_hist.pdbx_number_atoms_nucleic_acid   0 
_refine_hist.pdbx_number_atoms_ligand         64 
_refine_hist.number_atoms_solvent             50 
_refine_hist.number_atoms_total               1682 
_refine_hist.d_res_high                       2.60 
_refine_hist.d_res_low                        55.91 
# 
loop_
_refine_ls_restr.type 
_refine_ls_restr.dev_ideal 
_refine_ls_restr.dev_ideal_target 
_refine_ls_restr.weight 
_refine_ls_restr.number 
_refine_ls_restr.pdbx_refine_id 
_refine_ls_restr.pdbx_restraint_function 
c_bond_d           0.008 ?    ? ? 'X-RAY DIFFRACTION' ? 
c_angle_deg        1.3   ?    ? ? 'X-RAY DIFFRACTION' ? 
c_dihedral_angle_d 20.6  ?    ? ? 'X-RAY DIFFRACTION' ? 
c_improper_angle_d 0.83  ?    ? ? 'X-RAY DIFFRACTION' ? 
c_mcbond_it        1.36  1.50 ? ? 'X-RAY DIFFRACTION' ? 
c_mcangle_it       2.37  2.00 ? ? 'X-RAY DIFFRACTION' ? 
c_scbond_it        1.89  2.00 ? ? 'X-RAY DIFFRACTION' ? 
c_scangle_it       2.96  2.50 ? ? 'X-RAY DIFFRACTION' ? 
# 
_refine_ls_shell.pdbx_total_number_of_bins_used   6 
_refine_ls_shell.d_res_high                       2.60 
_refine_ls_shell.d_res_low                        2.76 
_refine_ls_shell.number_reflns_R_work             1847 
_refine_ls_shell.R_factor_R_work                  0.314 
_refine_ls_shell.percent_reflns_obs               93.1 
_refine_ls_shell.R_factor_R_free                  0.333 
_refine_ls_shell.R_factor_R_free_error            0.027 
_refine_ls_shell.percent_reflns_R_free            7.5 
_refine_ls_shell.number_reflns_R_free             149 
_refine_ls_shell.number_reflns_obs                ? 
_refine_ls_shell.redundancy_reflns_obs            ? 
_refine_ls_shell.number_reflns_all                ? 
_refine_ls_shell.pdbx_refine_id                   'X-RAY DIFFRACTION' 
_refine_ls_shell.R_factor_all                     ? 
# 
loop_
_pdbx_xplor_file.serial_no 
_pdbx_xplor_file.param_file 
_pdbx_xplor_file.topol_file 
_pdbx_xplor_file.pdbx_refine_id 
1 PROTEIN_REP.PARAM PROTEIN.TOP 'X-RAY DIFFRACTION' 
2 WATER_REP.PARAM   DCB.TOP     'X-RAY DIFFRACTION' 
3 DCB.PAR           WATER.TOP   'X-RAY DIFFRACTION' 
# 
_struct.entry_id                  1T4E 
_struct.title                     'Structure of Human MDM2 in complex with a Benzodiazepine Inhibitor' 
_struct.pdbx_model_details        ? 
_struct.pdbx_CASP_flag            ? 
_struct.pdbx_model_type_details   ? 
# 
_struct_keywords.entry_id        1T4E 
_struct_keywords.pdbx_keywords   LIGASE 
_struct_keywords.text            'MDM2-Inhibitor complex, LIGASE' 
# 
loop_
_struct_asym.id 
_struct_asym.pdbx_blank_PDB_chainid_flag 
_struct_asym.pdbx_modified 
_struct_asym.entity_id 
_struct_asym.details 
A N N 1 ? 
B N N 1 ? 
C N N 2 ? 
D N N 2 ? 
E N N 3 ? 
F N N 3 ? 
# 
loop_
_struct_conf.conf_type_id 
_struct_conf.id 
_struct_conf.pdbx_PDB_helix_id 
_struct_conf.beg_label_comp_id 
_struct_conf.beg_label_asym_id 
_struct_conf.beg_label_seq_id 
_struct_conf.pdbx_beg_PDB_ins_code 
_struct_conf.end_label_comp_id 
_struct_conf.end_label_asym_id 
_struct_conf.end_label_seq_id 
_struct_conf.pdbx_end_PDB_ins_code 
_struct_conf.beg_auth_comp_id 
_struct_conf.beg_auth_asym_id 
_struct_conf.beg_auth_seq_id 
_struct_conf.end_auth_comp_id 
_struct_conf.end_auth_asym_id 
_struct_conf.end_auth_seq_id 
_struct_conf.pdbx_PDB_helix_class 
_struct_conf.details 
_struct_conf.pdbx_PDB_helix_length 
HELX_P HELX_P1  1  PRO A 5  ? GLU A 10 ? PRO A 20 GLU A 25  1 ? 6  
HELX_P HELX_P2  2  LYS A 16 ? SER A 25 ? LYS A 31 SER A 40  1 ? 10 
HELX_P HELX_P3  3  MET A 35 ? ARG A 50 ? MET A 50 ARG A 65  1 ? 16 
HELX_P HELX_P4  4  ASP A 65 ? GLY A 72 ? ASP A 80 GLY A 87  1 ? 8  
HELX_P HELX_P5  5  GLU A 80 ? ARG A 90 ? GLU A 95 ARG A 105 1 ? 11 
HELX_P HELX_P6  6  PRO B 5  ? GLU B 10 ? PRO B 20 GLU B 25  1 ? 6  
HELX_P HELX_P7  7  LYS B 16 ? SER B 25 ? LYS B 31 SER B 40  1 ? 10 
HELX_P HELX_P8  8  MET B 35 ? LYS B 49 ? MET B 50 LYS B 64  1 ? 15 
HELX_P HELX_P9  9  ASP B 65 ? GLY B 72 ? ASP B 80 GLY B 87  1 ? 8  
HELX_P HELX_P10 10 GLU B 80 ? ARG B 90 ? GLU B 95 ARG B 105 1 ? 11 
# 
_struct_conf_type.id          HELX_P 
_struct_conf_type.criteria    ? 
_struct_conf_type.reference   ? 
# 
loop_
_struct_sheet.id 
_struct_sheet.type 
_struct_sheet.number_strands 
_struct_sheet.details 
A ? 3 ? 
B ? 2 ? 
C ? 3 ? 
D ? 3 ? 
# 
loop_
_struct_sheet_order.sheet_id 
_struct_sheet_order.range_id_1 
_struct_sheet_order.range_id_2 
_struct_sheet_order.offset 
_struct_sheet_order.sense 
A 1 2 ? anti-parallel 
A 2 3 ? anti-parallel 
B 1 2 ? anti-parallel 
C 1 2 ? anti-parallel 
C 2 3 ? anti-parallel 
D 1 2 ? anti-parallel 
D 2 3 ? anti-parallel 
# 
loop_
_struct_sheet_range.sheet_id 
_struct_sheet_range.id 
_struct_sheet_range.beg_label_comp_id 
_struct_sheet_range.beg_label_asym_id 
_struct_sheet_range.beg_label_seq_id 
_struct_sheet_range.pdbx_beg_PDB_ins_code 
_struct_sheet_range.end_label_comp_id 
_struct_sheet_range.end_label_asym_id 
_struct_sheet_range.end_label_seq_id 
_struct_sheet_range.pdbx_end_PDB_ins_code 
_struct_sheet_range.beg_auth_comp_id 
_struct_sheet_range.beg_auth_asym_id 
_struct_sheet_range.beg_auth_seq_id 
_struct_sheet_range.end_auth_comp_id 
_struct_sheet_range.end_auth_asym_id 
_struct_sheet_range.end_auth_seq_id 
A 1 TYR A 33 ? THR A 34 ? TYR A 48  THR A 49  
A 2 LEU A 12 ? PRO A 15 ? LEU A 27  PRO A 30  
A 3 LEU A 92 ? VAL A 94 ? LEU A 107 VAL A 109 
B 1 ILE A 59 ? TYR A 61 ? ILE A 74  TYR A 76  
B 2 SER A 75 ? SER A 77 ? SER A 90  SER A 92  
C 1 TYR B 33 ? THR B 34 ? TYR B 48  THR B 49  
C 2 LEU B 12 ? PRO B 15 ? LEU B 27  PRO B 30  
C 3 LEU B 92 ? VAL B 94 ? LEU B 107 VAL B 109 
D 1 TYR B 52 ? ASP B 53 ? TYR B 67  ASP B 68  
D 2 GLN B 56 ? TYR B 61 ? GLN B 71  TYR B 76  
D 3 SER B 75 ? SER B 77 ? SER B 90  SER B 92  
# 
loop_
_pdbx_struct_sheet_hbond.sheet_id 
_pdbx_struct_sheet_hbond.range_id_1 
_pdbx_struct_sheet_hbond.range_id_2 
_pdbx_struct_sheet_hbond.range_1_label_atom_id 
_pdbx_struct_sheet_hbond.range_1_label_comp_id 
_pdbx_struct_sheet_hbond.range_1_label_asym_id 
_pdbx_struct_sheet_hbond.range_1_label_seq_id 
_pdbx_struct_sheet_hbond.range_1_PDB_ins_code 
_pdbx_struct_sheet_hbond.range_1_auth_atom_id 
_pdbx_struct_sheet_hbond.range_1_auth_comp_id 
_pdbx_struct_sheet_hbond.range_1_auth_asym_id 
_pdbx_struct_sheet_hbond.range_1_auth_seq_id 
_pdbx_struct_sheet_hbond.range_2_label_atom_id 
_pdbx_struct_sheet_hbond.range_2_label_comp_id 
_pdbx_struct_sheet_hbond.range_2_label_asym_id 
_pdbx_struct_sheet_hbond.range_2_label_seq_id 
_pdbx_struct_sheet_hbond.range_2_PDB_ins_code 
_pdbx_struct_sheet_hbond.range_2_auth_atom_id 
_pdbx_struct_sheet_hbond.range_2_auth_comp_id 
_pdbx_struct_sheet_hbond.range_2_auth_asym_id 
_pdbx_struct_sheet_hbond.range_2_auth_seq_id 
A 1 2 O TYR A 33 ? O TYR A 48 N VAL A 13 ? N VAL A 28  
A 2 3 N ARG A 14 ? N ARG A 29 O VAL A 93 ? O VAL A 108 
B 1 2 N VAL A 60 ? N VAL A 75 O PHE A 76 ? O PHE A 91  
C 1 2 O TYR B 33 ? O TYR B 48 N VAL B 13 ? N VAL B 28  
C 2 3 N ARG B 14 ? N ARG B 29 O VAL B 93 ? O VAL B 108 
D 1 2 N ASP B 53 ? N ASP B 68 O ILE B 59 ? O ILE B 74  
D 2 3 N VAL B 60 ? N VAL B 75 O PHE B 76 ? O PHE B 91  
# 
loop_
_struct_site.id 
_struct_site.pdbx_evidence_code 
_struct_site.pdbx_auth_asym_id 
_struct_site.pdbx_auth_comp_id 
_struct_site.pdbx_auth_seq_id 
_struct_site.pdbx_auth_ins_code 
_struct_site.pdbx_num_residues 
_struct_site.details 
AC1 Software A DIZ 112 ? 15 'BINDING SITE FOR RESIDUE DIZ A 112' 
AC2 Software B DIZ 112 ? 13 'BINDING SITE FOR RESIDUE DIZ B 112' 
# 
loop_
_struct_site_gen.id 
_struct_site_gen.site_id 
_struct_site_gen.pdbx_num_res 
_struct_site_gen.label_comp_id 
_struct_site_gen.label_asym_id 
_struct_site_gen.label_seq_id 
_struct_site_gen.pdbx_auth_ins_code 
_struct_site_gen.auth_comp_id 
_struct_site_gen.auth_asym_id 
_struct_site_gen.auth_seq_id 
_struct_site_gen.label_atom_id 
_struct_site_gen.label_alt_id 
_struct_site_gen.symmetry 
_struct_site_gen.details 
1  AC1 15 GLY A 1  ? GLY A 16  . ? 1_555 ? 
2  AC1 15 SER A 2  ? SER A 17  . ? 1_555 ? 
3  AC1 15 LEU A 39 ? LEU A 54  . ? 1_555 ? 
4  AC1 15 LEU A 42 ? LEU A 57  . ? 1_555 ? 
5  AC1 15 GLY A 43 ? GLY A 58  . ? 1_555 ? 
6  AC1 15 ILE A 46 ? ILE A 61  . ? 1_555 ? 
7  AC1 15 MET A 47 ? MET A 62  . ? 1_555 ? 
8  AC1 15 GLN A 57 ? GLN A 72  . ? 1_555 ? 
9  AC1 15 VAL A 78 ? VAL A 93  . ? 1_555 ? 
10 AC1 15 HIS A 81 ? HIS A 96  . ? 1_555 ? 
11 AC1 15 ILE A 84 ? ILE A 99  . ? 1_555 ? 
12 AC1 15 TYR A 85 ? TYR A 100 . ? 1_555 ? 
13 AC1 15 HOH E .  ? HOH A 114 . ? 1_555 ? 
14 AC1 15 HOH E .  ? HOH A 125 . ? 1_555 ? 
15 AC1 15 LYS B 36 ? LYS B 51  . ? 6_665 ? 
16 AC2 13 GLY B 1  ? GLY B 16  . ? 1_555 ? 
17 AC2 13 SER B 2  ? SER B 17  . ? 1_555 ? 
18 AC2 13 LEU B 39 ? LEU B 54  . ? 1_555 ? 
19 AC2 13 LEU B 42 ? LEU B 57  . ? 1_555 ? 
20 AC2 13 GLY B 43 ? GLY B 58  . ? 1_555 ? 
21 AC2 13 ILE B 46 ? ILE B 61  . ? 1_555 ? 
22 AC2 13 MET B 47 ? MET B 62  . ? 1_555 ? 
23 AC2 13 GLN B 57 ? GLN B 72  . ? 1_555 ? 
24 AC2 13 VAL B 78 ? VAL B 93  . ? 1_555 ? 
25 AC2 13 HIS B 81 ? HIS B 96  . ? 1_555 ? 
26 AC2 13 TYR B 85 ? TYR B 100 . ? 1_555 ? 
27 AC2 13 HOH F .  ? HOH B 128 . ? 1_555 ? 
28 AC2 13 HOH F .  ? HOH B 134 . ? 1_555 ? 
# 
_atom_sites.entry_id                    1T4E 
_atom_sites.fract_transf_matrix[1][1]   0.00272495 
_atom_sites.fract_transf_matrix[1][2]   0.01120473 
_atom_sites.fract_transf_matrix[1][3]   -0.00212023 
_atom_sites.fract_transf_matrix[2][1]   0.00973567 
_atom_sites.fract_transf_matrix[2][2]   0.00463749 
_atom_sites.fract_transf_matrix[2][3]   0.00460282 
_atom_sites.fract_transf_matrix[3][1]   0.00696658 
_atom_sites.fract_transf_matrix[3][2]   -0.00376480 
_atom_sites.fract_transf_matrix[3][3]   -0.01094222 
_atom_sites.fract_transf_vector[1]      0.498155 
_atom_sites.fract_transf_vector[2]      -0.020042 
_atom_sites.fract_transf_vector[3]      0.282021 
# 
loop_
_atom_type.symbol 
C  
CL 
I  
N  
O  
S  
# 
loop_
_atom_site.group_PDB 
_atom_site.id 
_atom_site.type_symbol 
_atom_site.label_atom_id 
_atom_site.label_alt_id 
_atom_site.label_comp_id 
_atom_site.label_asym_id 
_atom_site.label_entity_id 
_atom_site.label_seq_id 
_atom_site.pdbx_PDB_ins_code 
_atom_site.Cartn_x 
_atom_site.Cartn_y 
_atom_site.Cartn_z 
_atom_site.occupancy 
_atom_site.B_iso_or_equiv 
_atom_site.pdbx_formal_charge 
_atom_site.auth_seq_id 
_atom_site.auth_comp_id 
_atom_site.auth_asym_id 
_atom_site.auth_atom_id 
_atom_site.pdbx_PDB_model_num 
ATOM   1    N  N   . GLY A 1 1  ? 18.178  1.948   7.390   1.00 67.65 ? 16  GLY A N   1 
ATOM   2    C  CA  . GLY A 1 1  ? 17.437  3.243   7.266   1.00 68.67 ? 16  GLY A CA  1 
ATOM   3    C  C   . GLY A 1 1  ? 17.957  4.198   6.194   1.00 68.97 ? 16  GLY A C   1 
ATOM   4    O  O   . GLY A 1 1  ? 17.174  4.873   5.521   1.00 69.03 ? 16  GLY A O   1 
ATOM   5    N  N   . SER A 1 2  ? 19.276  4.264   6.035   1.00 68.71 ? 17  SER A N   1 
ATOM   6    C  CA  . SER A 1 2  ? 19.899  5.147   5.049   1.00 67.72 ? 17  SER A CA  1 
ATOM   7    C  C   . SER A 1 2  ? 19.473  6.610   5.206   1.00 66.48 ? 17  SER A C   1 
ATOM   8    O  O   . SER A 1 2  ? 20.174  7.385   5.864   1.00 67.16 ? 17  SER A O   1 
ATOM   9    C  CB  . SER A 1 2  ? 19.595  4.659   3.635   1.00 68.40 ? 17  SER A CB  1 
ATOM   10   O  OG  . SER A 1 2  ? 20.107  3.354   3.426   1.00 68.84 ? 17  SER A OG  1 
ATOM   11   N  N   . GLN A 1 3  ? 18.349  7.010   4.608   1.00 64.11 ? 18  GLN A N   1 
ATOM   12   C  CA  . GLN A 1 3  ? 17.923  8.402   4.766   1.00 61.41 ? 18  GLN A CA  1 
ATOM   13   C  C   . GLN A 1 3  ? 16.678  8.614   5.619   1.00 59.08 ? 18  GLN A C   1 
ATOM   14   O  O   . GLN A 1 3  ? 15.703  9.270   5.230   1.00 57.98 ? 18  GLN A O   1 
ATOM   15   C  CB  . GLN A 1 3  ? 17.773  9.109   3.423   1.00 61.21 ? 18  GLN A CB  1 
ATOM   16   C  CG  . GLN A 1 3  ? 18.360  10.502  3.516   1.00 60.83 ? 18  GLN A CG  1 
ATOM   17   C  CD  . GLN A 1 3  ? 19.611  10.516  4.391   1.00 60.60 ? 18  GLN A CD  1 
ATOM   18   O  OE1 . GLN A 1 3  ? 20.618  9.893   4.064   1.00 60.68 ? 18  GLN A OE1 1 
ATOM   19   N  NE2 . GLN A 1 3  ? 19.536  11.210  5.517   1.00 60.19 ? 18  GLN A NE2 1 
ATOM   20   N  N   . ILE A 1 4  ? 16.770  8.031   6.807   1.00 55.51 ? 19  ILE A N   1 
ATOM   21   C  CA  . ILE A 1 4  ? 15.776  8.092   7.853   1.00 50.49 ? 19  ILE A CA  1 
ATOM   22   C  C   . ILE A 1 4  ? 16.675  8.569   8.993   1.00 49.39 ? 19  ILE A C   1 
ATOM   23   O  O   . ILE A 1 4  ? 17.779  8.048   9.174   1.00 47.85 ? 19  ILE A O   1 
ATOM   24   C  CB  . ILE A 1 4  ? 15.217  6.681   8.159   1.00 48.17 ? 19  ILE A CB  1 
ATOM   25   C  CG1 . ILE A 1 4  ? 14.344  6.208   6.996   1.00 45.17 ? 19  ILE A CG1 1 
ATOM   26   C  CG2 . ILE A 1 4  ? 14.445  6.685   9.461   1.00 47.11 ? 19  ILE A CG2 1 
ATOM   27   C  CD1 . ILE A 1 4  ? 13.177  7.106   6.706   1.00 41.52 ? 19  ILE A CD1 1 
ATOM   28   N  N   . PRO A 1 5  ? 16.242  9.588   9.750   1.00 48.61 ? 20  PRO A N   1 
ATOM   29   C  CA  . PRO A 1 5  ? 17.095  10.059  10.845  1.00 47.48 ? 20  PRO A CA  1 
ATOM   30   C  C   . PRO A 1 5  ? 17.745  8.911   11.621  1.00 46.59 ? 20  PRO A C   1 
ATOM   31   O  O   . PRO A 1 5  ? 17.059  8.006   12.110  1.00 46.09 ? 20  PRO A O   1 
ATOM   32   C  CB  . PRO A 1 5  ? 16.128  10.877  11.691  1.00 47.82 ? 20  PRO A CB  1 
ATOM   33   C  CG  . PRO A 1 5  ? 15.241  11.492  10.638  1.00 47.64 ? 20  PRO A CG  1 
ATOM   34   C  CD  . PRO A 1 5  ? 14.959  10.314  9.728   1.00 47.37 ? 20  PRO A CD  1 
ATOM   35   N  N   . ALA A 1 6  ? 19.075  8.945   11.710  1.00 44.26 ? 21  ALA A N   1 
ATOM   36   C  CA  . ALA A 1 6  ? 19.820  7.912   12.424  1.00 41.58 ? 21  ALA A CA  1 
ATOM   37   C  C   . ALA A 1 6  ? 19.188  7.678   13.796  1.00 40.10 ? 21  ALA A C   1 
ATOM   38   O  O   . ALA A 1 6  ? 19.137  6.548   14.287  1.00 39.54 ? 21  ALA A O   1 
ATOM   39   C  CB  . ALA A 1 6  ? 21.283  8.330   12.573  1.00 40.05 ? 21  ALA A CB  1 
ATOM   40   N  N   . SER A 1 7  ? 18.701  8.755   14.406  1.00 38.03 ? 22  SER A N   1 
ATOM   41   C  CA  . SER A 1 7  ? 18.051  8.683   15.711  1.00 35.81 ? 22  SER A CA  1 
ATOM   42   C  C   . SER A 1 7  ? 16.871  7.718   15.646  1.00 33.06 ? 22  SER A C   1 
ATOM   43   O  O   . SER A 1 7  ? 16.687  6.879   16.529  1.00 33.31 ? 22  SER A O   1 
ATOM   44   C  CB  . SER A 1 7  ? 17.549  10.067  16.107  1.00 37.81 ? 22  SER A CB  1 
ATOM   45   O  OG  . SER A 1 7  ? 16.597  10.556  15.170  1.00 40.88 ? 22  SER A OG  1 
ATOM   46   N  N   . GLU A 1 8  ? 16.074  7.859   14.592  1.00 29.29 ? 23  GLU A N   1 
ATOM   47   C  CA  . GLU A 1 8  ? 14.911  7.014   14.362  1.00 26.43 ? 23  GLU A CA  1 
ATOM   48   C  C   . GLU A 1 8  ? 15.334  5.585   14.014  1.00 24.66 ? 23  GLU A C   1 
ATOM   49   O  O   . GLU A 1 8  ? 14.648  4.636   14.370  1.00 22.68 ? 23  GLU A O   1 
ATOM   50   C  CB  . GLU A 1 8  ? 14.051  7.619   13.236  1.00 25.64 ? 23  GLU A CB  1 
ATOM   51   C  CG  . GLU A 1 8  ? 13.019  6.680   12.622  1.00 22.99 ? 23  GLU A CG  1 
ATOM   52   C  CD  . GLU A 1 8  ? 12.026  7.400   11.722  1.00 22.13 ? 23  GLU A CD  1 
ATOM   53   O  OE1 . GLU A 1 8  ? 12.407  8.405   11.090  1.00 23.19 ? 23  GLU A OE1 1 
ATOM   54   O  OE2 . GLU A 1 8  ? 10.866  6.955   11.634  1.00 20.21 ? 23  GLU A OE2 1 
ATOM   55   N  N   . GLN A 1 9  ? 16.466  5.434   13.330  1.00 23.23 ? 24  GLN A N   1 
ATOM   56   C  CA  . GLN A 1 9  ? 16.961  4.110   12.957  1.00 22.76 ? 24  GLN A CA  1 
ATOM   57   C  C   . GLN A 1 9  ? 17.272  3.226   14.153  1.00 22.89 ? 24  GLN A C   1 
ATOM   58   O  O   . GLN A 1 9  ? 17.181  2.001   14.069  1.00 22.40 ? 24  GLN A O   1 
ATOM   59   C  CB  . GLN A 1 9  ? 18.217  4.222   12.103  1.00 23.46 ? 24  GLN A CB  1 
ATOM   60   C  CG  . GLN A 1 9  ? 17.957  4.712   10.704  1.00 27.25 ? 24  GLN A CG  1 
ATOM   61   C  CD  . GLN A 1 9  ? 19.214  4.799   9.868   1.00 28.17 ? 24  GLN A CD  1 
ATOM   62   O  OE1 . GLN A 1 9  ? 19.920  3.805   9.667   1.00 28.64 ? 24  GLN A OE1 1 
ATOM   63   N  NE2 . GLN A 1 9  ? 19.501  5.997   9.369   1.00 29.90 ? 24  GLN A NE2 1 
ATOM   64   N  N   . GLU A 1 10 ? 17.645  3.848   15.264  1.00 23.85 ? 25  GLU A N   1 
ATOM   65   C  CA  . GLU A 1 10 ? 17.983  3.111   16.477  1.00 25.16 ? 25  GLU A CA  1 
ATOM   66   C  C   . GLU A 1 10 ? 16.766  2.897   17.375  1.00 24.52 ? 25  GLU A C   1 
ATOM   67   O  O   . GLU A 1 10 ? 16.878  2.308   18.450  1.00 25.06 ? 25  GLU A O   1 
ATOM   68   C  CB  . GLU A 1 10 ? 19.080  3.850   17.260  1.00 26.61 ? 25  GLU A CB  1 
ATOM   69   C  CG  . GLU A 1 10 ? 20.326  4.147   16.446  1.00 28.64 ? 25  GLU A CG  1 
ATOM   70   C  CD  . GLU A 1 10 ? 20.987  2.890   15.914  1.00 31.53 ? 25  GLU A CD  1 
ATOM   71   O  OE1 . GLU A 1 10 ? 21.511  2.932   14.776  1.00 32.91 ? 25  GLU A OE1 1 
ATOM   72   O  OE2 . GLU A 1 10 ? 20.988  1.865   16.639  1.00 31.10 ? 25  GLU A OE2 1 
ATOM   73   N  N   . THR A 1 11 ? 15.609  3.381   16.937  1.00 23.43 ? 26  THR A N   1 
ATOM   74   C  CA  . THR A 1 11 ? 14.384  3.226   17.710  1.00 22.87 ? 26  THR A CA  1 
ATOM   75   C  C   . THR A 1 11 ? 14.200  1.766   18.122  1.00 22.56 ? 26  THR A C   1 
ATOM   76   O  O   . THR A 1 11 ? 14.208  0.867   17.286  1.00 20.84 ? 26  THR A O   1 
ATOM   77   C  CB  . THR A 1 11 ? 13.154  3.681   16.890  1.00 23.97 ? 26  THR A CB  1 
ATOM   78   O  OG1 . THR A 1 11 ? 13.320  5.053   16.503  1.00 23.86 ? 26  THR A OG1 1 
ATOM   79   C  CG2 . THR A 1 11 ? 11.875  3.530   17.708  1.00 22.02 ? 26  THR A CG2 1 
ATOM   80   N  N   . LEU A 1 12 ? 14.047  1.540   19.420  1.00 24.01 ? 27  LEU A N   1 
ATOM   81   C  CA  . LEU A 1 12 ? 13.861  0.196   19.960  1.00 26.15 ? 27  LEU A CA  1 
ATOM   82   C  C   . LEU A 1 12 ? 12.400  -0.245  19.742  1.00 25.85 ? 27  LEU A C   1 
ATOM   83   O  O   . LEU A 1 12 ? 11.469  0.471   20.127  1.00 27.13 ? 27  LEU A O   1 
ATOM   84   C  CB  . LEU A 1 12 ? 14.212  0.206   21.450  1.00 27.09 ? 27  LEU A CB  1 
ATOM   85   C  CG  . LEU A 1 12 ? 14.605  -1.123  22.093  1.00 29.70 ? 27  LEU A CG  1 
ATOM   86   C  CD1 . LEU A 1 12 ? 15.867  -1.666  21.411  1.00 27.84 ? 27  LEU A CD1 1 
ATOM   87   C  CD2 . LEU A 1 12 ? 14.840  -0.917  23.592  1.00 29.37 ? 27  LEU A CD2 1 
ATOM   88   N  N   . VAL A 1 13 ? 12.201  -1.418  19.138  1.00 23.89 ? 28  VAL A N   1 
ATOM   89   C  CA  . VAL A 1 13 ? 10.850  -1.912  18.837  1.00 21.62 ? 28  VAL A CA  1 
ATOM   90   C  C   . VAL A 1 13 ? 10.642  -3.404  19.114  1.00 22.11 ? 28  VAL A C   1 
ATOM   91   O  O   . VAL A 1 13 ? 11.603  -4.173  19.184  1.00 20.71 ? 28  VAL A O   1 
ATOM   92   C  CB  . VAL A 1 13 ? 10.494  -1.685  17.335  1.00 19.85 ? 28  VAL A CB  1 
ATOM   93   C  CG1 . VAL A 1 13 ? 10.693  -0.229  16.942  1.00 18.13 ? 28  VAL A CG1 1 
ATOM   94   C  CG2 . VAL A 1 13 ? 11.356  -2.574  16.462  1.00 17.65 ? 28  VAL A CG2 1 
ATOM   95   N  N   . ARG A 1 14 ? 9.373   -3.794  19.254  1.00 23.15 ? 29  ARG A N   1 
ATOM   96   C  CA  . ARG A 1 14 ? 8.970   -5.187  19.495  1.00 24.65 ? 29  ARG A CA  1 
ATOM   97   C  C   . ARG A 1 14 ? 8.010   -5.648  18.399  1.00 23.51 ? 29  ARG A C   1 
ATOM   98   O  O   . ARG A 1 14 ? 6.818   -5.353  18.447  1.00 24.64 ? 29  ARG A O   1 
ATOM   99   C  CB  . ARG A 1 14 ? 8.267   -5.332  20.846  1.00 26.87 ? 29  ARG A CB  1 
ATOM   100  C  CG  . ARG A 1 14 ? 9.191   -5.524  22.036  1.00 33.59 ? 29  ARG A CG  1 
ATOM   101  C  CD  . ARG A 1 14 ? 8.390   -5.610  23.336  1.00 39.58 ? 29  ARG A CD  1 
ATOM   102  N  NE  . ARG A 1 14 ? 9.235   -5.918  24.487  1.00 46.61 ? 29  ARG A NE  1 
ATOM   103  C  CZ  . ARG A 1 14 ? 9.805   -7.104  24.708  1.00 51.43 ? 29  ARG A CZ  1 
ATOM   104  N  NH1 . ARG A 1 14 ? 9.623   -8.107  23.855  1.00 53.37 ? 29  ARG A NH1 1 
ATOM   105  N  NH2 . ARG A 1 14 ? 10.563  -7.293  25.785  1.00 53.50 ? 29  ARG A NH2 1 
ATOM   106  N  N   . PRO A 1 15 ? 8.518   -6.378  17.394  1.00 21.67 ? 30  PRO A N   1 
ATOM   107  C  CA  . PRO A 1 15 ? 7.654   -6.851  16.311  1.00 20.39 ? 30  PRO A CA  1 
ATOM   108  C  C   . PRO A 1 15 ? 6.461   -7.680  16.782  1.00 19.91 ? 30  PRO A C   1 
ATOM   109  O  O   . PRO A 1 15 ? 6.559   -8.436  17.748  1.00 19.09 ? 30  PRO A O   1 
ATOM   110  C  CB  . PRO A 1 15 ? 8.613   -7.666  15.439  1.00 19.17 ? 30  PRO A CB  1 
ATOM   111  C  CG  . PRO A 1 15 ? 9.903   -6.946  15.612  1.00 19.84 ? 30  PRO A CG  1 
ATOM   112  C  CD  . PRO A 1 15 ? 9.929   -6.684  17.106  1.00 20.75 ? 30  PRO A CD  1 
ATOM   113  N  N   . LYS A 1 16 ? 5.334   -7.520  16.094  1.00 19.95 ? 31  LYS A N   1 
ATOM   114  C  CA  . LYS A 1 16 ? 4.128   -8.280  16.397  1.00 20.08 ? 31  LYS A CA  1 
ATOM   115  C  C   . LYS A 1 16 ? 4.330   -9.684  15.804  1.00 20.66 ? 31  LYS A C   1 
ATOM   116  O  O   . LYS A 1 16 ? 5.107   -9.866  14.866  1.00 20.14 ? 31  LYS A O   1 
ATOM   117  C  CB  . LYS A 1 16 ? 2.898   -7.591  15.784  1.00 19.64 ? 31  LYS A CB  1 
ATOM   118  C  CG  . LYS A 1 16 ? 2.558   -6.252  16.431  1.00 19.39 ? 31  LYS A CG  1 
ATOM   119  C  CD  . LYS A 1 16 ? 1.409   -5.545  15.729  1.00 17.77 ? 31  LYS A CD  1 
ATOM   120  C  CE  . LYS A 1 16 ? 1.113   -4.199  16.374  1.00 17.06 ? 31  LYS A CE  1 
ATOM   121  N  NZ  . LYS A 1 16 ? 0.117   -3.417  15.601  1.00 17.93 ? 31  LYS A NZ  1 
ATOM   122  N  N   . PRO A 1 17 ? 3.618   -10.689 16.335  1.00 21.68 ? 32  PRO A N   1 
ATOM   123  C  CA  . PRO A 1 17 ? 3.728   -12.079 15.872  1.00 21.55 ? 32  PRO A CA  1 
ATOM   124  C  C   . PRO A 1 17 ? 4.091   -12.344 14.405  1.00 22.51 ? 32  PRO A C   1 
ATOM   125  O  O   . PRO A 1 17 ? 5.066   -13.049 14.115  1.00 20.93 ? 32  PRO A O   1 
ATOM   126  C  CB  . PRO A 1 17 ? 2.381   -12.669 16.262  1.00 19.49 ? 32  PRO A CB  1 
ATOM   127  C  CG  . PRO A 1 17 ? 2.110   -11.989 17.567  1.00 20.74 ? 32  PRO A CG  1 
ATOM   128  C  CD  . PRO A 1 17 ? 2.490   -10.543 17.277  1.00 20.98 ? 32  PRO A CD  1 
ATOM   129  N  N   . LEU A 1 18 ? 3.320   -11.783 13.481  1.00 23.45 ? 33  LEU A N   1 
ATOM   130  C  CA  . LEU A 1 18 ? 3.569   -12.019 12.065  1.00 23.96 ? 33  LEU A CA  1 
ATOM   131  C  C   . LEU A 1 18 ? 4.938   -11.552 11.586  1.00 24.54 ? 33  LEU A C   1 
ATOM   132  O  O   . LEU A 1 18 ? 5.635   -12.298 10.902  1.00 26.12 ? 33  LEU A O   1 
ATOM   133  C  CB  . LEU A 1 18 ? 2.457   -11.383 11.229  1.00 24.69 ? 33  LEU A CB  1 
ATOM   134  C  CG  . LEU A 1 18 ? 1.937   -12.246 10.069  1.00 25.19 ? 33  LEU A CG  1 
ATOM   135  C  CD1 . LEU A 1 18 ? 1.671   -13.679 10.535  1.00 23.42 ? 33  LEU A CD1 1 
ATOM   136  C  CD2 . LEU A 1 18 ? 0.664   -11.615 9.520   1.00 24.51 ? 33  LEU A CD2 1 
ATOM   137  N  N   . LEU A 1 19 ? 5.332   -10.329 11.938  1.00 24.63 ? 34  LEU A N   1 
ATOM   138  C  CA  . LEU A 1 19 ? 6.642   -9.821  11.524  1.00 24.70 ? 34  LEU A CA  1 
ATOM   139  C  C   . LEU A 1 19 ? 7.773   -10.583 12.208  1.00 25.82 ? 34  LEU A C   1 
ATOM   140  O  O   . LEU A 1 19 ? 8.813   -10.853 11.594  1.00 25.93 ? 34  LEU A O   1 
ATOM   141  C  CB  . LEU A 1 19 ? 6.786   -8.325  11.841  1.00 23.35 ? 34  LEU A CB  1 
ATOM   142  C  CG  . LEU A 1 19 ? 8.202   -7.757  11.641  1.00 22.62 ? 34  LEU A CG  1 
ATOM   143  C  CD1 . LEU A 1 19 ? 8.672   -8.046  10.227  1.00 21.39 ? 34  LEU A CD1 1 
ATOM   144  C  CD2 . LEU A 1 19 ? 8.224   -6.256  11.919  1.00 21.02 ? 34  LEU A CD2 1 
ATOM   145  N  N   . LEU A 1 20 ? 7.573   -10.925 13.479  1.00 24.92 ? 35  LEU A N   1 
ATOM   146  C  CA  . LEU A 1 20 ? 8.583   -11.654 14.230  1.00 25.05 ? 35  LEU A CA  1 
ATOM   147  C  C   . LEU A 1 20 ? 8.885   -13.002 13.560  1.00 27.84 ? 35  LEU A C   1 
ATOM   148  O  O   . LEU A 1 20 ? 10.043  -13.426 13.494  1.00 28.78 ? 35  LEU A O   1 
ATOM   149  C  CB  . LEU A 1 20 ? 8.110   -11.888 15.660  1.00 22.66 ? 35  LEU A CB  1 
ATOM   150  C  CG  . LEU A 1 20 ? 9.171   -11.881 16.763  1.00 21.59 ? 35  LEU A CG  1 
ATOM   151  C  CD1 . LEU A 1 20 ? 8.762   -12.855 17.849  1.00 18.56 ? 35  LEU A CD1 1 
ATOM   152  C  CD2 . LEU A 1 20 ? 10.510  -12.277 16.212  1.00 21.72 ? 35  LEU A CD2 1 
ATOM   153  N  N   . LYS A 1 21 ? 7.846   -13.674 13.067  1.00 28.67 ? 36  LYS A N   1 
ATOM   154  C  CA  . LYS A 1 21 ? 8.031   -14.959 12.407  1.00 29.68 ? 36  LYS A CA  1 
ATOM   155  C  C   . LYS A 1 21 ? 8.872   -14.762 11.159  1.00 29.88 ? 36  LYS A C   1 
ATOM   156  O  O   . LYS A 1 21 ? 9.731   -15.586 10.843  1.00 30.42 ? 36  LYS A O   1 
ATOM   157  C  CB  . LYS A 1 21 ? 6.686   -15.573 12.010  1.00 32.02 ? 36  LYS A CB  1 
ATOM   158  C  CG  . LYS A 1 21 ? 6.836   -16.799 11.118  1.00 35.98 ? 36  LYS A CG  1 
ATOM   159  C  CD  . LYS A 1 21 ? 5.605   -17.060 10.248  1.00 39.23 ? 36  LYS A CD  1 
ATOM   160  C  CE  . LYS A 1 21 ? 4.524   -17.816 11.000  1.00 42.42 ? 36  LYS A CE  1 
ATOM   161  N  NZ  . LYS A 1 21 ? 3.372   -18.155 10.112  1.00 44.52 ? 36  LYS A NZ  1 
ATOM   162  N  N   . LEU A 1 22 ? 8.610   -13.667 10.450  1.00 29.72 ? 37  LEU A N   1 
ATOM   163  C  CA  . LEU A 1 22 ? 9.338   -13.327 9.226   1.00 28.99 ? 37  LEU A CA  1 
ATOM   164  C  C   . LEU A 1 22 ? 10.823  -13.173 9.544   1.00 29.26 ? 37  LEU A C   1 
ATOM   165  O  O   . LEU A 1 22 ? 11.676  -13.714 8.845   1.00 28.47 ? 37  LEU A O   1 
ATOM   166  C  CB  . LEU A 1 22 ? 8.798   -12.012 8.659   1.00 29.01 ? 37  LEU A CB  1 
ATOM   167  C  CG  . LEU A 1 22 ? 9.270   -11.449 7.311   1.00 28.45 ? 37  LEU A CG  1 
ATOM   168  C  CD1 . LEU A 1 22 ? 10.783  -11.378 7.254   1.00 28.68 ? 37  LEU A CD1 1 
ATOM   169  C  CD2 . LEU A 1 22 ? 8.733   -12.309 6.205   1.00 28.67 ? 37  LEU A CD2 1 
ATOM   170  N  N   . LEU A 1 23 ? 11.119  -12.425 10.606  1.00 29.73 ? 38  LEU A N   1 
ATOM   171  C  CA  . LEU A 1 23 ? 12.492  -12.179 11.026  1.00 28.32 ? 38  LEU A CA  1 
ATOM   172  C  C   . LEU A 1 23 ? 13.232  -13.449 11.439  1.00 28.17 ? 38  LEU A C   1 
ATOM   173  O  O   . LEU A 1 23 ? 14.290  -13.766 10.897  1.00 28.46 ? 38  LEU A O   1 
ATOM   174  C  CB  . LEU A 1 23 ? 12.515  -11.173 12.181  1.00 26.31 ? 38  LEU A CB  1 
ATOM   175  C  CG  . LEU A 1 23 ? 11.920  -9.799  11.872  1.00 26.08 ? 38  LEU A CG  1 
ATOM   176  C  CD1 . LEU A 1 23 ? 12.141  -8.895  13.058  1.00 25.45 ? 38  LEU A CD1 1 
ATOM   177  C  CD2 . LEU A 1 23 ? 12.560  -9.204  10.626  1.00 26.30 ? 38  LEU A CD2 1 
ATOM   178  N  N   . LYS A 1 24 ? 12.684  -14.179 12.402  1.00 26.98 ? 39  LYS A N   1 
ATOM   179  C  CA  . LYS A 1 24 ? 13.340  -15.394 12.854  1.00 25.68 ? 39  LYS A CA  1 
ATOM   180  C  C   . LYS A 1 24 ? 13.552  -16.420 11.734  1.00 24.59 ? 39  LYS A C   1 
ATOM   181  O  O   . LYS A 1 24 ? 14.509  -17.196 11.768  1.00 25.30 ? 39  LYS A O   1 
ATOM   182  C  CB  . LYS A 1 24 ? 12.551  -16.000 14.013  1.00 24.67 ? 39  LYS A CB  1 
ATOM   183  C  CG  . LYS A 1 24 ? 12.519  -15.071 15.211  1.00 26.87 ? 39  LYS A CG  1 
ATOM   184  C  CD  . LYS A 1 24 ? 11.878  -15.679 16.448  1.00 27.62 ? 39  LYS A CD  1 
ATOM   185  C  CE  . LYS A 1 24 ? 12.056  -14.720 17.633  1.00 30.14 ? 39  LYS A CE  1 
ATOM   186  N  NZ  . LYS A 1 24 ? 11.389  -15.133 18.904  1.00 31.98 ? 39  LYS A NZ  1 
ATOM   187  N  N   . SER A 1 25 ? 12.685  -16.410 10.728  1.00 22.50 ? 40  SER A N   1 
ATOM   188  C  CA  . SER A 1 25 ? 12.819  -17.367 9.640   1.00 19.68 ? 40  SER A CA  1 
ATOM   189  C  C   . SER A 1 25 ? 14.061  -17.083 8.798   1.00 19.87 ? 40  SER A C   1 
ATOM   190  O  O   . SER A 1 25 ? 14.487  -17.929 8.018   1.00 19.33 ? 40  SER A O   1 
ATOM   191  C  CB  . SER A 1 25 ? 11.567  -17.360 8.754   1.00 17.17 ? 40  SER A CB  1 
ATOM   192  O  OG  . SER A 1 25 ? 11.564  -16.273 7.851   1.00 14.16 ? 40  SER A OG  1 
ATOM   193  N  N   . VAL A 1 26 ? 14.636  -15.893 8.940   1.00 19.45 ? 41  VAL A N   1 
ATOM   194  C  CA  . VAL A 1 26 ? 15.838  -15.570 8.184   1.00 20.29 ? 41  VAL A CA  1 
ATOM   195  C  C   . VAL A 1 26 ? 17.071  -15.545 9.079   1.00 21.10 ? 41  VAL A C   1 
ATOM   196  O  O   . VAL A 1 26 ? 18.143  -15.122 8.651   1.00 20.80 ? 41  VAL A O   1 
ATOM   197  C  CB  . VAL A 1 26 ? 15.730  -14.213 7.424   1.00 21.44 ? 41  VAL A CB  1 
ATOM   198  C  CG1 . VAL A 1 26 ? 14.921  -14.389 6.146   1.00 19.47 ? 41  VAL A CG1 1 
ATOM   199  C  CG2 . VAL A 1 26 ? 15.101  -13.150 8.312   1.00 22.36 ? 41  VAL A CG2 1 
ATOM   200  N  N   . GLY A 1 27 ? 16.921  -16.006 10.321  1.00 21.88 ? 42  GLY A N   1 
ATOM   201  C  CA  . GLY A 1 27 ? 18.057  -16.046 11.226  1.00 21.90 ? 42  GLY A CA  1 
ATOM   202  C  C   . GLY A 1 27 ? 18.029  -15.167 12.464  1.00 22.96 ? 42  GLY A C   1 
ATOM   203  O  O   . GLY A 1 27 ? 18.846  -15.363 13.359  1.00 23.96 ? 42  GLY A O   1 
ATOM   204  N  N   . ALA A 1 28 ? 17.120  -14.197 12.523  1.00 23.92 ? 43  ALA A N   1 
ATOM   205  C  CA  . ALA A 1 28 ? 17.020  -13.316 13.689  1.00 24.32 ? 43  ALA A CA  1 
ATOM   206  C  C   . ALA A 1 28 ? 16.712  -14.157 14.925  1.00 24.30 ? 43  ALA A C   1 
ATOM   207  O  O   . ALA A 1 28 ? 16.201  -15.270 14.809  1.00 22.88 ? 43  ALA A O   1 
ATOM   208  C  CB  . ALA A 1 28 ? 15.915  -12.278 13.477  1.00 21.18 ? 43  ALA A CB  1 
ATOM   209  N  N   . GLN A 1 29 ? 17.018  -13.638 16.111  1.00 26.32 ? 44  GLN A N   1 
ATOM   210  C  CA  . GLN A 1 29 ? 16.731  -14.409 17.310  1.00 27.96 ? 44  GLN A CA  1 
ATOM   211  C  C   . GLN A 1 29 ? 16.456  -13.661 18.601  1.00 27.74 ? 44  GLN A C   1 
ATOM   212  O  O   . GLN A 1 29 ? 16.696  -14.193 19.685  1.00 27.73 ? 44  GLN A O   1 
ATOM   213  C  CB  . GLN A 1 29 ? 17.827  -15.444 17.545  1.00 28.72 ? 44  GLN A CB  1 
ATOM   214  C  CG  . GLN A 1 29 ? 19.225  -14.911 17.514  1.00 29.86 ? 44  GLN A CG  1 
ATOM   215  C  CD  . GLN A 1 29 ? 20.167  -15.876 16.814  1.00 33.46 ? 44  GLN A CD  1 
ATOM   216  O  OE1 . GLN A 1 29 ? 21.388  -15.770 16.938  1.00 35.37 ? 44  GLN A OE1 1 
ATOM   217  N  NE2 . GLN A 1 29 ? 19.599  -16.820 16.057  1.00 32.18 ? 44  GLN A NE2 1 
ATOM   218  N  N   . LYS A 1 30 ? 15.955  -12.435 18.495  1.00 26.83 ? 45  LYS A N   1 
ATOM   219  C  CA  . LYS A 1 30 ? 15.603  -11.659 19.685  1.00 26.55 ? 45  LYS A CA  1 
ATOM   220  C  C   . LYS A 1 30 ? 14.128  -11.352 19.531  1.00 25.40 ? 45  LYS A C   1 
ATOM   221  O  O   . LYS A 1 30 ? 13.520  -11.688 18.514  1.00 25.48 ? 45  LYS A O   1 
ATOM   222  C  CB  . LYS A 1 30 ? 16.361  -10.325 19.748  1.00 26.37 ? 45  LYS A CB  1 
ATOM   223  C  CG  . LYS A 1 30 ? 17.873  -10.425 19.765  1.00 25.54 ? 45  LYS A CG  1 
ATOM   224  C  CD  . LYS A 1 30 ? 18.533  -9.046  19.765  1.00 22.11 ? 45  LYS A CD  1 
ATOM   225  C  CE  . LYS A 1 30 ? 18.230  -8.278  18.485  1.00 20.06 ? 45  LYS A CE  1 
ATOM   226  N  NZ  . LYS A 1 30 ? 19.060  -7.053  18.381  1.00 16.91 ? 45  LYS A NZ  1 
ATOM   227  N  N   . ASP A 1 31 ? 13.547  -10.724 20.536  1.00 23.77 ? 46  ASP A N   1 
ATOM   228  C  CA  . ASP A 1 31 ? 12.156  -10.339 20.427  1.00 24.65 ? 46  ASP A CA  1 
ATOM   229  C  C   . ASP A 1 31 ? 12.145  -8.816  20.338  1.00 24.32 ? 46  ASP A C   1 
ATOM   230  O  O   . ASP A 1 31 ? 11.152  -8.212  19.950  1.00 25.46 ? 46  ASP A O   1 
ATOM   231  C  CB  . ASP A 1 31 ? 11.350  -10.816 21.638  1.00 27.11 ? 46  ASP A CB  1 
ATOM   232  C  CG  . ASP A 1 31 ? 11.196  -12.331 21.684  1.00 29.34 ? 46  ASP A CG  1 
ATOM   233  O  OD1 . ASP A 1 31 ? 11.113  -12.968 20.610  1.00 29.23 ? 46  ASP A OD1 1 
ATOM   234  O  OD2 . ASP A 1 31 ? 11.142  -12.887 22.802  1.00 31.49 ? 46  ASP A OD2 1 
ATOM   235  N  N   . THR A 1 32 ? 13.268  -8.199  20.692  1.00 23.26 ? 47  THR A N   1 
ATOM   236  C  CA  . THR A 1 32 ? 13.391  -6.747  20.649  1.00 21.67 ? 47  THR A CA  1 
ATOM   237  C  C   . THR A 1 32 ? 14.494  -6.355  19.676  1.00 20.51 ? 47  THR A C   1 
ATOM   238  O  O   . THR A 1 32 ? 15.578  -6.936  19.694  1.00 20.10 ? 47  THR A O   1 
ATOM   239  C  CB  . THR A 1 32 ? 13.727  -6.176  22.034  1.00 21.97 ? 47  THR A CB  1 
ATOM   240  O  OG1 . THR A 1 32 ? 12.739  -6.605  22.978  1.00 23.31 ? 47  THR A OG1 1 
ATOM   241  C  CG2 . THR A 1 32 ? 13.751  -4.657  21.987  1.00 20.46 ? 47  THR A CG2 1 
ATOM   242  N  N   . TYR A 1 33 ? 14.221  -5.373  18.826  1.00 18.80 ? 48  TYR A N   1 
ATOM   243  C  CA  . TYR A 1 33 ? 15.206  -4.942  17.842  1.00 18.19 ? 48  TYR A CA  1 
ATOM   244  C  C   . TYR A 1 33 ? 15.232  -3.432  17.697  1.00 18.54 ? 48  TYR A C   1 
ATOM   245  O  O   . TYR A 1 33 ? 14.442  -2.712  18.318  1.00 19.98 ? 48  TYR A O   1 
ATOM   246  C  CB  . TYR A 1 33 ? 14.883  -5.526  16.458  1.00 18.41 ? 48  TYR A CB  1 
ATOM   247  C  CG  . TYR A 1 33 ? 14.757  -7.032  16.384  1.00 19.37 ? 48  TYR A CG  1 
ATOM   248  C  CD1 . TYR A 1 33 ? 13.633  -7.684  16.883  1.00 18.50 ? 48  TYR A CD1 1 
ATOM   249  C  CD2 . TYR A 1 33 ? 15.777  -7.806  15.831  1.00 18.97 ? 48  TYR A CD2 1 
ATOM   250  C  CE1 . TYR A 1 33 ? 13.529  -9.066  16.839  1.00 20.08 ? 48  TYR A CE1 1 
ATOM   251  C  CE2 . TYR A 1 33 ? 15.686  -9.186  15.781  1.00 19.11 ? 48  TYR A CE2 1 
ATOM   252  C  CZ  . TYR A 1 33 ? 14.561  -9.816  16.289  1.00 20.87 ? 48  TYR A CZ  1 
ATOM   253  O  OH  . TYR A 1 33 ? 14.475  -11.198 16.261  1.00 21.00 ? 48  TYR A OH  1 
ATOM   254  N  N   . THR A 1 34 ? 16.166  -2.958  16.884  1.00 17.01 ? 49  THR A N   1 
ATOM   255  C  CA  . THR A 1 34 ? 16.248  -1.539  16.568  1.00 17.11 ? 49  THR A CA  1 
ATOM   256  C  C   . THR A 1 34 ? 15.726  -1.566  15.138  1.00 17.23 ? 49  THR A C   1 
ATOM   257  O  O   . THR A 1 34 ? 15.836  -2.591  14.458  1.00 17.23 ? 49  THR A O   1 
ATOM   258  C  CB  . THR A 1 34 ? 17.685  -1.024  16.535  1.00 15.91 ? 49  THR A CB  1 
ATOM   259  O  OG1 . THR A 1 34 ? 18.380  -1.623  15.434  1.00 15.57 ? 49  THR A OG1 1 
ATOM   260  C  CG2 . THR A 1 34 ? 18.385  -1.371  17.811  1.00 15.31 ? 49  THR A CG2 1 
ATOM   261  N  N   . MET A 1 35 ? 15.152  -0.468  14.675  1.00 17.02 ? 50  MET A N   1 
ATOM   262  C  CA  . MET A 1 35 ? 14.640  -0.444  13.319  1.00 17.21 ? 50  MET A CA  1 
ATOM   263  C  C   . MET A 1 35 ? 15.707  -0.902  12.340  1.00 18.10 ? 50  MET A C   1 
ATOM   264  O  O   . MET A 1 35 ? 15.437  -1.713  11.462  1.00 19.71 ? 50  MET A O   1 
ATOM   265  C  CB  . MET A 1 35 ? 14.157  0.959   12.965  1.00 16.98 ? 50  MET A CB  1 
ATOM   266  C  CG  . MET A 1 35 ? 12.828  1.303   13.619  1.00 16.66 ? 50  MET A CG  1 
ATOM   267  S  SD  . MET A 1 35 ? 11.556  0.128   13.122  1.00 16.30 ? 50  MET A SD  1 
ATOM   268  C  CE  . MET A 1 35 ? 11.146  0.786   11.482  1.00 13.18 ? 50  MET A CE  1 
ATOM   269  N  N   . LYS A 1 36 ? 16.924  -0.397  12.515  1.00 17.84 ? 51  LYS A N   1 
ATOM   270  C  CA  . LYS A 1 36 ? 18.041  -0.744  11.653  1.00 17.49 ? 51  LYS A CA  1 
ATOM   271  C  C   . LYS A 1 36 ? 18.222  -2.262  11.546  1.00 16.54 ? 51  LYS A C   1 
ATOM   272  O  O   . LYS A 1 36 ? 18.523  -2.794  10.472  1.00 14.91 ? 51  LYS A O   1 
ATOM   273  C  CB  . LYS A 1 36 ? 19.319  -0.086  12.189  1.00 20.36 ? 51  LYS A CB  1 
ATOM   274  C  CG  . LYS A 1 36 ? 20.477  -0.082  11.211  1.00 25.31 ? 51  LYS A CG  1 
ATOM   275  C  CD  . LYS A 1 36 ? 21.587  0.867   11.652  1.00 30.39 ? 51  LYS A CD  1 
ATOM   276  C  CE  . LYS A 1 36 ? 22.609  1.076   10.529  1.00 31.77 ? 51  LYS A CE  1 
ATOM   277  N  NZ  . LYS A 1 36 ? 23.675  2.059   10.892  1.00 33.74 ? 51  LYS A NZ  1 
ATOM   278  N  N   . GLU A 1 37 ? 18.032  -2.960  12.659  1.00 15.97 ? 52  GLU A N   1 
ATOM   279  C  CA  . GLU A 1 37 ? 18.184  -4.412  12.658  1.00 16.52 ? 52  GLU A CA  1 
ATOM   280  C  C   . GLU A 1 37 ? 17.055  -5.094  11.902  1.00 15.93 ? 52  GLU A C   1 
ATOM   281  O  O   . GLU A 1 37 ? 17.291  -6.058  11.173  1.00 17.28 ? 52  GLU A O   1 
ATOM   282  C  CB  . GLU A 1 37 ? 18.246  -4.941  14.089  1.00 17.19 ? 52  GLU A CB  1 
ATOM   283  C  CG  . GLU A 1 37 ? 19.460  -4.444  14.848  1.00 19.14 ? 52  GLU A CG  1 
ATOM   284  C  CD  . GLU A 1 37 ? 19.419  -4.797  16.312  1.00 19.93 ? 52  GLU A CD  1 
ATOM   285  O  OE1 . GLU A 1 37 ? 18.346  -4.619  16.925  1.00 23.80 ? 52  GLU A OE1 1 
ATOM   286  O  OE2 . GLU A 1 37 ? 20.455  -5.234  16.853  1.00 20.36 ? 52  GLU A OE2 1 
ATOM   287  N  N   . VAL A 1 38 ? 15.833  -4.591  12.072  1.00 14.92 ? 53  VAL A N   1 
ATOM   288  C  CA  . VAL A 1 38 ? 14.677  -5.160  11.390  1.00 13.02 ? 53  VAL A CA  1 
ATOM   289  C  C   . VAL A 1 38 ? 14.888  -5.039  9.885   1.00 13.40 ? 53  VAL A C   1 
ATOM   290  O  O   . VAL A 1 38 ? 14.748  -6.016  9.137   1.00 13.74 ? 53  VAL A O   1 
ATOM   291  C  CB  . VAL A 1 38 ? 13.384  -4.432  11.776  1.00 12.28 ? 53  VAL A CB  1 
ATOM   292  C  CG1 . VAL A 1 38 ? 12.198  -5.128  11.152  1.00 11.58 ? 53  VAL A CG1 1 
ATOM   293  C  CG2 . VAL A 1 38 ? 13.233  -4.408  13.285  1.00 13.12 ? 53  VAL A CG2 1 
ATOM   294  N  N   . LEU A 1 39 ? 15.235  -3.838  9.442   1.00 10.47 ? 54  LEU A N   1 
ATOM   295  C  CA  . LEU A 1 39 ? 15.485  -3.623  8.038   1.00 11.53 ? 54  LEU A CA  1 
ATOM   296  C  C   . LEU A 1 39 ? 16.531  -4.591  7.535   1.00 12.98 ? 54  LEU A C   1 
ATOM   297  O  O   . LEU A 1 39 ? 16.390  -5.142  6.450   1.00 14.19 ? 54  LEU A O   1 
ATOM   298  C  CB  . LEU A 1 39 ? 15.951  -2.197  7.794   1.00 12.53 ? 54  LEU A CB  1 
ATOM   299  C  CG  . LEU A 1 39 ? 14.803  -1.199  7.702   1.00 12.63 ? 54  LEU A CG  1 
ATOM   300  C  CD1 . LEU A 1 39 ? 15.365  0.186   7.819   1.00 15.22 ? 54  LEU A CD1 1 
ATOM   301  C  CD2 . LEU A 1 39 ? 14.056  -1.379  6.382   1.00 13.13 ? 54  LEU A CD2 1 
ATOM   302  N  N   . PHE A 1 40 ? 17.582  -4.805  8.323   1.00 14.86 ? 55  PHE A N   1 
ATOM   303  C  CA  . PHE A 1 40 ? 18.641  -5.727  7.919   1.00 15.46 ? 55  PHE A CA  1 
ATOM   304  C  C   . PHE A 1 40 ? 18.097  -7.130  7.657   1.00 16.77 ? 55  PHE A C   1 
ATOM   305  O  O   . PHE A 1 40 ? 18.358  -7.724  6.607   1.00 15.74 ? 55  PHE A O   1 
ATOM   306  C  CB  . PHE A 1 40 ? 19.729  -5.820  8.994   1.00 16.04 ? 55  PHE A CB  1 
ATOM   307  C  CG  . PHE A 1 40 ? 20.860  -6.747  8.628   1.00 13.49 ? 55  PHE A CG  1 
ATOM   308  C  CD1 . PHE A 1 40 ? 21.951  -6.281  7.901   1.00 13.40 ? 55  PHE A CD1 1 
ATOM   309  C  CD2 . PHE A 1 40 ? 20.798  -8.099  8.949   1.00 12.49 ? 55  PHE A CD2 1 
ATOM   310  C  CE1 . PHE A 1 40 ? 22.964  -7.151  7.497   1.00 13.47 ? 55  PHE A CE1 1 
ATOM   311  C  CE2 . PHE A 1 40 ? 21.798  -8.975  8.552   1.00 11.65 ? 55  PHE A CE2 1 
ATOM   312  C  CZ  . PHE A 1 40 ? 22.884  -8.500  7.823   1.00 13.27 ? 55  PHE A CZ  1 
ATOM   313  N  N   . TYR A 1 41 ? 17.362  -7.670  8.625   1.00 16.12 ? 56  TYR A N   1 
ATOM   314  C  CA  . TYR A 1 41 ? 16.813  -9.008  8.469   1.00 17.85 ? 56  TYR A CA  1 
ATOM   315  C  C   . TYR A 1 41 ? 15.775  -9.048  7.354   1.00 18.35 ? 56  TYR A C   1 
ATOM   316  O  O   . TYR A 1 41 ? 15.706  -10.001 6.577   1.00 17.30 ? 56  TYR A O   1 
ATOM   317  C  CB  . TYR A 1 41 ? 16.200  -9.482  9.784   1.00 15.60 ? 56  TYR A CB  1 
ATOM   318  C  CG  . TYR A 1 41 ? 17.228  -9.842  10.827  1.00 15.85 ? 56  TYR A CG  1 
ATOM   319  C  CD1 . TYR A 1 41 ? 18.068  -10.945 10.658  1.00 16.75 ? 56  TYR A CD1 1 
ATOM   320  C  CD2 . TYR A 1 41 ? 17.350  -9.093  11.996  1.00 16.27 ? 56  TYR A CD2 1 
ATOM   321  C  CE1 . TYR A 1 41 ? 19.004  -11.296 11.633  1.00 18.49 ? 56  TYR A CE1 1 
ATOM   322  C  CE2 . TYR A 1 41 ? 18.278  -9.427  12.976  1.00 17.36 ? 56  TYR A CE2 1 
ATOM   323  C  CZ  . TYR A 1 41 ? 19.100  -10.530 12.792  1.00 19.01 ? 56  TYR A CZ  1 
ATOM   324  O  OH  . TYR A 1 41 ? 19.994  -10.874 13.781  1.00 19.18 ? 56  TYR A OH  1 
ATOM   325  N  N   . LEU A 1 42 ? 14.966  -8.001  7.280   1.00 19.26 ? 57  LEU A N   1 
ATOM   326  C  CA  . LEU A 1 42 ? 13.949  -7.921  6.252   1.00 18.20 ? 57  LEU A CA  1 
ATOM   327  C  C   . LEU A 1 42 ? 14.717  -7.865  4.922   1.00 18.68 ? 57  LEU A C   1 
ATOM   328  O  O   . LEU A 1 42 ? 14.241  -8.316  3.882   1.00 18.11 ? 57  LEU A O   1 
ATOM   329  C  CB  . LEU A 1 42 ? 13.106  -6.669  6.485   1.00 16.10 ? 57  LEU A CB  1 
ATOM   330  C  CG  . LEU A 1 42 ? 11.595  -6.799  6.309   1.00 17.32 ? 57  LEU A CG  1 
ATOM   331  C  CD1 . LEU A 1 42 ? 11.060  -8.038  6.985   1.00 17.44 ? 57  LEU A CD1 1 
ATOM   332  C  CD2 . LEU A 1 42 ? 10.951  -5.571  6.890   1.00 19.53 ? 57  LEU A CD2 1 
ATOM   333  N  N   . GLY A 1 43 ? 15.932  -7.332  4.984   1.00 18.05 ? 58  GLY A N   1 
ATOM   334  C  CA  . GLY A 1 43 ? 16.759  -7.246  3.801   1.00 17.16 ? 58  GLY A CA  1 
ATOM   335  C  C   . GLY A 1 43 ? 17.228  -8.615  3.368   1.00 18.42 ? 58  GLY A C   1 
ATOM   336  O  O   . GLY A 1 43 ? 17.214  -8.925  2.177   1.00 19.39 ? 58  GLY A O   1 
ATOM   337  N  N   . GLN A 1 44 ? 17.648  -9.442  4.320   1.00 16.84 ? 59  GLN A N   1 
ATOM   338  C  CA  . GLN A 1 44 ? 18.104  -10.776 3.963   1.00 18.08 ? 59  GLN A CA  1 
ATOM   339  C  C   . GLN A 1 44 ? 16.930  -11.489 3.339   1.00 18.83 ? 59  GLN A C   1 
ATOM   340  O  O   . GLN A 1 44 ? 17.038  -12.071 2.263   1.00 18.40 ? 59  GLN A O   1 
ATOM   341  C  CB  . GLN A 1 44 ? 18.591  -11.544 5.191   1.00 18.60 ? 59  GLN A CB  1 
ATOM   342  C  CG  . GLN A 1 44 ? 19.874  -10.990 5.793   1.00 19.67 ? 59  GLN A CG  1 
ATOM   343  C  CD  . GLN A 1 44 ? 20.966  -10.840 4.760   1.00 20.20 ? 59  GLN A CD  1 
ATOM   344  O  OE1 . GLN A 1 44 ? 21.329  -11.803 4.092   1.00 21.76 ? 59  GLN A OE1 1 
ATOM   345  N  NE2 . GLN A 1 44 ? 21.496  -9.625  4.617   1.00 19.29 ? 59  GLN A NE2 1 
ATOM   346  N  N   . TYR A 1 45 ? 15.795  -11.404 4.019   1.00 20.25 ? 60  TYR A N   1 
ATOM   347  C  CA  . TYR A 1 45 ? 14.558  -12.019 3.561   1.00 20.87 ? 60  TYR A CA  1 
ATOM   348  C  C   . TYR A 1 45 ? 14.277  -11.764 2.081   1.00 21.05 ? 60  TYR A C   1 
ATOM   349  O  O   . TYR A 1 45 ? 14.158  -12.702 1.284   1.00 20.32 ? 60  TYR A O   1 
ATOM   350  C  CB  . TYR A 1 45 ? 13.390  -11.485 4.366   1.00 19.57 ? 60  TYR A CB  1 
ATOM   351  C  CG  . TYR A 1 45 ? 12.123  -12.191 4.040   1.00 19.83 ? 60  TYR A CG  1 
ATOM   352  C  CD1 . TYR A 1 45 ? 11.893  -13.472 4.511   1.00 20.85 ? 60  TYR A CD1 1 
ATOM   353  C  CD2 . TYR A 1 45 ? 11.155  -11.588 3.244   1.00 22.03 ? 60  TYR A CD2 1 
ATOM   354  C  CE1 . TYR A 1 45 ? 10.727  -14.144 4.209   1.00 23.80 ? 60  TYR A CE1 1 
ATOM   355  C  CE2 . TYR A 1 45 ? 9.978   -12.250 2.928   1.00 23.77 ? 60  TYR A CE2 1 
ATOM   356  C  CZ  . TYR A 1 45 ? 9.769   -13.530 3.419   1.00 25.29 ? 60  TYR A CZ  1 
ATOM   357  O  OH  . TYR A 1 45 ? 8.599   -14.196 3.147   1.00 27.14 ? 60  TYR A OH  1 
ATOM   358  N  N   . ILE A 1 46 ? 14.145  -10.491 1.726   1.00 20.91 ? 61  ILE A N   1 
ATOM   359  C  CA  . ILE A 1 46 ? 13.877  -10.114 0.348   1.00 22.14 ? 61  ILE A CA  1 
ATOM   360  C  C   . ILE A 1 46 ? 14.894  -10.777 -0.561  1.00 23.66 ? 61  ILE A C   1 
ATOM   361  O  O   . ILE A 1 46 ? 14.554  -11.354 -1.588  1.00 20.81 ? 61  ILE A O   1 
ATOM   362  C  CB  . ILE A 1 46 ? 13.969  -8.592  0.165   1.00 20.24 ? 61  ILE A CB  1 
ATOM   363  C  CG1 . ILE A 1 46 ? 12.775  -7.923  0.844   1.00 19.12 ? 61  ILE A CG1 1 
ATOM   364  C  CG2 . ILE A 1 46 ? 14.035  -8.238  -1.316  1.00 18.64 ? 61  ILE A CG2 1 
ATOM   365  C  CD1 . ILE A 1 46 ? 12.864  -6.414  0.864   1.00 18.89 ? 61  ILE A CD1 1 
ATOM   366  N  N   . MET A 1 47 ? 16.151  -10.696 -0.145  1.00 27.42 ? 62  MET A N   1 
ATOM   367  C  CA  . MET A 1 47 ? 17.266  -11.247 -0.895  1.00 29.43 ? 62  MET A CA  1 
ATOM   368  C  C   . MET A 1 47 ? 17.217  -12.763 -1.065  1.00 30.77 ? 62  MET A C   1 
ATOM   369  O  O   . MET A 1 47 ? 17.461  -13.272 -2.162  1.00 32.24 ? 62  MET A O   1 
ATOM   370  C  CB  . MET A 1 47 ? 18.574  -10.843 -0.221  1.00 29.45 ? 62  MET A CB  1 
ATOM   371  C  CG  . MET A 1 47 ? 19.675  -10.585 -1.197  1.00 30.86 ? 62  MET A CG  1 
ATOM   372  S  SD  . MET A 1 47 ? 19.132  -9.380  -2.393  1.00 33.20 ? 62  MET A SD  1 
ATOM   373  C  CE  . MET A 1 47 ? 20.211  -8.015  -2.012  1.00 35.31 ? 62  MET A CE  1 
ATOM   374  N  N   . THR A 1 48 ? 16.900  -13.485 0.006   1.00 31.71 ? 63  THR A N   1 
ATOM   375  C  CA  . THR A 1 48 ? 16.847  -14.939 -0.073  1.00 32.28 ? 63  THR A CA  1 
ATOM   376  C  C   . THR A 1 48 ? 15.676  -15.473 -0.894  1.00 32.72 ? 63  THR A C   1 
ATOM   377  O  O   . THR A 1 48 ? 15.848  -16.431 -1.656  1.00 33.58 ? 63  THR A O   1 
ATOM   378  C  CB  . THR A 1 48 ? 16.838  -15.597 1.330   1.00 32.39 ? 63  THR A CB  1 
ATOM   379  O  OG1 . THR A 1 48 ? 15.908  -16.685 1.341   1.00 33.96 ? 63  THR A OG1 1 
ATOM   380  C  CG2 . THR A 1 48 ? 16.460  -14.608 2.395   1.00 33.75 ? 63  THR A CG2 1 
ATOM   381  N  N   . LYS A 1 49 ? 14.497  -14.870 -0.758  1.00 32.09 ? 64  LYS A N   1 
ATOM   382  C  CA  . LYS A 1 49 ? 13.344  -15.323 -1.538  1.00 31.79 ? 64  LYS A CA  1 
ATOM   383  C  C   . LYS A 1 49 ? 13.335  -14.680 -2.928  1.00 32.49 ? 64  LYS A C   1 
ATOM   384  O  O   . LYS A 1 49 ? 12.497  -14.998 -3.769  1.00 32.35 ? 64  LYS A O   1 
ATOM   385  C  CB  . LYS A 1 49 ? 12.036  -15.012 -0.803  1.00 29.92 ? 64  LYS A CB  1 
ATOM   386  C  CG  . LYS A 1 49 ? 11.979  -15.611 0.591   1.00 30.44 ? 64  LYS A CG  1 
ATOM   387  C  CD  . LYS A 1 49 ? 10.585  -15.586 1.185   1.00 29.16 ? 64  LYS A CD  1 
ATOM   388  C  CE  . LYS A 1 49 ? 9.723   -16.693 0.619   1.00 30.07 ? 64  LYS A CE  1 
ATOM   389  N  NZ  . LYS A 1 49 ? 8.428   -16.794 1.336   1.00 28.86 ? 64  LYS A NZ  1 
ATOM   390  N  N   . ARG A 1 50 ? 14.290  -13.784 -3.161  1.00 34.17 ? 65  ARG A N   1 
ATOM   391  C  CA  . ARG A 1 50 ? 14.419  -13.074 -4.432  1.00 35.24 ? 65  ARG A CA  1 
ATOM   392  C  C   . ARG A 1 50 ? 13.129  -12.372 -4.841  1.00 34.12 ? 65  ARG A C   1 
ATOM   393  O  O   . ARG A 1 50 ? 12.721  -12.443 -6.000  1.00 33.28 ? 65  ARG A O   1 
ATOM   394  C  CB  . ARG A 1 50 ? 14.845  -14.036 -5.538  1.00 38.57 ? 65  ARG A CB  1 
ATOM   395  C  CG  . ARG A 1 50 ? 16.138  -14.749 -5.241  1.00 43.98 ? 65  ARG A CG  1 
ATOM   396  C  CD  . ARG A 1 50 ? 16.496  -15.707 -6.349  1.00 47.67 ? 65  ARG A CD  1 
ATOM   397  N  NE  . ARG A 1 50 ? 17.612  -16.559 -5.960  1.00 52.41 ? 65  ARG A NE  1 
ATOM   398  C  CZ  . ARG A 1 50 ? 18.235  -17.398 -6.782  1.00 54.39 ? 65  ARG A CZ  1 
ATOM   399  N  NH1 . ARG A 1 50 ? 17.850  -17.496 -8.050  1.00 55.00 ? 65  ARG A NH1 1 
ATOM   400  N  NH2 . ARG A 1 50 ? 19.243  -18.138 -6.336  1.00 55.37 ? 65  ARG A NH2 1 
ATOM   401  N  N   . LEU A 1 51 ? 12.498  -11.697 -3.882  1.00 31.94 ? 66  LEU A N   1 
ATOM   402  C  CA  . LEU A 1 51 ? 11.265  -10.968 -4.125  1.00 30.71 ? 66  LEU A CA  1 
ATOM   403  C  C   . LEU A 1 51 ? 11.507  -9.749  -5.018  1.00 31.12 ? 66  LEU A C   1 
ATOM   404  O  O   . LEU A 1 51 ? 10.575  -9.010  -5.329  1.00 31.54 ? 66  LEU A O   1 
ATOM   405  C  CB  . LEU A 1 51 ? 10.640  -10.511 -2.798  1.00 29.19 ? 66  LEU A CB  1 
ATOM   406  C  CG  . LEU A 1 51 ? 10.179  -11.561 -1.781  1.00 28.50 ? 66  LEU A CG  1 
ATOM   407  C  CD1 . LEU A 1 51 ? 9.472   -10.869 -0.625  1.00 26.04 ? 66  LEU A CD1 1 
ATOM   408  C  CD2 . LEU A 1 51 ? 9.237   -12.559 -2.440  1.00 27.50 ? 66  LEU A CD2 1 
ATOM   409  N  N   . TYR A 1 52 ? 12.756  -9.535  -5.428  1.00 31.74 ? 67  TYR A N   1 
ATOM   410  C  CA  . TYR A 1 52 ? 13.080  -8.394  -6.283  1.00 33.50 ? 67  TYR A CA  1 
ATOM   411  C  C   . TYR A 1 52 ? 12.940  -8.746  -7.750  1.00 34.42 ? 67  TYR A C   1 
ATOM   412  O  O   . TYR A 1 52 ? 12.994  -9.915  -8.127  1.00 33.93 ? 67  TYR A O   1 
ATOM   413  C  CB  . TYR A 1 52 ? 14.505  -7.905  -6.016  1.00 34.33 ? 67  TYR A CB  1 
ATOM   414  C  CG  . TYR A 1 52 ? 15.570  -8.956  -6.242  1.00 37.86 ? 67  TYR A CG  1 
ATOM   415  C  CD1 . TYR A 1 52 ? 15.977  -9.305  -7.525  1.00 38.50 ? 67  TYR A CD1 1 
ATOM   416  C  CD2 . TYR A 1 52 ? 16.157  -9.619  -5.163  1.00 39.10 ? 67  TYR A CD2 1 
ATOM   417  C  CE1 . TYR A 1 52 ? 16.941  -10.289 -7.727  1.00 40.41 ? 67  TYR A CE1 1 
ATOM   418  C  CE2 . TYR A 1 52 ? 17.121  -10.602 -5.356  1.00 39.68 ? 67  TYR A CE2 1 
ATOM   419  C  CZ  . TYR A 1 52 ? 17.508  -10.933 -6.637  1.00 40.45 ? 67  TYR A CZ  1 
ATOM   420  O  OH  . TYR A 1 52 ? 18.460  -11.910 -6.830  1.00 42.92 ? 67  TYR A OH  1 
ATOM   421  N  N   . ASP A 1 53 ? 12.759  -7.729  -8.582  1.00 35.96 ? 68  ASP A N   1 
ATOM   422  C  CA  . ASP A 1 53 ? 12.631  -7.968  -10.006 1.00 37.78 ? 68  ASP A CA  1 
ATOM   423  C  C   . ASP A 1 53 ? 14.002  -7.932  -10.665 1.00 39.51 ? 68  ASP A C   1 
ATOM   424  O  O   . ASP A 1 53 ? 14.764  -6.980  -10.491 1.00 37.07 ? 68  ASP A O   1 
ATOM   425  C  CB  . ASP A 1 53 ? 11.716  -6.928  -10.644 1.00 38.78 ? 68  ASP A CB  1 
ATOM   426  C  CG  . ASP A 1 53 ? 11.595  -7.115  -12.135 1.00 39.85 ? 68  ASP A CG  1 
ATOM   427  O  OD1 . ASP A 1 53 ? 11.454  -8.276  -12.575 1.00 40.64 ? 68  ASP A OD1 1 
ATOM   428  O  OD2 . ASP A 1 53 ? 11.636  -6.107  -12.866 1.00 40.02 ? 68  ASP A OD2 1 
ATOM   429  N  N   . GLU A 1 54 ? 14.310  -8.982  -11.417 1.00 42.35 ? 69  GLU A N   1 
ATOM   430  C  CA  . GLU A 1 54 ? 15.592  -9.094  -12.103 1.00 45.08 ? 69  GLU A CA  1 
ATOM   431  C  C   . GLU A 1 54 ? 15.967  -7.865  -12.920 1.00 45.07 ? 69  GLU A C   1 
ATOM   432  O  O   . GLU A 1 54 ? 17.040  -7.295  -12.740 1.00 44.61 ? 69  GLU A O   1 
ATOM   433  C  CB  . GLU A 1 54 ? 15.590  -10.323 -13.019 1.00 48.11 ? 69  GLU A CB  1 
ATOM   434  C  CG  . GLU A 1 54 ? 15.771  -11.645 -12.297 1.00 51.10 ? 69  GLU A CG  1 
ATOM   435  C  CD  . GLU A 1 54 ? 17.058  -11.675 -11.501 1.00 53.59 ? 69  GLU A CD  1 
ATOM   436  O  OE1 . GLU A 1 54 ? 18.103  -11.266 -12.059 1.00 54.19 ? 69  GLU A OE1 1 
ATOM   437  O  OE2 . GLU A 1 54 ? 17.028  -12.110 -10.326 1.00 55.01 ? 69  GLU A OE2 1 
ATOM   438  N  N   . LYS A 1 55 ? 15.076  -7.467  -13.820 1.00 45.78 ? 70  LYS A N   1 
ATOM   439  C  CA  . LYS A 1 55 ? 15.309  -6.325  -14.692 1.00 46.77 ? 70  LYS A CA  1 
ATOM   440  C  C   . LYS A 1 55 ? 14.991  -4.981  -14.043 1.00 46.51 ? 70  LYS A C   1 
ATOM   441  O  O   . LYS A 1 55 ? 15.393  -3.939  -14.549 1.00 47.72 ? 70  LYS A O   1 
ATOM   442  C  CB  . LYS A 1 55 ? 14.494  -6.499  -15.981 1.00 48.29 ? 70  LYS A CB  1 
ATOM   443  C  CG  . LYS A 1 55 ? 13.074  -7.015  -15.736 1.00 51.72 ? 70  LYS A CG  1 
ATOM   444  C  CD  . LYS A 1 55 ? 12.303  -7.285  -17.030 1.00 53.60 ? 70  LYS A CD  1 
ATOM   445  C  CE  . LYS A 1 55 ? 10.951  -7.951  -16.742 1.00 54.09 ? 70  LYS A CE  1 
ATOM   446  N  NZ  . LYS A 1 55 ? 10.195  -8.296  -17.987 1.00 54.25 ? 70  LYS A NZ  1 
ATOM   447  N  N   . GLN A 1 56 ? 14.265  -5.008  -12.929 1.00 45.97 ? 71  GLN A N   1 
ATOM   448  C  CA  . GLN A 1 56 ? 13.896  -3.782  -12.213 1.00 45.49 ? 71  GLN A CA  1 
ATOM   449  C  C   . GLN A 1 56 ? 14.121  -4.043  -10.724 1.00 43.72 ? 71  GLN A C   1 
ATOM   450  O  O   . GLN A 1 56 ? 13.184  -4.070  -9.921  1.00 42.45 ? 71  GLN A O   1 
ATOM   451  C  CB  . GLN A 1 56 ? 12.428  -3.436  -12.479 1.00 46.71 ? 71  GLN A CB  1 
ATOM   452  C  CG  . GLN A 1 56 ? 12.080  -1.998  -12.168 1.00 49.11 ? 71  GLN A CG  1 
ATOM   453  C  CD  . GLN A 1 56 ? 12.903  -1.023  -12.990 1.00 49.97 ? 71  GLN A CD  1 
ATOM   454  O  OE1 . GLN A 1 56 ? 12.926  0.176   -12.711 1.00 50.80 ? 71  GLN A OE1 1 
ATOM   455  N  NE2 . GLN A 1 56 ? 13.580  -1.535  -14.014 1.00 50.18 ? 71  GLN A NE2 1 
ATOM   456  N  N   . GLN A 1 57 ? 15.393  -4.219  -10.383 1.00 41.82 ? 72  GLN A N   1 
ATOM   457  C  CA  . GLN A 1 57 ? 15.840  -4.550  -9.037  1.00 39.51 ? 72  GLN A CA  1 
ATOM   458  C  C   . GLN A 1 57 ? 15.505  -3.696  -7.826  1.00 36.43 ? 72  GLN A C   1 
ATOM   459  O  O   . GLN A 1 57 ? 15.617  -4.178  -6.706  1.00 35.85 ? 72  GLN A O   1 
ATOM   460  C  CB  . GLN A 1 57 ? 17.346  -4.796  -9.080  1.00 40.55 ? 72  GLN A CB  1 
ATOM   461  C  CG  . GLN A 1 57 ? 17.688  -6.135  -9.706  1.00 42.18 ? 72  GLN A CG  1 
ATOM   462  C  CD  . GLN A 1 57 ? 19.164  -6.308  -9.959  1.00 42.41 ? 72  GLN A CD  1 
ATOM   463  O  OE1 . GLN A 1 57 ? 19.999  -5.878  -9.159  1.00 43.40 ? 72  GLN A OE1 1 
ATOM   464  N  NE2 . GLN A 1 57 ? 19.499  -6.955  -11.069 1.00 41.91 ? 72  GLN A NE2 1 
ATOM   465  N  N   . HIS A 1 58 ? 15.100  -2.448  -8.020  1.00 34.33 ? 73  HIS A N   1 
ATOM   466  C  CA  . HIS A 1 58 ? 14.767  -1.616  -6.870  1.00 32.11 ? 73  HIS A CA  1 
ATOM   467  C  C   . HIS A 1 58 ? 13.290  -1.773  -6.491  1.00 30.58 ? 73  HIS A C   1 
ATOM   468  O  O   . HIS A 1 58 ? 12.815  -1.206  -5.496  1.00 29.62 ? 73  HIS A O   1 
ATOM   469  C  CB  . HIS A 1 58 ? 15.117  -0.150  -7.154  1.00 33.33 ? 73  HIS A CB  1 
ATOM   470  C  CG  . HIS A 1 58 ? 14.270  0.490   -8.208  1.00 36.42 ? 73  HIS A CG  1 
ATOM   471  N  ND1 . HIS A 1 58 ? 13.146  1.232   -7.911  1.00 37.14 ? 73  HIS A ND1 1 
ATOM   472  C  CD2 . HIS A 1 58 ? 14.385  0.505   -9.557  1.00 37.00 ? 73  HIS A CD2 1 
ATOM   473  C  CE1 . HIS A 1 58 ? 12.606  1.678   -9.031  1.00 37.80 ? 73  HIS A CE1 1 
ATOM   474  N  NE2 . HIS A 1 58 ? 13.339  1.251   -10.045 1.00 38.36 ? 73  HIS A NE2 1 
ATOM   475  N  N   . ILE A 1 59 ? 12.580  -2.571  -7.286  1.00 27.47 ? 74  ILE A N   1 
ATOM   476  C  CA  . ILE A 1 59 ? 11.163  -2.841  -7.064  1.00 25.93 ? 74  ILE A CA  1 
ATOM   477  C  C   . ILE A 1 59 ? 10.956  -4.259  -6.542  1.00 25.29 ? 74  ILE A C   1 
ATOM   478  O  O   . ILE A 1 59 ? 11.356  -5.231  -7.178  1.00 26.29 ? 74  ILE A O   1 
ATOM   479  C  CB  . ILE A 1 59 ? 10.348  -2.676  -8.372  1.00 24.83 ? 74  ILE A CB  1 
ATOM   480  C  CG1 . ILE A 1 59 ? 10.325  -1.207  -8.798  1.00 23.63 ? 74  ILE A CG1 1 
ATOM   481  C  CG2 . ILE A 1 59 ? 8.945   -3.192  -8.180  1.00 23.94 ? 74  ILE A CG2 1 
ATOM   482  C  CD1 . ILE A 1 59 ? 9.734   -0.275  -7.780  1.00 22.30 ? 74  ILE A CD1 1 
ATOM   483  N  N   . VAL A 1 60 ? 10.326  -4.369  -5.380  1.00 24.02 ? 75  VAL A N   1 
ATOM   484  C  CA  . VAL A 1 60 ? 10.053  -5.661  -4.769  1.00 23.29 ? 75  VAL A CA  1 
ATOM   485  C  C   . VAL A 1 60 ? 8.607   -6.076  -5.070  1.00 24.33 ? 75  VAL A C   1 
ATOM   486  O  O   . VAL A 1 60 ? 7.699   -5.241  -5.042  1.00 25.56 ? 75  VAL A O   1 
ATOM   487  C  CB  . VAL A 1 60 ? 10.222  -5.578  -3.225  1.00 22.77 ? 75  VAL A CB  1 
ATOM   488  C  CG1 . VAL A 1 60 ? 9.931   -6.925  -2.583  1.00 20.30 ? 75  VAL A CG1 1 
ATOM   489  C  CG2 . VAL A 1 60 ? 11.611  -5.115  -2.882  1.00 22.36 ? 75  VAL A CG2 1 
ATOM   490  N  N   . TYR A 1 61 ? 8.394   -7.355  -5.363  1.00 23.40 ? 76  TYR A N   1 
ATOM   491  C  CA  . TYR A 1 61 ? 7.049   -7.871  -5.613  1.00 23.73 ? 76  TYR A CA  1 
ATOM   492  C  C   . TYR A 1 61 ? 6.752   -8.856  -4.486  1.00 24.58 ? 76  TYR A C   1 
ATOM   493  O  O   . TYR A 1 61 ? 7.362   -9.919  -4.396  1.00 25.23 ? 76  TYR A O   1 
ATOM   494  C  CB  . TYR A 1 61 ? 6.957   -8.580  -6.972  1.00 23.50 ? 76  TYR A CB  1 
ATOM   495  C  CG  . TYR A 1 61 ? 6.997   -7.647  -8.168  1.00 24.16 ? 76  TYR A CG  1 
ATOM   496  C  CD1 . TYR A 1 61 ? 8.201   -7.337  -8.801  1.00 24.24 ? 76  TYR A CD1 1 
ATOM   497  C  CD2 . TYR A 1 61 ? 5.837   -7.044  -8.642  1.00 23.64 ? 76  TYR A CD2 1 
ATOM   498  C  CE1 . TYR A 1 61 ? 8.244   -6.448  -9.874  1.00 24.96 ? 76  TYR A CE1 1 
ATOM   499  C  CE2 . TYR A 1 61 ? 5.870   -6.153  -9.716  1.00 24.53 ? 76  TYR A CE2 1 
ATOM   500  C  CZ  . TYR A 1 61 ? 7.073   -5.856  -10.327 1.00 24.79 ? 76  TYR A CZ  1 
ATOM   501  O  OH  . TYR A 1 61 ? 7.112   -4.962  -11.380 1.00 24.25 ? 76  TYR A OH  1 
ATOM   502  N  N   . CYS A 1 62 ? 5.817   -8.504  -3.618  1.00 25.30 ? 77  CYS A N   1 
ATOM   503  C  CA  . CYS A 1 62 ? 5.496   -9.361  -2.491  1.00 27.13 ? 77  CYS A CA  1 
ATOM   504  C  C   . CYS A 1 62 ? 4.047   -9.807  -2.458  1.00 30.12 ? 77  CYS A C   1 
ATOM   505  O  O   . CYS A 1 62 ? 3.533   -10.182 -1.402  1.00 30.88 ? 77  CYS A O   1 
ATOM   506  C  CB  . CYS A 1 62 ? 5.836   -8.632  -1.188  1.00 25.80 ? 77  CYS A CB  1 
ATOM   507  S  SG  . CYS A 1 62 ? 5.150   -6.972  -1.044  1.00 18.66 ? 77  CYS A SG  1 
ATOM   508  N  N   . SER A 1 63 ? 3.406   -9.791  -3.622  1.00 33.17 ? 78  SER A N   1 
ATOM   509  C  CA  . SER A 1 63 ? 1.998   -10.158 -3.744  1.00 36.09 ? 78  SER A CA  1 
ATOM   510  C  C   . SER A 1 63 ? 1.575   -11.445 -3.034  1.00 37.51 ? 78  SER A C   1 
ATOM   511  O  O   . SER A 1 63 ? 0.852   -11.399 -2.034  1.00 39.56 ? 78  SER A O   1 
ATOM   512  C  CB  . SER A 1 63 ? 1.615   -10.243 -5.222  1.00 37.50 ? 78  SER A CB  1 
ATOM   513  O  OG  . SER A 1 63 ? 0.233   -10.515 -5.368  1.00 39.55 ? 78  SER A OG  1 
ATOM   514  N  N   . ASN A 1 64 ? 2.019   -12.589 -3.539  1.00 37.06 ? 79  ASN A N   1 
ATOM   515  C  CA  . ASN A 1 64 ? 1.637   -13.859 -2.931  1.00 38.09 ? 79  ASN A CA  1 
ATOM   516  C  C   . ASN A 1 64 ? 2.598   -14.267 -1.818  1.00 37.00 ? 79  ASN A C   1 
ATOM   517  O  O   . ASN A 1 64 ? 2.823   -15.457 -1.595  1.00 37.51 ? 79  ASN A O   1 
ATOM   518  C  CB  . ASN A 1 64 ? 1.598   -14.976 -3.988  1.00 41.04 ? 79  ASN A CB  1 
ATOM   519  C  CG  . ASN A 1 64 ? 1.032   -14.511 -5.323  1.00 43.88 ? 79  ASN A CG  1 
ATOM   520  O  OD1 . ASN A 1 64 ? 1.703   -13.807 -6.087  1.00 45.67 ? 79  ASN A OD1 1 
ATOM   521  N  ND2 . ASN A 1 64 ? -0.208  -14.899 -5.611  1.00 43.47 ? 79  ASN A ND2 1 
ATOM   522  N  N   . ASP A 1 65 ? 3.147   -13.295 -1.101  1.00 34.65 ? 80  ASP A N   1 
ATOM   523  C  CA  . ASP A 1 65 ? 4.099   -13.624 -0.055  1.00 32.25 ? 80  ASP A CA  1 
ATOM   524  C  C   . ASP A 1 65 ? 3.723   -13.094 1.317   1.00 30.55 ? 80  ASP A C   1 
ATOM   525  O  O   . ASP A 1 65 ? 2.975   -12.128 1.432   1.00 31.06 ? 80  ASP A O   1 
ATOM   526  C  CB  . ASP A 1 65 ? 5.475   -13.088 -0.440  1.00 34.77 ? 80  ASP A CB  1 
ATOM   527  C  CG  . ASP A 1 65 ? 6.565   -13.590 0.471   1.00 35.44 ? 80  ASP A CG  1 
ATOM   528  O  OD1 . ASP A 1 65 ? 7.349   -14.458 0.026   1.00 36.44 ? 80  ASP A OD1 1 
ATOM   529  O  OD2 . ASP A 1 65 ? 6.625   -13.123 1.634   1.00 34.03 ? 80  ASP A OD2 1 
ATOM   530  N  N   . LEU A 1 66 ? 4.262   -13.727 2.356   1.00 28.33 ? 81  LEU A N   1 
ATOM   531  C  CA  . LEU A 1 66 ? 3.989   -13.313 3.726   1.00 27.20 ? 81  LEU A CA  1 
ATOM   532  C  C   . LEU A 1 66 ? 4.291   -11.836 3.948   1.00 27.59 ? 81  LEU A C   1 
ATOM   533  O  O   . LEU A 1 66 ? 3.642   -11.181 4.770   1.00 28.24 ? 81  LEU A O   1 
ATOM   534  C  CB  . LEU A 1 66 ? 4.803   -14.139 4.719   1.00 26.02 ? 81  LEU A CB  1 
ATOM   535  C  CG  . LEU A 1 66 ? 4.702   -13.636 6.165   1.00 24.71 ? 81  LEU A CG  1 
ATOM   536  C  CD1 . LEU A 1 66 ? 3.247   -13.483 6.542   1.00 24.32 ? 81  LEU A CD1 1 
ATOM   537  C  CD2 . LEU A 1 66 ? 5.394   -14.596 7.109   1.00 24.64 ? 81  LEU A CD2 1 
ATOM   538  N  N   . LEU A 1 67 ? 5.286   -11.317 3.230   1.00 26.43 ? 82  LEU A N   1 
ATOM   539  C  CA  . LEU A 1 67 ? 5.641   -9.912  3.364   1.00 24.97 ? 82  LEU A CA  1 
ATOM   540  C  C   . LEU A 1 67 ? 4.458   -9.078  2.880   1.00 26.01 ? 82  LEU A C   1 
ATOM   541  O  O   . LEU A 1 67 ? 4.070   -8.096  3.523   1.00 27.08 ? 82  LEU A O   1 
ATOM   542  C  CB  . LEU A 1 67 ? 6.892   -9.596  2.545   1.00 21.36 ? 82  LEU A CB  1 
ATOM   543  C  CG  . LEU A 1 67 ? 7.355   -8.140  2.608   1.00 19.65 ? 82  LEU A CG  1 
ATOM   544  C  CD1 . LEU A 1 67 ? 7.635   -7.723  4.051   1.00 18.50 ? 82  LEU A CD1 1 
ATOM   545  C  CD2 . LEU A 1 67 ? 8.589   -7.979  1.755   1.00 19.72 ? 82  LEU A CD2 1 
ATOM   546  N  N   . GLY A 1 68 ? 3.879   -9.488  1.753   1.00 25.59 ? 83  GLY A N   1 
ATOM   547  C  CA  . GLY A 1 68 ? 2.726   -8.796  1.206   1.00 25.31 ? 83  GLY A CA  1 
ATOM   548  C  C   . GLY A 1 68 ? 1.610   -8.648  2.225   1.00 25.19 ? 83  GLY A C   1 
ATOM   549  O  O   . GLY A 1 68 ? 0.883   -7.659  2.208   1.00 24.73 ? 83  GLY A O   1 
ATOM   550  N  N   . ASP A 1 69 ? 1.467   -9.625  3.114   1.00 25.81 ? 84  ASP A N   1 
ATOM   551  C  CA  . ASP A 1 69 ? 0.430   -9.543  4.137   1.00 28.67 ? 84  ASP A CA  1 
ATOM   552  C  C   . ASP A 1 69 ? 0.770   -8.549  5.246   1.00 29.89 ? 84  ASP A C   1 
ATOM   553  O  O   . ASP A 1 69 ? -0.129  -7.936  5.837   1.00 30.19 ? 84  ASP A O   1 
ATOM   554  C  CB  . ASP A 1 69 ? 0.185   -10.906 4.772   1.00 29.79 ? 84  ASP A CB  1 
ATOM   555  C  CG  . ASP A 1 69 ? -0.477  -11.868 3.832   1.00 31.91 ? 84  ASP A CG  1 
ATOM   556  O  OD1 . ASP A 1 69 ? -1.229  -11.406 2.945   1.00 33.02 ? 84  ASP A OD1 1 
ATOM   557  O  OD2 . ASP A 1 69 ? -0.258  -13.084 3.991   1.00 32.56 ? 84  ASP A OD2 1 
ATOM   558  N  N   . LEU A 1 70 ? 2.062   -8.400  5.537   1.00 29.02 ? 85  LEU A N   1 
ATOM   559  C  CA  . LEU A 1 70 ? 2.502   -7.484  6.580   1.00 27.58 ? 85  LEU A CA  1 
ATOM   560  C  C   . LEU A 1 70 ? 2.387   -6.056  6.089   1.00 26.84 ? 85  LEU A C   1 
ATOM   561  O  O   . LEU A 1 70 ? 1.817   -5.197  6.767   1.00 26.50 ? 85  LEU A O   1 
ATOM   562  C  CB  . LEU A 1 70 ? 3.957   -7.763  6.966   1.00 28.52 ? 85  LEU A CB  1 
ATOM   563  C  CG  . LEU A 1 70 ? 4.279   -9.165  7.480   1.00 30.70 ? 85  LEU A CG  1 
ATOM   564  C  CD1 . LEU A 1 70 ? 5.761   -9.261  7.812   1.00 29.83 ? 85  LEU A CD1 1 
ATOM   565  C  CD2 . LEU A 1 70 ? 3.426   -9.471  8.706   1.00 31.69 ? 85  LEU A CD2 1 
ATOM   566  N  N   . PHE A 1 71 ? 2.935   -5.810  4.902   1.00 25.18 ? 86  PHE A N   1 
ATOM   567  C  CA  . PHE A 1 71 ? 2.918   -4.479  4.308   1.00 24.79 ? 86  PHE A CA  1 
ATOM   568  C  C   . PHE A 1 71 ? 1.546   -4.101  3.752   1.00 23.84 ? 86  PHE A C   1 
ATOM   569  O  O   . PHE A 1 71 ? 1.122   -2.949  3.857   1.00 23.32 ? 86  PHE A O   1 
ATOM   570  C  CB  . PHE A 1 71 ? 3.976   -4.383  3.196   1.00 23.97 ? 86  PHE A CB  1 
ATOM   571  C  CG  . PHE A 1 71 ? 5.389   -4.224  3.702   1.00 21.95 ? 86  PHE A CG  1 
ATOM   572  C  CD1 . PHE A 1 71 ? 5.681   -4.326  5.063   1.00 20.27 ? 86  PHE A CD1 1 
ATOM   573  C  CD2 . PHE A 1 71 ? 6.429   -3.968  2.815   1.00 21.19 ? 86  PHE A CD2 1 
ATOM   574  C  CE1 . PHE A 1 71 ? 6.988   -4.177  5.531   1.00 19.84 ? 86  PHE A CE1 1 
ATOM   575  C  CE2 . PHE A 1 71 ? 7.743   -3.815  3.273   1.00 21.22 ? 86  PHE A CE2 1 
ATOM   576  C  CZ  . PHE A 1 71 ? 8.020   -3.922  4.638   1.00 20.84 ? 86  PHE A CZ  1 
ATOM   577  N  N   . GLY A 1 72 ? 0.860   -5.074  3.159   1.00 22.70 ? 87  GLY A N   1 
ATOM   578  C  CA  . GLY A 1 72 ? -0.454  -4.812  2.599   1.00 21.61 ? 87  GLY A CA  1 
ATOM   579  C  C   . GLY A 1 72 ? -0.405  -4.269  1.181   1.00 19.78 ? 87  GLY A C   1 
ATOM   580  O  O   . GLY A 1 72 ? -1.325  -3.582  0.729   1.00 18.52 ? 87  GLY A O   1 
ATOM   581  N  N   . VAL A 1 73 ? 0.676   -4.566  0.471   1.00 18.50 ? 88  VAL A N   1 
ATOM   582  C  CA  . VAL A 1 73 ? 0.801   -4.093  -0.894  1.00 18.05 ? 88  VAL A CA  1 
ATOM   583  C  C   . VAL A 1 73 ? 1.395   -5.171  -1.767  1.00 18.49 ? 88  VAL A C   1 
ATOM   584  O  O   . VAL A 1 73 ? 2.045   -6.091  -1.277  1.00 19.33 ? 88  VAL A O   1 
ATOM   585  C  CB  . VAL A 1 73 ? 1.697   -2.837  -1.000  1.00 16.90 ? 88  VAL A CB  1 
ATOM   586  C  CG1 . VAL A 1 73 ? 1.200   -1.760  -0.053  1.00 14.15 ? 88  VAL A CG1 1 
ATOM   587  C  CG2 . VAL A 1 73 ? 3.138   -3.198  -0.723  1.00 16.06 ? 88  VAL A CG2 1 
ATOM   588  N  N   . PRO A 1 74 ? 1.159   -5.080  -3.082  1.00 19.40 ? 89  PRO A N   1 
ATOM   589  C  CA  . PRO A 1 74 ? 1.689   -6.064  -4.029  1.00 18.27 ? 89  PRO A CA  1 
ATOM   590  C  C   . PRO A 1 74 ? 3.135   -5.755  -4.414  1.00 18.03 ? 89  PRO A C   1 
ATOM   591  O  O   . PRO A 1 74 ? 3.860   -6.634  -4.875  1.00 19.88 ? 89  PRO A O   1 
ATOM   592  C  CB  . PRO A 1 74 ? 0.735   -5.945  -5.211  1.00 17.59 ? 89  PRO A CB  1 
ATOM   593  C  CG  . PRO A 1 74 ? 0.431   -4.476  -5.216  1.00 18.60 ? 89  PRO A CG  1 
ATOM   594  C  CD  . PRO A 1 74 ? 0.193   -4.182  -3.743  1.00 18.16 ? 89  PRO A CD  1 
ATOM   595  N  N   . SER A 1 75 ? 3.556   -4.506  -4.231  1.00 17.81 ? 90  SER A N   1 
ATOM   596  C  CA  . SER A 1 75 ? 4.926   -4.119  -4.573  1.00 17.47 ? 90  SER A CA  1 
ATOM   597  C  C   . SER A 1 75 ? 5.302   -2.739  -4.043  1.00 17.05 ? 90  SER A C   1 
ATOM   598  O  O   . SER A 1 75 ? 4.440   -1.905  -3.782  1.00 18.31 ? 90  SER A O   1 
ATOM   599  C  CB  . SER A 1 75 ? 5.122   -4.135  -6.096  1.00 16.02 ? 90  SER A CB  1 
ATOM   600  O  OG  . SER A 1 75 ? 4.361   -3.111  -6.718  1.00 13.95 ? 90  SER A OG  1 
ATOM   601  N  N   . PHE A 1 76 ? 6.597   -2.515  -3.867  1.00 16.44 ? 91  PHE A N   1 
ATOM   602  C  CA  . PHE A 1 76 ? 7.092   -1.227  -3.403  1.00 15.47 ? 91  PHE A CA  1 
ATOM   603  C  C   . PHE A 1 76 ? 8.528   -1.051  -3.893  1.00 16.56 ? 91  PHE A C   1 
ATOM   604  O  O   . PHE A 1 76 ? 9.149   -1.995  -4.401  1.00 16.78 ? 91  PHE A O   1 
ATOM   605  C  CB  . PHE A 1 76 ? 6.995   -1.110  -1.863  1.00 13.90 ? 91  PHE A CB  1 
ATOM   606  C  CG  . PHE A 1 76 ? 7.806   -2.130  -1.112  1.00 12.98 ? 91  PHE A CG  1 
ATOM   607  C  CD1 . PHE A 1 76 ? 9.153   -1.905  -0.835  1.00 12.58 ? 91  PHE A CD1 1 
ATOM   608  C  CD2 . PHE A 1 76 ? 7.234   -3.337  -0.716  1.00 12.89 ? 91  PHE A CD2 1 
ATOM   609  C  CE1 . PHE A 1 76 ? 9.917   -2.869  -0.182  1.00 13.96 ? 91  PHE A CE1 1 
ATOM   610  C  CE2 . PHE A 1 76 ? 7.986   -4.309  -0.065  1.00 12.19 ? 91  PHE A CE2 1 
ATOM   611  C  CZ  . PHE A 1 76 ? 9.335   -4.077  0.203   1.00 13.85 ? 91  PHE A CZ  1 
ATOM   612  N  N   . SER A 1 77 ? 9.030   0.174   -3.776  1.00 17.33 ? 92  SER A N   1 
ATOM   613  C  CA  . SER A 1 77 ? 10.383  0.513   -4.194  1.00 17.80 ? 92  SER A CA  1 
ATOM   614  C  C   . SER A 1 77 ? 11.271  0.694   -2.965  1.00 19.47 ? 92  SER A C   1 
ATOM   615  O  O   . SER A 1 77 ? 10.895  1.389   -2.013  1.00 19.39 ? 92  SER A O   1 
ATOM   616  C  CB  . SER A 1 77 ? 10.361  1.801   -5.011  1.00 16.31 ? 92  SER A CB  1 
ATOM   617  O  OG  . SER A 1 77 ? 11.673  2.211   -5.341  1.00 18.30 ? 92  SER A OG  1 
ATOM   618  N  N   . VAL A 1 78 ? 12.447  0.070   -2.989  1.00 20.97 ? 93  VAL A N   1 
ATOM   619  C  CA  . VAL A 1 78 ? 13.386  0.164   -1.875  1.00 21.30 ? 93  VAL A CA  1 
ATOM   620  C  C   . VAL A 1 78 ? 14.048  1.539   -1.840  1.00 22.49 ? 93  VAL A C   1 
ATOM   621  O  O   . VAL A 1 78 ? 14.885  1.812   -0.986  1.00 22.36 ? 93  VAL A O   1 
ATOM   622  C  CB  . VAL A 1 78 ? 14.495  -0.900  -1.975  1.00 21.49 ? 93  VAL A CB  1 
ATOM   623  C  CG1 . VAL A 1 78 ? 13.880  -2.291  -2.032  1.00 19.80 ? 93  VAL A CG1 1 
ATOM   624  C  CG2 . VAL A 1 78 ? 15.365  -0.632  -3.199  1.00 20.45 ? 93  VAL A CG2 1 
ATOM   625  N  N   . LYS A 1 79 ? 13.685  2.400   -2.782  1.00 23.46 ? 94  LYS A N   1 
ATOM   626  C  CA  . LYS A 1 79 ? 14.246  3.739   -2.817  1.00 25.15 ? 94  LYS A CA  1 
ATOM   627  C  C   . LYS A 1 79 ? 13.419  4.686   -1.948  1.00 25.50 ? 94  LYS A C   1 
ATOM   628  O  O   . LYS A 1 79 ? 13.921  5.717   -1.502  1.00 27.80 ? 94  LYS A O   1 
ATOM   629  C  CB  . LYS A 1 79 ? 14.277  4.283   -4.245  1.00 26.09 ? 94  LYS A CB  1 
ATOM   630  C  CG  . LYS A 1 79 ? 15.167  3.529   -5.217  1.00 27.14 ? 94  LYS A CG  1 
ATOM   631  C  CD  . LYS A 1 79 ? 15.164  4.236   -6.563  1.00 28.17 ? 94  LYS A CD  1 
ATOM   632  C  CE  . LYS A 1 79 ? 15.970  3.488   -7.608  1.00 31.70 ? 94  LYS A CE  1 
ATOM   633  N  NZ  . LYS A 1 79 ? 15.986  4.235   -8.904  1.00 33.43 ? 94  LYS A NZ  1 
ATOM   634  N  N   . GLU A 1 80 ? 12.157  4.343   -1.706  1.00 24.38 ? 95  GLU A N   1 
ATOM   635  C  CA  . GLU A 1 80 ? 11.284  5.190   -0.900  1.00 24.41 ? 95  GLU A CA  1 
ATOM   636  C  C   . GLU A 1 80 ? 11.296  4.756   0.557   1.00 22.23 ? 95  GLU A C   1 
ATOM   637  O  O   . GLU A 1 80 ? 10.376  4.105   1.038   1.00 22.20 ? 95  GLU A O   1 
ATOM   638  C  CB  . GLU A 1 80 ? 9.869   5.149   -1.473  1.00 27.48 ? 95  GLU A CB  1 
ATOM   639  C  CG  . GLU A 1 80 ? 9.827   5.535   -2.947  1.00 31.48 ? 95  GLU A CG  1 
ATOM   640  C  CD  . GLU A 1 80 ? 8.428   5.558   -3.517  1.00 33.69 ? 95  GLU A CD  1 
ATOM   641  O  OE1 . GLU A 1 80 ? 7.596   6.328   -2.993  1.00 37.30 ? 95  GLU A OE1 1 
ATOM   642  O  OE2 . GLU A 1 80 ? 8.161   4.815   -4.490  1.00 34.44 ? 95  GLU A OE2 1 
ATOM   643  N  N   . HIS A 1 81 ? 12.349  5.153   1.256   1.00 20.68 ? 96  HIS A N   1 
ATOM   644  C  CA  . HIS A 1 81 ? 12.551  4.785   2.644   1.00 20.43 ? 96  HIS A CA  1 
ATOM   645  C  C   . HIS A 1 81 ? 11.454  5.136   3.633   1.00 18.59 ? 96  HIS A C   1 
ATOM   646  O  O   . HIS A 1 81 ? 11.074  4.298   4.445   1.00 17.69 ? 96  HIS A O   1 
ATOM   647  C  CB  . HIS A 1 81 ? 13.885  5.350   3.126   1.00 23.47 ? 96  HIS A CB  1 
ATOM   648  C  CG  . HIS A 1 81 ? 15.054  4.887   2.311   1.00 27.35 ? 96  HIS A CG  1 
ATOM   649  N  ND1 . HIS A 1 81 ? 16.352  4.927   2.773   1.00 28.27 ? 96  HIS A ND1 1 
ATOM   650  C  CD2 . HIS A 1 81 ? 15.118  4.370   1.060   1.00 28.75 ? 96  HIS A CD2 1 
ATOM   651  C  CE1 . HIS A 1 81 ? 17.163  4.450   1.845   1.00 27.81 ? 96  HIS A CE1 1 
ATOM   652  N  NE2 . HIS A 1 81 ? 16.440  4.106   0.797   1.00 29.74 ? 96  HIS A NE2 1 
ATOM   653  N  N   . ARG A 1 82 ? 10.941  6.359   3.574   1.00 17.55 ? 97  ARG A N   1 
ATOM   654  C  CA  . ARG A 1 82 ? 9.892   6.765   4.499   1.00 17.92 ? 97  ARG A CA  1 
ATOM   655  C  C   . ARG A 1 82 ? 8.672   5.863   4.442   1.00 19.98 ? 97  ARG A C   1 
ATOM   656  O  O   . ARG A 1 82 ? 8.112   5.508   5.483   1.00 21.59 ? 97  ARG A O   1 
ATOM   657  C  CB  . ARG A 1 82 ? 9.446   8.203   4.240   1.00 16.08 ? 97  ARG A CB  1 
ATOM   658  C  CG  . ARG A 1 82 ? 8.240   8.602   5.077   1.00 13.19 ? 97  ARG A CG  1 
ATOM   659  C  CD  . ARG A 1 82 ? 8.437   8.211   6.532   1.00 11.76 ? 97  ARG A CD  1 
ATOM   660  N  NE  . ARG A 1 82 ? 9.578   8.895   7.131   1.00 12.03 ? 97  ARG A NE  1 
ATOM   661  C  CZ  . ARG A 1 82 ? 10.134  8.552   8.292   1.00 13.61 ? 97  ARG A CZ  1 
ATOM   662  N  NH1 . ARG A 1 82 ? 9.659   7.524   8.992   1.00 8.33  ? 97  ARG A NH1 1 
ATOM   663  N  NH2 . ARG A 1 82 ? 11.167  9.246   8.760   1.00 12.69 ? 97  ARG A NH2 1 
ATOM   664  N  N   . LYS A 1 83 ? 8.255   5.499   3.233   1.00 19.53 ? 98  LYS A N   1 
ATOM   665  C  CA  . LYS A 1 83 ? 7.097   4.637   3.084   1.00 19.49 ? 98  LYS A CA  1 
ATOM   666  C  C   . LYS A 1 83 ? 7.332   3.237   3.644   1.00 20.11 ? 98  LYS A C   1 
ATOM   667  O  O   . LYS A 1 83 ? 6.462   2.688   4.331   1.00 21.53 ? 98  LYS A O   1 
ATOM   668  C  CB  . LYS A 1 83 ? 6.676   4.574   1.622   1.00 19.38 ? 98  LYS A CB  1 
ATOM   669  C  CG  . LYS A 1 83 ? 6.248   5.934   1.089   1.00 19.96 ? 98  LYS A CG  1 
ATOM   670  C  CD  . LYS A 1 83 ? 5.696   5.842   -0.318  1.00 20.79 ? 98  LYS A CD  1 
ATOM   671  C  CE  . LYS A 1 83 ? 5.463   7.222   -0.902  1.00 20.28 ? 98  LYS A CE  1 
ATOM   672  N  NZ  . LYS A 1 83 ? 4.923   7.127   -2.282  1.00 21.78 ? 98  LYS A NZ  1 
ATOM   673  N  N   . ILE A 1 84 ? 8.493   2.652   3.370   1.00 19.26 ? 99  ILE A N   1 
ATOM   674  C  CA  . ILE A 1 84 ? 8.781   1.319   3.898   1.00 18.53 ? 99  ILE A CA  1 
ATOM   675  C  C   . ILE A 1 84 ? 8.718   1.341   5.423   1.00 18.42 ? 99  ILE A C   1 
ATOM   676  O  O   . ILE A 1 84 ? 8.143   0.460   6.049   1.00 17.98 ? 99  ILE A O   1 
ATOM   677  C  CB  . ILE A 1 84 ? 10.164  0.835   3.465   1.00 17.88 ? 99  ILE A CB  1 
ATOM   678  C  CG1 . ILE A 1 84 ? 10.104  0.371   2.012   1.00 16.14 ? 99  ILE A CG1 1 
ATOM   679  C  CG2 . ILE A 1 84 ? 10.646  -0.272  4.400   1.00 17.08 ? 99  ILE A CG2 1 
ATOM   680  C  CD1 . ILE A 1 84 ? 11.431  -0.060  1.462   1.00 15.86 ? 99  ILE A CD1 1 
ATOM   681  N  N   . TYR A 1 85 ? 9.319   2.361   6.016   1.00 18.62 ? 100 TYR A N   1 
ATOM   682  C  CA  . TYR A 1 85 ? 9.316   2.508   7.456   1.00 17.97 ? 100 TYR A CA  1 
ATOM   683  C  C   . TYR A 1 85 ? 7.900   2.493   8.033   1.00 18.35 ? 100 TYR A C   1 
ATOM   684  O  O   . TYR A 1 85 ? 7.583   1.699   8.918   1.00 17.95 ? 100 TYR A O   1 
ATOM   685  C  CB  . TYR A 1 85 ? 10.014  3.815   7.845   1.00 18.28 ? 100 TYR A CB  1 
ATOM   686  C  CG  . TYR A 1 85 ? 11.425  3.628   8.350   1.00 19.31 ? 100 TYR A CG  1 
ATOM   687  C  CD1 . TYR A 1 85 ? 12.410  3.068   7.533   1.00 19.40 ? 100 TYR A CD1 1 
ATOM   688  C  CD2 . TYR A 1 85 ? 11.763  3.946   9.669   1.00 18.77 ? 100 TYR A CD2 1 
ATOM   689  C  CE1 . TYR A 1 85 ? 13.691  2.821   8.016   1.00 19.38 ? 100 TYR A CE1 1 
ATOM   690  C  CE2 . TYR A 1 85 ? 13.044  3.702   10.167  1.00 19.97 ? 100 TYR A CE2 1 
ATOM   691  C  CZ  . TYR A 1 85 ? 14.003  3.135   9.334   1.00 20.54 ? 100 TYR A CZ  1 
ATOM   692  O  OH  . TYR A 1 85 ? 15.265  2.865   9.817   1.00 19.74 ? 100 TYR A OH  1 
ATOM   693  N  N   . THR A 1 86 ? 7.036   3.364   7.529   1.00 18.26 ? 101 THR A N   1 
ATOM   694  C  CA  . THR A 1 86 ? 5.690   3.418   8.071   1.00 18.96 ? 101 THR A CA  1 
ATOM   695  C  C   . THR A 1 86 ? 4.974   2.093   7.848   1.00 17.42 ? 101 THR A C   1 
ATOM   696  O  O   . THR A 1 86 ? 4.117   1.688   8.639   1.00 17.34 ? 101 THR A O   1 
ATOM   697  C  CB  . THR A 1 86 ? 4.873   4.589   7.462   1.00 19.55 ? 101 THR A CB  1 
ATOM   698  O  OG1 . THR A 1 86 ? 4.184   4.145   6.294   1.00 22.59 ? 101 THR A OG1 1 
ATOM   699  C  CG2 . THR A 1 86 ? 5.786   5.737   7.089   1.00 17.16 ? 101 THR A CG2 1 
ATOM   700  N  N   . MET A 1 87 ? 5.354   1.409   6.777   1.00 16.70 ? 102 MET A N   1 
ATOM   701  C  CA  . MET A 1 87 ? 4.763   0.119   6.436   1.00 15.33 ? 102 MET A CA  1 
ATOM   702  C  C   . MET A 1 87 ? 5.248   -0.885  7.482   1.00 14.80 ? 102 MET A C   1 
ATOM   703  O  O   . MET A 1 87 ? 4.507   -1.773  7.897   1.00 15.70 ? 102 MET A O   1 
ATOM   704  C  CB  . MET A 1 87 ? 5.213   -0.277  5.029   1.00 14.54 ? 102 MET A CB  1 
ATOM   705  C  CG  . MET A 1 87 ? 4.228   -1.096  4.227   1.00 14.18 ? 102 MET A CG  1 
ATOM   706  S  SD  . MET A 1 87 ? 4.174   -0.637  2.455   1.00 11.76 ? 102 MET A SD  1 
ATOM   707  C  CE  . MET A 1 87 ? 5.917   -0.660  2.001   1.00 7.35  ? 102 MET A CE  1 
ATOM   708  N  N   . ILE A 1 88 ? 6.494   -0.729  7.919   1.00 14.18 ? 103 ILE A N   1 
ATOM   709  C  CA  . ILE A 1 88 ? 7.061   -1.608  8.943   1.00 13.92 ? 103 ILE A CA  1 
ATOM   710  C  C   . ILE A 1 88 ? 6.485   -1.257  10.326  1.00 14.78 ? 103 ILE A C   1 
ATOM   711  O  O   . ILE A 1 88 ? 6.217   -2.146  11.134  1.00 14.30 ? 103 ILE A O   1 
ATOM   712  C  CB  . ILE A 1 88 ? 8.612   -1.483  9.020   1.00 11.30 ? 103 ILE A CB  1 
ATOM   713  C  CG1 . ILE A 1 88 ? 9.249   -2.003  7.735   1.00 12.29 ? 103 ILE A CG1 1 
ATOM   714  C  CG2 . ILE A 1 88 ? 9.144   -2.249  10.224  1.00 8.62  ? 103 ILE A CG2 1 
ATOM   715  C  CD1 . ILE A 1 88 ? 10.775  -1.851  7.688   1.00 12.51 ? 103 ILE A CD1 1 
ATOM   716  N  N   . TYR A 1 89 ? 6.292   0.034   10.588  1.00 14.89 ? 104 TYR A N   1 
ATOM   717  C  CA  . TYR A 1 89 ? 5.769   0.475   11.882  1.00 18.89 ? 104 TYR A CA  1 
ATOM   718  C  C   . TYR A 1 89 ? 4.449   -0.159  12.325  1.00 21.11 ? 104 TYR A C   1 
ATOM   719  O  O   . TYR A 1 89 ? 4.217   -0.349  13.521  1.00 22.75 ? 104 TYR A O   1 
ATOM   720  C  CB  . TYR A 1 89 ? 5.629   1.998   11.909  1.00 17.04 ? 104 TYR A CB  1 
ATOM   721  C  CG  . TYR A 1 89 ? 6.908   2.714   12.270  1.00 16.86 ? 104 TYR A CG  1 
ATOM   722  C  CD1 . TYR A 1 89 ? 7.416   3.734   11.462  1.00 16.58 ? 104 TYR A CD1 1 
ATOM   723  C  CD2 . TYR A 1 89 ? 7.610   2.374   13.425  1.00 15.92 ? 104 TYR A CD2 1 
ATOM   724  C  CE1 . TYR A 1 89 ? 8.590   4.396   11.802  1.00 15.13 ? 104 TYR A CE1 1 
ATOM   725  C  CE2 . TYR A 1 89 ? 8.777   3.026   13.773  1.00 15.65 ? 104 TYR A CE2 1 
ATOM   726  C  CZ  . TYR A 1 89 ? 9.263   4.037   12.962  1.00 16.84 ? 104 TYR A CZ  1 
ATOM   727  O  OH  . TYR A 1 89 ? 10.414  4.696   13.330  1.00 18.54 ? 104 TYR A OH  1 
ATOM   728  N  N   . ARG A 1 90 ? 3.587   -0.493  11.371  1.00 22.75 ? 105 ARG A N   1 
ATOM   729  C  CA  . ARG A 1 90 ? 2.305   -1.091  11.712  1.00 22.66 ? 105 ARG A CA  1 
ATOM   730  C  C   . ARG A 1 90 ? 2.428   -2.526  12.204  1.00 23.08 ? 105 ARG A C   1 
ATOM   731  O  O   . ARG A 1 90 ? 1.511   -3.046  12.840  1.00 24.10 ? 105 ARG A O   1 
ATOM   732  C  CB  . ARG A 1 90 ? 1.365   -1.041  10.508  1.00 23.65 ? 105 ARG A CB  1 
ATOM   733  C  CG  . ARG A 1 90 ? 0.851   0.352   10.206  1.00 24.00 ? 105 ARG A CG  1 
ATOM   734  C  CD  . ARG A 1 90 ? -0.305  0.301   9.229   1.00 24.56 ? 105 ARG A CD  1 
ATOM   735  N  NE  . ARG A 1 90 ? 0.135   -0.071  7.895   1.00 23.21 ? 105 ARG A NE  1 
ATOM   736  C  CZ  . ARG A 1 90 ? 0.278   0.787   6.896   1.00 23.09 ? 105 ARG A CZ  1 
ATOM   737  N  NH1 . ARG A 1 90 ? 0.007   2.069   7.087   1.00 19.08 ? 105 ARG A NH1 1 
ATOM   738  N  NH2 . ARG A 1 90 ? 0.701   0.357   5.709   1.00 25.80 ? 105 ARG A NH2 1 
ATOM   739  N  N   . ASN A 1 91 ? 3.560   -3.164  11.927  1.00 21.51 ? 106 ASN A N   1 
ATOM   740  C  CA  . ASN A 1 91 ? 3.746   -4.543  12.349  1.00 19.50 ? 106 ASN A CA  1 
ATOM   741  C  C   . ASN A 1 91 ? 4.553   -4.681  13.617  1.00 19.24 ? 106 ASN A C   1 
ATOM   742  O  O   . ASN A 1 91 ? 5.149   -5.728  13.871  1.00 19.05 ? 106 ASN A O   1 
ATOM   743  C  CB  . ASN A 1 91 ? 4.409   -5.343  11.239  1.00 17.13 ? 106 ASN A CB  1 
ATOM   744  C  CG  . ASN A 1 91 ? 3.548   -5.427  10.018  1.00 16.11 ? 106 ASN A CG  1 
ATOM   745  O  OD1 . ASN A 1 91 ? 3.427   -4.467  9.262   1.00 15.04 ? 106 ASN A OD1 1 
ATOM   746  N  ND2 . ASN A 1 91 ? 2.922   -6.574  9.823   1.00 17.22 ? 106 ASN A ND2 1 
ATOM   747  N  N   . LEU A 1 92 ? 4.563   -3.635  14.428  1.00 18.54 ? 107 LEU A N   1 
ATOM   748  C  CA  . LEU A 1 92 ? 5.328   -3.691  15.656  1.00 19.25 ? 107 LEU A CA  1 
ATOM   749  C  C   . LEU A 1 92 ? 4.863   -2.653  16.650  1.00 18.95 ? 107 LEU A C   1 
ATOM   750  O  O   . LEU A 1 92 ? 4.051   -1.795  16.331  1.00 18.70 ? 107 LEU A O   1 
ATOM   751  C  CB  . LEU A 1 92 ? 6.817   -3.470  15.349  1.00 17.81 ? 107 LEU A CB  1 
ATOM   752  C  CG  . LEU A 1 92 ? 7.201   -2.125  14.705  1.00 18.99 ? 107 LEU A CG  1 
ATOM   753  C  CD1 . LEU A 1 92 ? 7.097   -0.973  15.719  1.00 15.25 ? 107 LEU A CD1 1 
ATOM   754  C  CD2 . LEU A 1 92 ? 8.627   -2.220  14.169  1.00 18.55 ? 107 LEU A CD2 1 
ATOM   755  N  N   . VAL A 1 93 ? 5.409   -2.739  17.856  1.00 19.51 ? 108 VAL A N   1 
ATOM   756  C  CA  . VAL A 1 93 ? 5.109   -1.797  18.913  1.00 20.27 ? 108 VAL A CA  1 
ATOM   757  C  C   . VAL A 1 93 ? 6.417   -1.108  19.295  1.00 21.84 ? 108 VAL A C   1 
ATOM   758  O  O   . VAL A 1 93 ? 7.409   -1.768  19.590  1.00 21.71 ? 108 VAL A O   1 
ATOM   759  C  CB  . VAL A 1 93 ? 4.545   -2.507  20.154  1.00 18.68 ? 108 VAL A CB  1 
ATOM   760  C  CG1 . VAL A 1 93 ? 4.324   -1.500  21.266  1.00 17.43 ? 108 VAL A CG1 1 
ATOM   761  C  CG2 . VAL A 1 93 ? 3.245   -3.199  19.805  1.00 18.93 ? 108 VAL A CG2 1 
ATOM   762  N  N   . VAL A 1 94 ? 6.420   0.222   19.272  1.00 24.68 ? 109 VAL A N   1 
ATOM   763  C  CA  . VAL A 1 94 ? 7.604   0.996   19.643  1.00 27.06 ? 109 VAL A CA  1 
ATOM   764  C  C   . VAL A 1 94 ? 7.780   0.978   21.170  1.00 31.14 ? 109 VAL A C   1 
ATOM   765  O  O   . VAL A 1 94 ? 6.899   1.428   21.915  1.00 31.39 ? 109 VAL A O   1 
ATOM   766  C  CB  . VAL A 1 94 ? 7.485   2.470   19.178  1.00 23.62 ? 109 VAL A CB  1 
ATOM   767  C  CG1 . VAL A 1 94 ? 8.608   3.288   19.760  1.00 23.35 ? 109 VAL A CG1 1 
ATOM   768  C  CG2 . VAL A 1 94 ? 7.522   2.548   17.667  1.00 22.83 ? 109 VAL A CG2 1 
ATOM   769  N  N   . VAL A 1 95 ? 8.911   0.444   21.627  1.00 34.36 ? 110 VAL A N   1 
ATOM   770  C  CA  . VAL A 1 95 ? 9.211   0.379   23.052  1.00 37.16 ? 110 VAL A CA  1 
ATOM   771  C  C   . VAL A 1 95 ? 9.580   1.766   23.555  1.00 41.22 ? 110 VAL A C   1 
ATOM   772  O  O   . VAL A 1 95 ? 10.571  2.350   23.114  1.00 41.77 ? 110 VAL A O   1 
ATOM   773  C  CB  . VAL A 1 95 ? 10.400  -0.548  23.339  1.00 35.58 ? 110 VAL A CB  1 
ATOM   774  C  CG1 . VAL A 1 95 ? 10.701  -0.541  24.813  1.00 33.87 ? 110 VAL A CG1 1 
ATOM   775  C  CG2 . VAL A 1 95 ? 10.097  -1.949  22.871  1.00 34.60 ? 110 VAL A CG2 1 
ATOM   776  N  N   . ASN A 1 96 ? 8.775   2.291   24.475  1.00 46.30 ? 111 ASN A N   1 
ATOM   777  C  CA  . ASN A 1 96 ? 9.015   3.614   25.053  1.00 50.84 ? 111 ASN A CA  1 
ATOM   778  C  C   . ASN A 1 96 ? 9.953   3.534   26.262  1.00 52.70 ? 111 ASN A C   1 
ATOM   779  O  O   . ASN A 1 96 ? 9.455   3.704   27.401  1.00 54.11 ? 111 ASN A O   1 
ATOM   780  C  CB  . ASN A 1 96 ? 7.688   4.273   25.472  1.00 51.76 ? 111 ASN A CB  1 
ATOM   781  C  CG  . ASN A 1 96 ? 7.029   5.044   24.334  1.00 53.38 ? 111 ASN A CG  1 
ATOM   782  O  OD1 . ASN A 1 96 ? 7.649   5.919   23.724  1.00 54.54 ? 111 ASN A OD1 1 
ATOM   783  N  ND2 . ASN A 1 96 ? 5.769   4.729   24.052  1.00 52.16 ? 111 ASN A ND2 1 
ATOM   784  O  OXT . ASN A 1 96 ? 11.171  3.295   26.055  1.00 53.23 ? 111 ASN A OXT 1 
ATOM   785  N  N   . GLY B 1 1  ? -17.826 -1.752  -9.196  1.00 66.52 ? 16  GLY B N   1 
ATOM   786  C  CA  . GLY B 1 1  ? -17.568 -2.783  -8.150  1.00 68.14 ? 16  GLY B CA  1 
ATOM   787  C  C   . GLY B 1 1  ? -17.684 -4.216  -8.648  1.00 69.24 ? 16  GLY B C   1 
ATOM   788  O  O   . GLY B 1 1  ? -18.132 -4.468  -9.773  1.00 70.57 ? 16  GLY B O   1 
ATOM   789  N  N   . SER B 1 2  ? -17.270 -5.156  -7.802  1.00 68.60 ? 17  SER B N   1 
ATOM   790  C  CA  . SER B 1 2  ? -17.309 -6.591  -8.092  1.00 68.00 ? 17  SER B CA  1 
ATOM   791  C  C   . SER B 1 2  ? -16.899 -7.277  -6.788  1.00 67.52 ? 17  SER B C   1 
ATOM   792  O  O   . SER B 1 2  ? -16.312 -6.625  -5.919  1.00 68.43 ? 17  SER B O   1 
ATOM   793  C  CB  . SER B 1 2  ? -16.337 -6.945  -9.220  1.00 68.39 ? 17  SER B CB  1 
ATOM   794  O  OG  . SER B 1 2  ? -16.710 -6.315  -10.435 1.00 68.91 ? 17  SER B OG  1 
ATOM   795  N  N   . GLN B 1 3  ? -17.196 -8.572  -6.638  1.00 65.93 ? 18  GLN B N   1 
ATOM   796  C  CA  . GLN B 1 3  ? -16.891 -9.281  -5.385  1.00 63.42 ? 18  GLN B CA  1 
ATOM   797  C  C   . GLN B 1 3  ? -17.650 -8.516  -4.299  1.00 61.53 ? 18  GLN B C   1 
ATOM   798  O  O   . GLN B 1 3  ? -17.631 -8.868  -3.118  1.00 60.32 ? 18  GLN B O   1 
ATOM   799  C  CB  . GLN B 1 3  ? -15.395 -9.235  -5.062  1.00 63.91 ? 18  GLN B CB  1 
ATOM   800  C  CG  . GLN B 1 3  ? -14.515 -10.153 -5.876  1.00 64.18 ? 18  GLN B CG  1 
ATOM   801  C  CD  . GLN B 1 3  ? -13.042 -9.930  -5.575  1.00 65.05 ? 18  GLN B CD  1 
ATOM   802  O  OE1 . GLN B 1 3  ? -12.630 -9.906  -4.413  1.00 65.29 ? 18  GLN B OE1 1 
ATOM   803  N  NE2 . GLN B 1 3  ? -12.243 -9.766  -6.622  1.00 65.23 ? 18  GLN B NE2 1 
ATOM   804  N  N   . ILE B 1 4  ? -18.307 -7.452  -4.747  1.00 59.77 ? 19  ILE B N   1 
ATOM   805  C  CA  . ILE B 1 4  ? -19.090 -6.555  -3.923  1.00 57.94 ? 19  ILE B CA  1 
ATOM   806  C  C   . ILE B 1 4  ? -20.495 -6.530  -4.522  1.00 56.85 ? 19  ILE B C   1 
ATOM   807  O  O   . ILE B 1 4  ? -20.673 -6.240  -5.705  1.00 56.25 ? 19  ILE B O   1 
ATOM   808  C  CB  . ILE B 1 4  ? -18.493 -5.126  -3.960  1.00 58.02 ? 19  ILE B CB  1 
ATOM   809  C  CG1 . ILE B 1 4  ? -17.062 -5.143  -3.420  1.00 57.58 ? 19  ILE B CG1 1 
ATOM   810  C  CG2 . ILE B 1 4  ? -19.358 -4.172  -3.162  1.00 58.12 ? 19  ILE B CG2 1 
ATOM   811  C  CD1 . ILE B 1 4  ? -16.939 -5.694  -2.018  1.00 56.89 ? 19  ILE B CD1 1 
ATOM   812  N  N   . PRO B 1 5  ? -21.510 -6.854  -3.708  1.00 55.83 ? 20  PRO B N   1 
ATOM   813  C  CA  . PRO B 1 5  ? -22.904 -6.869  -4.151  1.00 54.47 ? 20  PRO B CA  1 
ATOM   814  C  C   . PRO B 1 5  ? -23.371 -5.578  -4.821  1.00 53.18 ? 20  PRO B C   1 
ATOM   815  O  O   . PRO B 1 5  ? -22.940 -4.480  -4.462  1.00 52.84 ? 20  PRO B O   1 
ATOM   816  C  CB  . PRO B 1 5  ? -23.656 -7.166  -2.863  1.00 54.74 ? 20  PRO B CB  1 
ATOM   817  C  CG  . PRO B 1 5  ? -22.718 -8.096  -2.175  1.00 55.48 ? 20  PRO B CG  1 
ATOM   818  C  CD  . PRO B 1 5  ? -21.405 -7.367  -2.332  1.00 55.55 ? 20  PRO B CD  1 
ATOM   819  N  N   . ALA B 1 6  ? -24.259 -5.729  -5.799  1.00 51.48 ? 21  ALA B N   1 
ATOM   820  C  CA  . ALA B 1 6  ? -24.800 -4.596  -6.535  1.00 49.19 ? 21  ALA B CA  1 
ATOM   821  C  C   . ALA B 1 6  ? -25.411 -3.577  -5.575  1.00 47.67 ? 21  ALA B C   1 
ATOM   822  O  O   . ALA B 1 6  ? -25.338 -2.367  -5.814  1.00 47.41 ? 21  ALA B O   1 
ATOM   823  C  CB  . ALA B 1 6  ? -25.854 -5.079  -7.535  1.00 48.55 ? 21  ALA B CB  1 
ATOM   824  N  N   . SER B 1 7  ? -26.012 -4.066  -4.492  1.00 45.06 ? 22  SER B N   1 
ATOM   825  C  CA  . SER B 1 7  ? -26.628 -3.185  -3.512  1.00 42.85 ? 22  SER B CA  1 
ATOM   826  C  C   . SER B 1 7  ? -25.603 -2.198  -2.978  1.00 41.60 ? 22  SER B C   1 
ATOM   827  O  O   . SER B 1 7  ? -25.925 -1.042  -2.715  1.00 41.54 ? 22  SER B O   1 
ATOM   828  C  CB  . SER B 1 7  ? -27.206 -3.997  -2.353  1.00 43.59 ? 22  SER B CB  1 
ATOM   829  O  OG  . SER B 1 7  ? -27.780 -3.141  -1.380  1.00 43.89 ? 22  SER B OG  1 
ATOM   830  N  N   . GLU B 1 8  ? -24.366 -2.662  -2.831  1.00 39.76 ? 23  GLU B N   1 
ATOM   831  C  CA  . GLU B 1 8  ? -23.280 -1.834  -2.321  1.00 37.90 ? 23  GLU B CA  1 
ATOM   832  C  C   . GLU B 1 8  ? -22.657 -0.918  -3.376  1.00 36.46 ? 23  GLU B C   1 
ATOM   833  O  O   . GLU B 1 8  ? -22.184 0.165   -3.047  1.00 36.60 ? 23  GLU B O   1 
ATOM   834  C  CB  . GLU B 1 8  ? -22.206 -2.731  -1.690  1.00 38.20 ? 23  GLU B CB  1 
ATOM   835  C  CG  . GLU B 1 8  ? -20.947 -2.012  -1.227  1.00 38.91 ? 23  GLU B CG  1 
ATOM   836  C  CD  . GLU B 1 8  ? -20.116 -2.855  -0.271  1.00 39.63 ? 23  GLU B CD  1 
ATOM   837  O  OE1 . GLU B 1 8  ? -20.135 -4.099  -0.400  1.00 38.97 ? 23  GLU B OE1 1 
ATOM   838  O  OE2 . GLU B 1 8  ? -19.439 -2.272  0.606   1.00 39.12 ? 23  GLU B OE2 1 
ATOM   839  N  N   . GLN B 1 9  ? -22.656 -1.348  -4.637  1.00 35.02 ? 24  GLN B N   1 
ATOM   840  C  CA  . GLN B 1 9  ? -22.092 -0.541  -5.723  1.00 33.85 ? 24  GLN B CA  1 
ATOM   841  C  C   . GLN B 1 9  ? -22.892 0.731   -5.955  1.00 33.62 ? 24  GLN B C   1 
ATOM   842  O  O   . GLN B 1 9  ? -22.347 1.749   -6.393  1.00 32.83 ? 24  GLN B O   1 
ATOM   843  C  CB  . GLN B 1 9  ? -22.110 -1.295  -7.040  1.00 34.05 ? 24  GLN B CB  1 
ATOM   844  C  CG  . GLN B 1 9  ? -21.384 -2.596  -7.082  1.00 36.02 ? 24  GLN B CG  1 
ATOM   845  C  CD  . GLN B 1 9  ? -21.450 -3.174  -8.470  1.00 38.56 ? 24  GLN B CD  1 
ATOM   846  O  OE1 . GLN B 1 9  ? -22.535 -3.339  -9.033  1.00 41.42 ? 24  GLN B OE1 1 
ATOM   847  N  NE2 . GLN B 1 9  ? -20.298 -3.473  -9.045  1.00 39.17 ? 24  GLN B NE2 1 
ATOM   848  N  N   . GLU B 1 10 ? -24.193 0.656   -5.687  1.00 33.21 ? 25  GLU B N   1 
ATOM   849  C  CA  . GLU B 1 10 ? -25.084 1.788   -5.891  1.00 32.58 ? 25  GLU B CA  1 
ATOM   850  C  C   . GLU B 1 10 ? -25.152 2.746   -4.700  1.00 31.40 ? 25  GLU B C   1 
ATOM   851  O  O   . GLU B 1 10 ? -25.863 3.749   -4.746  1.00 30.54 ? 25  GLU B O   1 
ATOM   852  C  CB  . GLU B 1 10 ? -26.491 1.283   -6.261  1.00 33.49 ? 25  GLU B CB  1 
ATOM   853  C  CG  . GLU B 1 10 ? -26.523 0.370   -7.501  1.00 35.12 ? 25  GLU B CG  1 
ATOM   854  C  CD  . GLU B 1 10 ? -26.051 1.061   -8.782  1.00 35.67 ? 25  GLU B CD  1 
ATOM   855  O  OE1 . GLU B 1 10 ? -25.529 0.374   -9.685  1.00 37.24 ? 25  GLU B OE1 1 
ATOM   856  O  OE2 . GLU B 1 10 ? -26.208 2.290   -8.901  1.00 37.30 ? 25  GLU B OE2 1 
ATOM   857  N  N   . THR B 1 11 ? -24.409 2.445   -3.640  1.00 30.13 ? 26  THR B N   1 
ATOM   858  C  CA  . THR B 1 11 ? -24.395 3.311   -2.467  1.00 31.09 ? 26  THR B CA  1 
ATOM   859  C  C   . THR B 1 11 ? -24.123 4.751   -2.906  1.00 31.60 ? 26  THR B C   1 
ATOM   860  O  O   . THR B 1 11 ? -23.287 4.992   -3.779  1.00 31.94 ? 26  THR B O   1 
ATOM   861  C  CB  . THR B 1 11 ? -23.295 2.896   -1.483  1.00 31.90 ? 26  THR B CB  1 
ATOM   862  O  OG1 . THR B 1 11 ? -23.489 1.532   -1.098  1.00 34.60 ? 26  THR B OG1 1 
ATOM   863  C  CG2 . THR B 1 11 ? -23.328 3.776   -0.249  1.00 32.03 ? 26  THR B CG2 1 
ATOM   864  N  N   . LEU B 1 12 ? -24.822 5.705   -2.296  1.00 31.83 ? 27  LEU B N   1 
ATOM   865  C  CA  . LEU B 1 12 ? -24.648 7.110   -2.646  1.00 30.08 ? 27  LEU B CA  1 
ATOM   866  C  C   . LEU B 1 12 ? -23.561 7.732   -1.778  1.00 28.81 ? 27  LEU B C   1 
ATOM   867  O  O   . LEU B 1 12 ? -23.543 7.549   -0.563  1.00 28.26 ? 27  LEU B O   1 
ATOM   868  C  CB  . LEU B 1 12 ? -25.962 7.860   -2.451  1.00 32.02 ? 27  LEU B CB  1 
ATOM   869  C  CG  . LEU B 1 12 ? -26.086 9.110   -3.321  1.00 34.51 ? 27  LEU B CG  1 
ATOM   870  C  CD1 . LEU B 1 12 ? -26.074 8.694   -4.791  1.00 33.70 ? 27  LEU B CD1 1 
ATOM   871  C  CD2 . LEU B 1 12 ? -27.369 9.863   -2.986  1.00 35.44 ? 27  LEU B CD2 1 
ATOM   872  N  N   . VAL B 1 13 ? -22.654 8.475   -2.397  1.00 27.53 ? 28  VAL B N   1 
ATOM   873  C  CA  . VAL B 1 13 ? -21.563 9.076   -1.645  1.00 26.28 ? 28  VAL B CA  1 
ATOM   874  C  C   . VAL B 1 13 ? -21.186 10.493  -2.081  1.00 26.50 ? 28  VAL B C   1 
ATOM   875  O  O   . VAL B 1 13 ? -21.562 10.949  -3.159  1.00 25.41 ? 28  VAL B O   1 
ATOM   876  C  CB  . VAL B 1 13 ? -20.309 8.183   -1.736  1.00 25.96 ? 28  VAL B CB  1 
ATOM   877  C  CG1 . VAL B 1 13 ? -20.579 6.837   -1.092  1.00 23.83 ? 28  VAL B CG1 1 
ATOM   878  C  CG2 . VAL B 1 13 ? -19.921 7.982   -3.193  1.00 26.27 ? 28  VAL B CG2 1 
ATOM   879  N  N   . ARG B 1 14 ? -20.444 11.178  -1.213  1.00 27.22 ? 29  ARG B N   1 
ATOM   880  C  CA  . ARG B 1 14 ? -19.960 12.538  -1.450  1.00 27.26 ? 29  ARG B CA  1 
ATOM   881  C  C   . ARG B 1 14 ? -18.448 12.547  -1.235  1.00 26.14 ? 29  ARG B C   1 
ATOM   882  O  O   . ARG B 1 14 ? -17.986 12.670  -0.100  1.00 26.98 ? 29  ARG B O   1 
ATOM   883  C  CB  . ARG B 1 14 ? -20.589 13.514  -0.458  1.00 30.34 ? 29  ARG B CB  1 
ATOM   884  C  CG  . ARG B 1 14 ? -21.893 14.127  -0.897  1.00 36.66 ? 29  ARG B CG  1 
ATOM   885  C  CD  . ARG B 1 14 ? -22.543 14.918  0.246   1.00 41.83 ? 29  ARG B CD  1 
ATOM   886  N  NE  . ARG B 1 14 ? -23.646 15.748  -0.239  1.00 44.90 ? 29  ARG B NE  1 
ATOM   887  C  CZ  . ARG B 1 14 ? -23.483 16.802  -1.035  1.00 45.93 ? 29  ARG B CZ  1 
ATOM   888  N  NH1 . ARG B 1 14 ? -22.262 17.153  -1.428  1.00 45.38 ? 29  ARG B NH1 1 
ATOM   889  N  NH2 . ARG B 1 14 ? -24.536 17.499  -1.449  1.00 47.08 ? 29  ARG B NH2 1 
ATOM   890  N  N   . PRO B 1 15 ? -17.657 12.410  -2.317  1.00 23.72 ? 30  PRO B N   1 
ATOM   891  C  CA  . PRO B 1 15 ? -16.200 12.411  -2.179  1.00 21.99 ? 30  PRO B CA  1 
ATOM   892  C  C   . PRO B 1 15 ? -15.689 13.641  -1.435  1.00 22.31 ? 30  PRO B C   1 
ATOM   893  O  O   . PRO B 1 15 ? -16.279 14.717  -1.520  1.00 22.75 ? 30  PRO B O   1 
ATOM   894  C  CB  . PRO B 1 15 ? -15.726 12.378  -3.626  1.00 19.74 ? 30  PRO B CB  1 
ATOM   895  C  CG  . PRO B 1 15 ? -16.764 11.578  -4.285  1.00 20.15 ? 30  PRO B CG  1 
ATOM   896  C  CD  . PRO B 1 15 ? -18.036 12.156  -3.717  1.00 22.09 ? 30  PRO B CD  1 
ATOM   897  N  N   . LYS B 1 16 ? -14.596 13.475  -0.700  1.00 21.76 ? 31  LYS B N   1 
ATOM   898  C  CA  . LYS B 1 16 ? -14.005 14.583  0.024   1.00 21.41 ? 31  LYS B CA  1 
ATOM   899  C  C   . LYS B 1 16 ? -13.225 15.423  -0.965  1.00 21.88 ? 31  LYS B C   1 
ATOM   900  O  O   . LYS B 1 16 ? -12.984 15.001  -2.086  1.00 22.93 ? 31  LYS B O   1 
ATOM   901  C  CB  . LYS B 1 16 ? -13.111 14.067  1.142   1.00 21.00 ? 31  LYS B CB  1 
ATOM   902  C  CG  . LYS B 1 16 ? -13.918 13.405  2.229   1.00 21.98 ? 31  LYS B CG  1 
ATOM   903  C  CD  . LYS B 1 16 ? -13.062 12.960  3.368   1.00 23.30 ? 31  LYS B CD  1 
ATOM   904  C  CE  . LYS B 1 16 ? -13.911 12.263  4.393   1.00 25.54 ? 31  LYS B CE  1 
ATOM   905  N  NZ  . LYS B 1 16 ? -13.073 11.718  5.484   1.00 29.06 ? 31  LYS B NZ  1 
ATOM   906  N  N   . PRO B 1 17 ? -12.811 16.624  -0.563  1.00 22.89 ? 32  PRO B N   1 
ATOM   907  C  CA  . PRO B 1 17 ? -12.064 17.516  -1.449  1.00 23.01 ? 32  PRO B CA  1 
ATOM   908  C  C   . PRO B 1 17 ? -11.029 16.926  -2.398  1.00 23.62 ? 32  PRO B C   1 
ATOM   909  O  O   . PRO B 1 17 ? -11.058 17.234  -3.591  1.00 24.43 ? 32  PRO B O   1 
ATOM   910  C  CB  . PRO B 1 17 ? -11.469 18.530  -0.482  1.00 24.13 ? 32  PRO B CB  1 
ATOM   911  C  CG  . PRO B 1 17 ? -12.585 18.665  0.529   1.00 23.81 ? 32  PRO B CG  1 
ATOM   912  C  CD  . PRO B 1 17 ? -12.952 17.214  0.780   1.00 21.78 ? 32  PRO B CD  1 
ATOM   913  N  N   . LEU B 1 18 ? -10.122 16.086  -1.906  1.00 23.84 ? 33  LEU B N   1 
ATOM   914  C  CA  . LEU B 1 18 ? -9.099  15.527  -2.795  1.00 23.80 ? 33  LEU B CA  1 
ATOM   915  C  C   . LEU B 1 18 ? -9.584  14.484  -3.785  1.00 22.58 ? 33  LEU B C   1 
ATOM   916  O  O   . LEU B 1 18 ? -9.245  14.555  -4.963  1.00 22.78 ? 33  LEU B O   1 
ATOM   917  C  CB  . LEU B 1 18 ? -7.919  14.980  -1.994  1.00 25.67 ? 33  LEU B CB  1 
ATOM   918  C  CG  . LEU B 1 18 ? -6.738  15.963  -1.950  1.00 29.82 ? 33  LEU B CG  1 
ATOM   919  C  CD1 . LEU B 1 18 ? -7.190  17.371  -1.503  1.00 27.85 ? 33  LEU B CD1 1 
ATOM   920  C  CD2 . LEU B 1 18 ? -5.677  15.410  -1.008  1.00 32.02 ? 33  LEU B CD2 1 
ATOM   921  N  N   . LEU B 1 19 ? -10.362 13.512  -3.324  1.00 21.84 ? 34  LEU B N   1 
ATOM   922  C  CA  . LEU B 1 19 ? -10.890 12.505  -4.236  1.00 20.58 ? 34  LEU B CA  1 
ATOM   923  C  C   . LEU B 1 19 ? -11.797 13.210  -5.246  1.00 21.79 ? 34  LEU B C   1 
ATOM   924  O  O   . LEU B 1 19 ? -11.826 12.849  -6.423  1.00 21.85 ? 34  LEU B O   1 
ATOM   925  C  CB  . LEU B 1 19 ? -11.690 11.452  -3.474  1.00 18.95 ? 34  LEU B CB  1 
ATOM   926  C  CG  . LEU B 1 19 ? -12.540 10.497  -4.315  1.00 16.21 ? 34  LEU B CG  1 
ATOM   927  C  CD1 . LEU B 1 19 ? -11.684 9.733   -5.303  1.00 14.84 ? 34  LEU B CD1 1 
ATOM   928  C  CD2 . LEU B 1 19 ? -13.259 9.548   -3.393  1.00 14.47 ? 34  LEU B CD2 1 
ATOM   929  N  N   . LEU B 1 20 ? -12.528 14.222  -4.781  1.00 21.35 ? 35  LEU B N   1 
ATOM   930  C  CA  . LEU B 1 20 ? -13.429 14.981  -5.640  1.00 23.24 ? 35  LEU B CA  1 
ATOM   931  C  C   . LEU B 1 20 ? -12.644 15.628  -6.776  1.00 24.46 ? 35  LEU B C   1 
ATOM   932  O  O   . LEU B 1 20 ? -13.017 15.501  -7.946  1.00 26.24 ? 35  LEU B O   1 
ATOM   933  C  CB  . LEU B 1 20 ? -14.172 16.049  -4.822  1.00 23.11 ? 35  LEU B CB  1 
ATOM   934  C  CG  . LEU B 1 20 ? -15.309 16.864  -5.453  1.00 21.91 ? 35  LEU B CG  1 
ATOM   935  C  CD1 . LEU B 1 20 ? -14.750 17.887  -6.416  1.00 24.30 ? 35  LEU B CD1 1 
ATOM   936  C  CD2 . LEU B 1 20 ? -16.278 15.934  -6.151  1.00 21.10 ? 35  LEU B CD2 1 
ATOM   937  N  N   . LYS B 1 21 ? -11.556 16.314  -6.441  1.00 25.78 ? 36  LYS B N   1 
ATOM   938  C  CA  . LYS B 1 21 ? -10.729 16.957  -7.463  1.00 27.23 ? 36  LYS B CA  1 
ATOM   939  C  C   . LYS B 1 21 ? -10.192 15.885  -8.401  1.00 25.97 ? 36  LYS B C   1 
ATOM   940  O  O   . LYS B 1 21 ? -10.132 16.068  -9.614  1.00 26.46 ? 36  LYS B O   1 
ATOM   941  C  CB  . LYS B 1 21 ? -9.550  17.703  -6.830  1.00 29.66 ? 36  LYS B CB  1 
ATOM   942  C  CG  . LYS B 1 21 ? -8.553  18.228  -7.864  1.00 34.89 ? 36  LYS B CG  1 
ATOM   943  C  CD  . LYS B 1 21 ? -7.265  18.767  -7.234  1.00 39.02 ? 36  LYS B CD  1 
ATOM   944  C  CE  . LYS B 1 21 ? -7.503  20.080  -6.478  1.00 40.89 ? 36  LYS B CE  1 
ATOM   945  N  NZ  . LYS B 1 21 ? -6.264  20.573  -5.804  1.00 41.10 ? 36  LYS B NZ  1 
ATOM   946  N  N   . LEU B 1 22 ? -9.798  14.766  -7.812  1.00 24.62 ? 37  LEU B N   1 
ATOM   947  C  CA  . LEU B 1 22 ? -9.262  13.638  -8.550  1.00 23.95 ? 37  LEU B CA  1 
ATOM   948  C  C   . LEU B 1 22 ? -10.281 13.191  -9.602  1.00 24.31 ? 37  LEU B C   1 
ATOM   949  O  O   . LEU B 1 22 ? -9.945  12.965  -10.768 1.00 23.47 ? 37  LEU B O   1 
ATOM   950  C  CB  . LEU B 1 22 ? -8.985  12.501  -7.571  1.00 24.17 ? 37  LEU B CB  1 
ATOM   951  C  CG  . LEU B 1 22 ? -8.024  11.379  -7.940  1.00 23.29 ? 37  LEU B CG  1 
ATOM   952  C  CD1 . LEU B 1 22 ? -8.526  10.642  -9.161  1.00 23.78 ? 37  LEU B CD1 1 
ATOM   953  C  CD2 . LEU B 1 22 ? -6.661  11.971  -8.168  1.00 22.87 ? 37  LEU B CD2 1 
ATOM   954  N  N   . LEU B 1 23 ? -11.536 13.075  -9.182  1.00 23.54 ? 38  LEU B N   1 
ATOM   955  C  CA  . LEU B 1 23 ? -12.589 12.642  -10.084 1.00 22.21 ? 38  LEU B CA  1 
ATOM   956  C  C   . LEU B 1 23 ? -12.841 13.674  -11.172 1.00 23.19 ? 38  LEU B C   1 
ATOM   957  O  O   . LEU B 1 23 ? -12.829 13.346  -12.359 1.00 22.61 ? 38  LEU B O   1 
ATOM   958  C  CB  . LEU B 1 23 ? -13.873 12.361  -9.294  1.00 19.75 ? 38  LEU B CB  1 
ATOM   959  C  CG  . LEU B 1 23 ? -13.739 11.215  -8.285  1.00 18.15 ? 38  LEU B CG  1 
ATOM   960  C  CD1 . LEU B 1 23 ? -15.033 11.072  -7.509  1.00 17.80 ? 38  LEU B CD1 1 
ATOM   961  C  CD2 . LEU B 1 23 ? -13.377 9.911   -9.000  1.00 13.79 ? 38  LEU B CD2 1 
ATOM   962  N  N   . LYS B 1 24 ? -13.058 14.924  -10.774 1.00 23.47 ? 39  LYS B N   1 
ATOM   963  C  CA  . LYS B 1 24 ? -13.307 15.976  -11.750 1.00 23.12 ? 39  LYS B CA  1 
ATOM   964  C  C   . LYS B 1 24 ? -12.144 16.165  -12.714 1.00 23.00 ? 39  LYS B C   1 
ATOM   965  O  O   . LYS B 1 24 ? -12.315 16.720  -13.799 1.00 24.35 ? 39  LYS B O   1 
ATOM   966  C  CB  . LYS B 1 24 ? -13.627 17.299  -11.046 1.00 22.03 ? 39  LYS B CB  1 
ATOM   967  C  CG  . LYS B 1 24 ? -14.979 17.294  -10.366 1.00 21.92 ? 39  LYS B CG  1 
ATOM   968  C  CD  . LYS B 1 24 ? -15.399 18.673  -9.906  1.00 21.67 ? 39  LYS B CD  1 
ATOM   969  C  CE  . LYS B 1 24 ? -16.764 18.605  -9.238  1.00 23.47 ? 39  LYS B CE  1 
ATOM   970  N  NZ  . LYS B 1 24 ? -17.269 19.931  -8.804  1.00 25.04 ? 39  LYS B NZ  1 
ATOM   971  N  N   . SER B 1 25 ? -10.962 15.693  -12.330 1.00 22.84 ? 40  SER B N   1 
ATOM   972  C  CA  . SER B 1 25 ? -9.790  15.837  -13.179 1.00 22.58 ? 40  SER B CA  1 
ATOM   973  C  C   . SER B 1 25 ? -9.862  14.948  -14.416 1.00 22.05 ? 40  SER B C   1 
ATOM   974  O  O   . SER B 1 25 ? -9.118  15.151  -15.364 1.00 21.69 ? 40  SER B O   1 
ATOM   975  C  CB  . SER B 1 25 ? -8.526  15.500  -12.399 1.00 23.43 ? 40  SER B CB  1 
ATOM   976  O  OG  . SER B 1 25 ? -8.426  14.103  -12.200 1.00 28.08 ? 40  SER B OG  1 
ATOM   977  N  N   . VAL B 1 26 ? -10.740 13.948  -14.397 1.00 21.71 ? 41  VAL B N   1 
ATOM   978  C  CA  . VAL B 1 26 ? -10.891 13.052  -15.539 1.00 21.00 ? 41  VAL B CA  1 
ATOM   979  C  C   . VAL B 1 26 ? -12.278 13.120  -16.181 1.00 20.46 ? 41  VAL B C   1 
ATOM   980  O  O   . VAL B 1 26 ? -12.732 12.162  -16.807 1.00 19.29 ? 41  VAL B O   1 
ATOM   981  C  CB  . VAL B 1 26 ? -10.591 11.576  -15.157 1.00 21.00 ? 41  VAL B CB  1 
ATOM   982  C  CG1 . VAL B 1 26 ? -9.098  11.373  -14.993 1.00 20.90 ? 41  VAL B CG1 1 
ATOM   983  C  CG2 . VAL B 1 26 ? -11.314 11.209  -13.874 1.00 21.11 ? 41  VAL B CG2 1 
ATOM   984  N  N   . GLY B 1 27 ? -12.958 14.249  -16.014 1.00 20.63 ? 42  GLY B N   1 
ATOM   985  C  CA  . GLY B 1 27 ? -14.263 14.399  -16.629 1.00 21.67 ? 42  GLY B CA  1 
ATOM   986  C  C   . GLY B 1 27 ? -15.487 14.308  -15.743 1.00 23.07 ? 42  GLY B C   1 
ATOM   987  O  O   . GLY B 1 27 ? -16.586 14.614  -16.204 1.00 25.32 ? 42  GLY B O   1 
ATOM   988  N  N   . ALA B 1 28 ? -15.335 13.876  -14.497 1.00 23.14 ? 43  ALA B N   1 
ATOM   989  C  CA  . ALA B 1 28 ? -16.489 13.793  -13.607 1.00 23.56 ? 43  ALA B CA  1 
ATOM   990  C  C   . ALA B 1 28 ? -17.007 15.203  -13.387 1.00 24.33 ? 43  ALA B C   1 
ATOM   991  O  O   . ALA B 1 28 ? -16.248 16.169  -13.495 1.00 24.32 ? 43  ALA B O   1 
ATOM   992  C  CB  . ALA B 1 28 ? -16.095 13.178  -12.274 1.00 21.83 ? 43  ALA B CB  1 
ATOM   993  N  N   . GLN B 1 29 ? -18.296 15.328  -13.086 1.00 26.17 ? 44  GLN B N   1 
ATOM   994  C  CA  . GLN B 1 29 ? -18.874 16.642  -12.839 1.00 28.32 ? 44  GLN B CA  1 
ATOM   995  C  C   . GLN B 1 29 ? -20.075 16.677  -11.902 1.00 28.06 ? 44  GLN B C   1 
ATOM   996  O  O   . GLN B 1 29 ? -21.074 17.342  -12.170 1.00 29.03 ? 44  GLN B O   1 
ATOM   997  C  CB  . GLN B 1 29 ? -19.218 17.316  -14.161 1.00 30.41 ? 44  GLN B CB  1 
ATOM   998  C  CG  . GLN B 1 29 ? -19.786 16.392  -15.190 1.00 32.34 ? 44  GLN B CG  1 
ATOM   999  C  CD  . GLN B 1 29 ? -19.309 16.761  -16.571 1.00 36.11 ? 44  GLN B CD  1 
ATOM   1000 O  OE1 . GLN B 1 29 ? -19.907 16.366  -17.572 1.00 39.23 ? 44  GLN B OE1 1 
ATOM   1001 N  NE2 . GLN B 1 29 ? -18.216 17.521  -16.637 1.00 34.61 ? 44  GLN B NE2 1 
ATOM   1002 N  N   . LYS B 1 30 ? -19.959 15.962  -10.792 1.00 27.71 ? 45  LYS B N   1 
ATOM   1003 C  CA  . LYS B 1 30 ? -20.995 15.924  -9.778  1.00 26.34 ? 45  LYS B CA  1 
ATOM   1004 C  C   . LYS B 1 30 ? -20.284 16.023  -8.436  1.00 26.44 ? 45  LYS B C   1 
ATOM   1005 O  O   . LYS B 1 30 ? -19.068 15.891  -8.358  1.00 24.81 ? 45  LYS B O   1 
ATOM   1006 C  CB  . LYS B 1 30 ? -21.782 14.614  -9.854  1.00 25.51 ? 45  LYS B CB  1 
ATOM   1007 C  CG  . LYS B 1 30 ? -22.556 14.415  -11.148 1.00 24.73 ? 45  LYS B CG  1 
ATOM   1008 C  CD  . LYS B 1 30 ? -23.503 13.211  -11.069 1.00 22.41 ? 45  LYS B CD  1 
ATOM   1009 C  CE  . LYS B 1 30 ? -22.757 11.892  -10.952 1.00 22.58 ? 45  LYS B CE  1 
ATOM   1010 N  NZ  . LYS B 1 30 ? -23.690 10.737  -10.860 1.00 21.97 ? 45  LYS B NZ  1 
ATOM   1011 N  N   . ASP B 1 31 ? -21.038 16.277  -7.379  1.00 27.49 ? 46  ASP B N   1 
ATOM   1012 C  CA  . ASP B 1 31 ? -20.449 16.366  -6.061  1.00 29.65 ? 46  ASP B CA  1 
ATOM   1013 C  C   . ASP B 1 31 ? -20.861 15.129  -5.282  1.00 29.90 ? 46  ASP B C   1 
ATOM   1014 O  O   . ASP B 1 31 ? -20.353 14.868  -4.192  1.00 30.84 ? 46  ASP B O   1 
ATOM   1015 C  CB  . ASP B 1 31 ? -20.914 17.633  -5.339  1.00 31.90 ? 46  ASP B CB  1 
ATOM   1016 C  CG  . ASP B 1 31 ? -20.441 18.900  -6.028  1.00 35.00 ? 46  ASP B CG  1 
ATOM   1017 O  OD1 . ASP B 1 31 ? -19.417 18.843  -6.750  1.00 35.36 ? 46  ASP B OD1 1 
ATOM   1018 O  OD2 . ASP B 1 31 ? -21.083 19.959  -5.841  1.00 38.35 ? 46  ASP B OD2 1 
ATOM   1019 N  N   . THR B 1 32 ? -21.795 14.371  -5.847  1.00 28.25 ? 47  THR B N   1 
ATOM   1020 C  CA  . THR B 1 32 ? -22.255 13.147  -5.215  1.00 26.53 ? 47  THR B CA  1 
ATOM   1021 C  C   . THR B 1 32 ? -22.346 12.052  -6.283  1.00 26.33 ? 47  THR B C   1 
ATOM   1022 O  O   . THR B 1 32 ? -22.842 12.280  -7.395  1.00 24.66 ? 47  THR B O   1 
ATOM   1023 C  CB  . THR B 1 32 ? -23.611 13.357  -4.520  1.00 25.97 ? 47  THR B CB  1 
ATOM   1024 O  OG1 . THR B 1 32 ? -24.650 13.391  -5.496  1.00 29.66 ? 47  THR B OG1 1 
ATOM   1025 C  CG2 . THR B 1 32 ? -23.614 14.680  -3.768  1.00 25.29 ? 47  THR B CG2 1 
ATOM   1026 N  N   . TYR B 1 33 ? -21.835 10.870  -5.941  1.00 25.00 ? 48  TYR B N   1 
ATOM   1027 C  CA  . TYR B 1 33 ? -21.810 9.734   -6.853  1.00 22.05 ? 48  TYR B CA  1 
ATOM   1028 C  C   . TYR B 1 33 ? -22.234 8.457   -6.171  1.00 22.37 ? 48  TYR B C   1 
ATOM   1029 O  O   . TYR B 1 33 ? -22.530 8.431   -4.978  1.00 24.13 ? 48  TYR B O   1 
ATOM   1030 C  CB  . TYR B 1 33 ? -20.391 9.499   -7.374  1.00 18.72 ? 48  TYR B CB  1 
ATOM   1031 C  CG  . TYR B 1 33 ? -19.730 10.699  -7.991  1.00 17.49 ? 48  TYR B CG  1 
ATOM   1032 C  CD1 . TYR B 1 33 ? -19.284 11.755  -7.200  1.00 14.67 ? 48  TYR B CD1 1 
ATOM   1033 C  CD2 . TYR B 1 33 ? -19.562 10.789  -9.379  1.00 16.56 ? 48  TYR B CD2 1 
ATOM   1034 C  CE1 . TYR B 1 33 ? -18.686 12.878  -7.773  1.00 15.15 ? 48  TYR B CE1 1 
ATOM   1035 C  CE2 . TYR B 1 33 ? -18.967 11.905  -9.962  1.00 14.88 ? 48  TYR B CE2 1 
ATOM   1036 C  CZ  . TYR B 1 33 ? -18.534 12.946  -9.154  1.00 14.29 ? 48  TYR B CZ  1 
ATOM   1037 O  OH  . TYR B 1 33 ? -17.973 14.060  -9.724  1.00 11.62 ? 48  TYR B OH  1 
ATOM   1038 N  N   . THR B 1 34 ? -22.262 7.391   -6.956  1.00 21.05 ? 49  THR B N   1 
ATOM   1039 C  CA  . THR B 1 34 ? -22.565 6.074   -6.442  1.00 20.88 ? 49  THR B CA  1 
ATOM   1040 C  C   . THR B 1 34 ? -21.179 5.452   -6.463  1.00 21.56 ? 49  THR B C   1 
ATOM   1041 O  O   . THR B 1 34 ? -20.317 5.886   -7.227  1.00 20.95 ? 49  THR B O   1 
ATOM   1042 C  CB  . THR B 1 34 ? -23.483 5.283   -7.376  1.00 21.01 ? 49  THR B CB  1 
ATOM   1043 O  OG1 . THR B 1 34 ? -22.923 5.269   -8.695  1.00 20.62 ? 49  THR B OG1 1 
ATOM   1044 C  CG2 . THR B 1 34 ? -24.868 5.909   -7.410  1.00 20.43 ? 49  THR B CG2 1 
ATOM   1045 N  N   . MET B 1 35 ? -20.942 4.454   -5.630  1.00 21.99 ? 50  MET B N   1 
ATOM   1046 C  CA  . MET B 1 35 ? -19.629 3.846   -5.622  1.00 22.17 ? 50  MET B CA  1 
ATOM   1047 C  C   . MET B 1 35 ? -19.236 3.397   -7.022  1.00 23.13 ? 50  MET B C   1 
ATOM   1048 O  O   . MET B 1 35 ? -18.108 3.626   -7.458  1.00 24.75 ? 50  MET B O   1 
ATOM   1049 C  CB  . MET B 1 35 ? -19.598 2.672   -4.649  1.00 21.51 ? 50  MET B CB  1 
ATOM   1050 C  CG  . MET B 1 35 ? -19.601 3.098   -3.190  1.00 20.37 ? 50  MET B CG  1 
ATOM   1051 S  SD  . MET B 1 35 ? -18.140 4.057   -2.779  1.00 17.80 ? 50  MET B SD  1 
ATOM   1052 C  CE  . MET B 1 35 ? -16.942 2.754   -2.600  1.00 19.47 ? 50  MET B CE  1 
ATOM   1053 N  N   . LYS B 1 36 ? -20.174 2.782   -7.732  1.00 23.62 ? 51  LYS B N   1 
ATOM   1054 C  CA  . LYS B 1 36 ? -19.923 2.294   -9.080  1.00 23.64 ? 51  LYS B CA  1 
ATOM   1055 C  C   . LYS B 1 36 ? -19.369 3.382   -10.004 1.00 22.86 ? 51  LYS B C   1 
ATOM   1056 O  O   . LYS B 1 36 ? -18.500 3.116   -10.835 1.00 21.33 ? 51  LYS B O   1 
ATOM   1057 C  CB  . LYS B 1 36 ? -21.214 1.724   -9.649  1.00 27.22 ? 51  LYS B CB  1 
ATOM   1058 C  CG  . LYS B 1 36 ? -21.138 1.202   -11.077 1.00 33.26 ? 51  LYS B CG  1 
ATOM   1059 C  CD  . LYS B 1 36 ? -22.550 0.827   -11.546 1.00 37.57 ? 51  LYS B CD  1 
ATOM   1060 C  CE  . LYS B 1 36 ? -22.610 0.415   -13.009 1.00 39.94 ? 51  LYS B CE  1 
ATOM   1061 N  NZ  . LYS B 1 36 ? -24.020 0.144   -13.425 1.00 40.63 ? 51  LYS B NZ  1 
ATOM   1062 N  N   . GLU B 1 37 ? -19.863 4.607   -9.851  1.00 22.09 ? 52  GLU B N   1 
ATOM   1063 C  CA  . GLU B 1 37 ? -19.405 5.709   -10.689 1.00 22.25 ? 52  GLU B CA  1 
ATOM   1064 C  C   . GLU B 1 37 ? -18.027 6.175   -10.267 1.00 22.48 ? 52  GLU B C   1 
ATOM   1065 O  O   . GLU B 1 37 ? -17.209 6.526   -11.111 1.00 24.36 ? 52  GLU B O   1 
ATOM   1066 C  CB  . GLU B 1 37 ? -20.371 6.892   -10.616 1.00 22.11 ? 52  GLU B CB  1 
ATOM   1067 C  CG  . GLU B 1 37 ? -21.781 6.568   -11.039 1.00 23.11 ? 52  GLU B CG  1 
ATOM   1068 C  CD  . GLU B 1 37 ? -22.706 7.745   -10.860 1.00 24.87 ? 52  GLU B CD  1 
ATOM   1069 O  OE1 . GLU B 1 37 ? -22.665 8.344   -9.768  1.00 26.34 ? 52  GLU B OE1 1 
ATOM   1070 O  OE2 . GLU B 1 37 ? -23.472 8.073   -11.794 1.00 24.55 ? 52  GLU B OE2 1 
ATOM   1071 N  N   . VAL B 1 38 ? -17.776 6.203   -8.961  1.00 22.01 ? 53  VAL B N   1 
ATOM   1072 C  CA  . VAL B 1 38 ? -16.472 6.621   -8.468  1.00 20.85 ? 53  VAL B CA  1 
ATOM   1073 C  C   . VAL B 1 38 ? -15.436 5.652   -9.014  1.00 20.70 ? 53  VAL B C   1 
ATOM   1074 O  O   . VAL B 1 38 ? -14.381 6.065   -9.497  1.00 21.78 ? 53  VAL B O   1 
ATOM   1075 C  CB  . VAL B 1 38 ? -16.414 6.630   -6.921  1.00 20.39 ? 53  VAL B CB  1 
ATOM   1076 C  CG1 . VAL B 1 38 ? -14.985 6.882   -6.445  1.00 20.30 ? 53  VAL B CG1 1 
ATOM   1077 C  CG2 . VAL B 1 38 ? -17.321 7.721   -6.383  1.00 17.77 ? 53  VAL B CG2 1 
ATOM   1078 N  N   . LEU B 1 39 ? -15.747 4.362   -8.953  1.00 18.69 ? 54  LEU B N   1 
ATOM   1079 C  CA  . LEU B 1 39 ? -14.835 3.350   -9.465  1.00 18.25 ? 54  LEU B CA  1 
ATOM   1080 C  C   . LEU B 1 39 ? -14.577 3.571   -10.944 1.00 19.18 ? 54  LEU B C   1 
ATOM   1081 O  O   . LEU B 1 39 ? -13.445 3.471   -11.412 1.00 21.17 ? 54  LEU B O   1 
ATOM   1082 C  CB  . LEU B 1 39 ? -15.415 1.949   -9.244  1.00 16.24 ? 54  LEU B CB  1 
ATOM   1083 C  CG  . LEU B 1 39 ? -15.170 1.377   -7.846  1.00 16.25 ? 54  LEU B CG  1 
ATOM   1084 C  CD1 . LEU B 1 39 ? -16.094 0.211   -7.593  1.00 17.08 ? 54  LEU B CD1 1 
ATOM   1085 C  CD2 . LEU B 1 39 ? -13.712 0.957   -7.720  1.00 15.18 ? 54  LEU B CD2 1 
ATOM   1086 N  N   . PHE B 1 40 ? -15.631 3.885   -11.686 1.00 18.72 ? 55  PHE B N   1 
ATOM   1087 C  CA  . PHE B 1 40 ? -15.480 4.096   -13.116 1.00 17.35 ? 55  PHE B CA  1 
ATOM   1088 C  C   . PHE B 1 40 ? -14.527 5.240   -13.426 1.00 16.84 ? 55  PHE B C   1 
ATOM   1089 O  O   . PHE B 1 40 ? -13.644 5.096   -14.271 1.00 16.53 ? 55  PHE B O   1 
ATOM   1090 C  CB  . PHE B 1 40 ? -16.831 4.379   -13.774 1.00 16.08 ? 55  PHE B CB  1 
ATOM   1091 C  CG  . PHE B 1 40 ? -16.747 4.532   -15.261 1.00 13.16 ? 55  PHE B CG  1 
ATOM   1092 C  CD1 . PHE B 1 40 ? -16.855 3.427   -16.091 1.00 13.47 ? 55  PHE B CD1 1 
ATOM   1093 C  CD2 . PHE B 1 40 ? -16.533 5.778   -15.830 1.00 13.10 ? 55  PHE B CD2 1 
ATOM   1094 C  CE1 . PHE B 1 40 ? -16.751 3.560   -17.477 1.00 14.38 ? 55  PHE B CE1 1 
ATOM   1095 C  CE2 . PHE B 1 40 ? -16.425 5.923   -17.210 1.00 15.33 ? 55  PHE B CE2 1 
ATOM   1096 C  CZ  . PHE B 1 40 ? -16.537 4.811   -18.036 1.00 14.15 ? 55  PHE B CZ  1 
ATOM   1097 N  N   . TYR B 1 41 ? -14.718 6.381   -12.769 1.00 15.88 ? 56  TYR B N   1 
ATOM   1098 C  CA  . TYR B 1 41 ? -13.848 7.529   -13.011 1.00 16.71 ? 56  TYR B CA  1 
ATOM   1099 C  C   . TYR B 1 41 ? -12.450 7.222   -12.507 1.00 17.18 ? 56  TYR B C   1 
ATOM   1100 O  O   . TYR B 1 41 ? -11.445 7.590   -13.129 1.00 18.33 ? 56  TYR B O   1 
ATOM   1101 C  CB  . TYR B 1 41 ? -14.401 8.777   -12.323 1.00 14.68 ? 56  TYR B CB  1 
ATOM   1102 C  CG  . TYR B 1 41 ? -15.600 9.355   -13.036 1.00 15.03 ? 56  TYR B CG  1 
ATOM   1103 C  CD1 . TYR B 1 41 ? -15.482 9.872   -14.330 1.00 13.76 ? 56  TYR B CD1 1 
ATOM   1104 C  CD2 . TYR B 1 41 ? -16.858 9.378   -12.427 1.00 13.07 ? 56  TYR B CD2 1 
ATOM   1105 C  CE1 . TYR B 1 41 ? -16.582 10.397  -14.994 1.00 13.34 ? 56  TYR B CE1 1 
ATOM   1106 C  CE2 . TYR B 1 41 ? -17.965 9.902   -13.080 1.00 11.69 ? 56  TYR B CE2 1 
ATOM   1107 C  CZ  . TYR B 1 41 ? -17.822 10.409  -14.363 1.00 14.83 ? 56  TYR B CZ  1 
ATOM   1108 O  OH  . TYR B 1 41 ? -18.918 10.929  -15.020 1.00 17.14 ? 56  TYR B OH  1 
ATOM   1109 N  N   . LEU B 1 42 ? -12.388 6.522   -11.384 1.00 15.95 ? 57  LEU B N   1 
ATOM   1110 C  CA  . LEU B 1 42 ? -11.110 6.161   -10.812 1.00 15.23 ? 57  LEU B CA  1 
ATOM   1111 C  C   . LEU B 1 42 ? -10.421 5.221   -11.802 1.00 17.37 ? 57  LEU B C   1 
ATOM   1112 O  O   . LEU B 1 42 ? -9.185  5.209   -11.914 1.00 19.15 ? 57  LEU B O   1 
ATOM   1113 C  CB  . LEU B 1 42 ? -11.331 5.500   -9.454  1.00 10.41 ? 57  LEU B CB  1 
ATOM   1114 C  CG  . LEU B 1 42 ? -10.505 6.009   -8.273  1.00 8.48  ? 57  LEU B CG  1 
ATOM   1115 C  CD1 . LEU B 1 42 ? -9.954  7.402   -8.511  1.00 4.70  ? 57  LEU B CD1 1 
ATOM   1116 C  CD2 . LEU B 1 42 ? -11.394 5.984   -7.052  1.00 9.80  ? 57  LEU B CD2 1 
ATOM   1117 N  N   . GLY B 1 43 ? -11.226 4.454   -12.537 1.00 16.74 ? 58  GLY B N   1 
ATOM   1118 C  CA  . GLY B 1 43 ? -10.681 3.546   -13.529 1.00 16.76 ? 58  GLY B CA  1 
ATOM   1119 C  C   . GLY B 1 43 ? -10.089 4.309   -14.697 1.00 17.69 ? 58  GLY B C   1 
ATOM   1120 O  O   . GLY B 1 43 ? -9.073  3.901   -15.253 1.00 18.17 ? 58  GLY B O   1 
ATOM   1121 N  N   . GLN B 1 44 ? -10.724 5.418   -15.071 1.00 19.01 ? 59  GLN B N   1 
ATOM   1122 C  CA  . GLN B 1 44 ? -10.237 6.235   -16.180 1.00 20.34 ? 59  GLN B CA  1 
ATOM   1123 C  C   . GLN B 1 44 ? -8.968  6.924   -15.727 1.00 20.81 ? 59  GLN B C   1 
ATOM   1124 O  O   . GLN B 1 44 ? -8.009  7.042   -16.493 1.00 21.44 ? 59  GLN B O   1 
ATOM   1125 C  CB  . GLN B 1 44 ? -11.259 7.305   -16.590 1.00 21.48 ? 59  GLN B CB  1 
ATOM   1126 C  CG  . GLN B 1 44 ? -12.566 6.783   -17.167 1.00 22.28 ? 59  GLN B CG  1 
ATOM   1127 C  CD  . GLN B 1 44 ? -12.369 5.930   -18.400 1.00 22.56 ? 59  GLN B CD  1 
ATOM   1128 O  OE1 . GLN B 1 44 ? -11.759 6.360   -19.374 1.00 22.91 ? 59  GLN B OE1 1 
ATOM   1129 N  NE2 . GLN B 1 44 ? -12.896 4.709   -18.366 1.00 22.79 ? 59  GLN B NE2 1 
ATOM   1130 N  N   . TYR B 1 45 ? -8.969  7.390   -14.481 1.00 19.95 ? 60  TYR B N   1 
ATOM   1131 C  CA  . TYR B 1 45 ? -7.798  8.059   -13.929 1.00 19.94 ? 60  TYR B CA  1 
ATOM   1132 C  C   . TYR B 1 45 ? -6.585  7.124   -14.027 1.00 20.88 ? 60  TYR B C   1 
ATOM   1133 O  O   . TYR B 1 45 ? -5.566  7.461   -14.642 1.00 19.38 ? 60  TYR B O   1 
ATOM   1134 C  CB  . TYR B 1 45 ? -8.040  8.417   -12.470 1.00 20.46 ? 60  TYR B CB  1 
ATOM   1135 C  CG  . TYR B 1 45 ? -6.932  9.227   -11.852 1.00 21.21 ? 60  TYR B CG  1 
ATOM   1136 C  CD1 . TYR B 1 45 ? -6.953  10.618  -11.902 1.00 22.30 ? 60  TYR B CD1 1 
ATOM   1137 C  CD2 . TYR B 1 45 ? -5.865  8.604   -11.206 1.00 21.28 ? 60  TYR B CD2 1 
ATOM   1138 C  CE1 . TYR B 1 45 ? -5.942  11.375  -11.317 1.00 22.60 ? 60  TYR B CE1 1 
ATOM   1139 C  CE2 . TYR B 1 45 ? -4.845  9.345   -10.621 1.00 22.72 ? 60  TYR B CE2 1 
ATOM   1140 C  CZ  . TYR B 1 45 ? -4.889  10.734  -10.675 1.00 23.70 ? 60  TYR B CZ  1 
ATOM   1141 O  OH  . TYR B 1 45 ? -3.900  11.481  -10.071 1.00 21.41 ? 60  TYR B OH  1 
ATOM   1142 N  N   . ILE B 1 46 ? -6.706  5.946   -13.415 1.00 20.17 ? 61  ILE B N   1 
ATOM   1143 C  CA  . ILE B 1 46 ? -5.629  4.963   -13.428 1.00 19.38 ? 61  ILE B CA  1 
ATOM   1144 C  C   . ILE B 1 46 ? -5.121  4.744   -14.846 1.00 21.78 ? 61  ILE B C   1 
ATOM   1145 O  O   . ILE B 1 46 ? -3.919  4.783   -15.107 1.00 20.87 ? 61  ILE B O   1 
ATOM   1146 C  CB  . ILE B 1 46 ? -6.110  3.605   -12.865 1.00 16.63 ? 61  ILE B CB  1 
ATOM   1147 C  CG1 . ILE B 1 46 ? -6.291  3.708   -11.351 1.00 12.71 ? 61  ILE B CG1 1 
ATOM   1148 C  CG2 . ILE B 1 46 ? -5.133  2.494   -13.247 1.00 11.08 ? 61  ILE B CG2 1 
ATOM   1149 C  CD1 . ILE B 1 46 ? -6.894  2.477   -10.737 1.00 9.70  ? 61  ILE B CD1 1 
ATOM   1150 N  N   . MET B 1 47 ? -6.053  4.530   -15.763 1.00 24.44 ? 62  MET B N   1 
ATOM   1151 C  CA  . MET B 1 47 ? -5.700  4.265   -17.145 1.00 26.62 ? 62  MET B CA  1 
ATOM   1152 C  C   . MET B 1 47 ? -5.076  5.458   -17.852 1.00 27.65 ? 62  MET B C   1 
ATOM   1153 O  O   . MET B 1 47 ? -4.072  5.319   -18.558 1.00 26.86 ? 62  MET B O   1 
ATOM   1154 C  CB  . MET B 1 47 ? -6.935  3.809   -17.913 1.00 26.98 ? 62  MET B CB  1 
ATOM   1155 C  CG  . MET B 1 47 ? -6.619  2.748   -18.929 1.00 30.46 ? 62  MET B CG  1 
ATOM   1156 S  SD  . MET B 1 47 ? -6.092  1.235   -18.097 1.00 34.99 ? 62  MET B SD  1 
ATOM   1157 C  CE  . MET B 1 47 ? -7.620  0.312   -18.125 1.00 36.89 ? 62  MET B CE  1 
ATOM   1158 N  N   . THR B 1 48 ? -5.671  6.630   -17.659 1.00 28.84 ? 63  THR B N   1 
ATOM   1159 C  CA  . THR B 1 48 ? -5.184  7.836   -18.307 1.00 30.77 ? 63  THR B CA  1 
ATOM   1160 C  C   . THR B 1 48 ? -3.757  8.205   -17.899 1.00 31.73 ? 63  THR B C   1 
ATOM   1161 O  O   . THR B 1 48 ? -2.953  8.613   -18.743 1.00 31.38 ? 63  THR B O   1 
ATOM   1162 C  CB  . THR B 1 48 ? -6.132  9.035   -18.041 1.00 31.38 ? 63  THR B CB  1 
ATOM   1163 O  OG1 . THR B 1 48 ? -5.653  10.182  -18.744 1.00 33.94 ? 63  THR B OG1 1 
ATOM   1164 C  CG2 . THR B 1 48 ? -6.185  9.377   -16.569 1.00 33.77 ? 63  THR B CG2 1 
ATOM   1165 N  N   . LYS B 1 49 ? -3.437  8.052   -16.613 1.00 32.56 ? 64  LYS B N   1 
ATOM   1166 C  CA  . LYS B 1 49 ? -2.100  8.373   -16.120 1.00 32.35 ? 64  LYS B CA  1 
ATOM   1167 C  C   . LYS B 1 49 ? -1.156  7.171   -16.172 1.00 33.35 ? 64  LYS B C   1 
ATOM   1168 O  O   . LYS B 1 49 ? -0.056  7.213   -15.630 1.00 34.23 ? 64  LYS B O   1 
ATOM   1169 C  CB  . LYS B 1 49 ? -2.178  8.916   -14.693 1.00 31.39 ? 64  LYS B CB  1 
ATOM   1170 C  CG  . LYS B 1 49 ? -3.125  10.091  -14.554 1.00 31.68 ? 64  LYS B CG  1 
ATOM   1171 C  CD  . LYS B 1 49 ? -2.990  10.800  -13.221 1.00 28.83 ? 64  LYS B CD  1 
ATOM   1172 C  CE  . LYS B 1 49 ? -1.685  11.569  -13.139 1.00 29.48 ? 64  LYS B CE  1 
ATOM   1173 N  NZ  . LYS B 1 49 ? -1.644  12.458  -11.944 1.00 28.96 ? 64  LYS B NZ  1 
ATOM   1174 N  N   . ARG B 1 50 ? -1.589  6.101   -16.829 1.00 34.54 ? 65  ARG B N   1 
ATOM   1175 C  CA  . ARG B 1 50 ? -0.767  4.904   -16.966 1.00 35.31 ? 65  ARG B CA  1 
ATOM   1176 C  C   . ARG B 1 50 ? -0.092  4.502   -15.662 1.00 33.64 ? 65  ARG B C   1 
ATOM   1177 O  O   . ARG B 1 50 ? 1.133   4.424   -15.592 1.00 33.28 ? 65  ARG B O   1 
ATOM   1178 C  CB  . ARG B 1 50 ? 0.295   5.133   -18.040 1.00 37.71 ? 65  ARG B CB  1 
ATOM   1179 C  CG  . ARG B 1 50 ? -0.274  5.329   -19.431 1.00 42.76 ? 65  ARG B CG  1 
ATOM   1180 C  CD  . ARG B 1 50 ? 0.806   5.156   -20.483 1.00 48.24 ? 65  ARG B CD  1 
ATOM   1181 N  NE  . ARG B 1 50 ? 0.239   4.804   -21.783 1.00 53.87 ? 65  ARG B NE  1 
ATOM   1182 C  CZ  . ARG B 1 50 ? 0.952   4.356   -22.816 1.00 56.44 ? 65  ARG B CZ  1 
ATOM   1183 N  NH1 . ARG B 1 50 ? 2.268   4.203   -22.702 1.00 57.65 ? 65  ARG B NH1 1 
ATOM   1184 N  NH2 . ARG B 1 50 ? 0.347   4.053   -23.961 1.00 56.23 ? 65  ARG B NH2 1 
ATOM   1185 N  N   . LEU B 1 51 ? -0.896  4.237   -14.636 1.00 32.20 ? 66  LEU B N   1 
ATOM   1186 C  CA  . LEU B 1 51 ? -0.380  3.857   -13.323 1.00 29.67 ? 66  LEU B CA  1 
ATOM   1187 C  C   . LEU B 1 51 ? -0.293  2.352   -13.129 1.00 28.59 ? 66  LEU B C   1 
ATOM   1188 O  O   . LEU B 1 51 ? 0.146   1.887   -12.082 1.00 28.46 ? 66  LEU B O   1 
ATOM   1189 C  CB  . LEU B 1 51 ? -1.257  4.455   -12.215 1.00 28.39 ? 66  LEU B CB  1 
ATOM   1190 C  CG  . LEU B 1 51 ? -1.448  5.976   -12.196 1.00 27.01 ? 66  LEU B CG  1 
ATOM   1191 C  CD1 . LEU B 1 51 ? -2.281  6.360   -10.987 1.00 25.24 ? 66  LEU B CD1 1 
ATOM   1192 C  CD2 . LEU B 1 51 ? -0.096  6.683   -12.162 1.00 24.46 ? 66  LEU B CD2 1 
ATOM   1193 N  N   . TYR B 1 52 ? -0.703  1.590   -14.133 1.00 28.23 ? 67  TYR B N   1 
ATOM   1194 C  CA  . TYR B 1 52 ? -0.664  0.142   -14.018 1.00 30.51 ? 67  TYR B CA  1 
ATOM   1195 C  C   . TYR B 1 52 ? 0.726   -0.398  -14.330 1.00 32.25 ? 67  TYR B C   1 
ATOM   1196 O  O   . TYR B 1 52 ? 1.461   0.176   -15.131 1.00 31.48 ? 67  TYR B O   1 
ATOM   1197 C  CB  . TYR B 1 52 ? -1.702  -0.478  -14.952 1.00 30.72 ? 67  TYR B CB  1 
ATOM   1198 C  CG  . TYR B 1 52 ? -1.532  -0.055  -16.386 1.00 32.81 ? 67  TYR B CG  1 
ATOM   1199 C  CD1 . TYR B 1 52 ? -0.546  -0.627  -17.187 1.00 32.75 ? 67  TYR B CD1 1 
ATOM   1200 C  CD2 . TYR B 1 52 ? -2.315  0.964   -16.926 1.00 34.15 ? 67  TYR B CD2 1 
ATOM   1201 C  CE1 . TYR B 1 52 ? -0.337  -0.191  -18.486 1.00 34.93 ? 67  TYR B CE1 1 
ATOM   1202 C  CE2 . TYR B 1 52 ? -2.113  1.409   -18.230 1.00 35.07 ? 67  TYR B CE2 1 
ATOM   1203 C  CZ  . TYR B 1 52 ? -1.120  0.829   -19.000 1.00 35.92 ? 67  TYR B CZ  1 
ATOM   1204 O  OH  . TYR B 1 52 ? -0.877  1.293   -20.270 1.00 38.40 ? 67  TYR B OH  1 
ATOM   1205 N  N   . ASP B 1 53 ? 1.083   -1.502  -13.681 1.00 34.52 ? 68  ASP B N   1 
ATOM   1206 C  CA  . ASP B 1 53 ? 2.384   -2.131  -13.876 1.00 36.65 ? 68  ASP B CA  1 
ATOM   1207 C  C   . ASP B 1 53 ? 2.426   -2.843  -15.221 1.00 37.94 ? 68  ASP B C   1 
ATOM   1208 O  O   . ASP B 1 53 ? 1.674   -3.789  -15.454 1.00 36.77 ? 68  ASP B O   1 
ATOM   1209 C  CB  . ASP B 1 53 ? 2.654   -3.139  -12.756 1.00 37.60 ? 68  ASP B CB  1 
ATOM   1210 C  CG  . ASP B 1 53 ? 4.073   -3.683  -12.787 1.00 38.67 ? 68  ASP B CG  1 
ATOM   1211 O  OD1 . ASP B 1 53 ? 4.558   -4.044  -13.885 1.00 37.37 ? 68  ASP B OD1 1 
ATOM   1212 O  OD2 . ASP B 1 53 ? 4.698   -3.756  -11.704 1.00 40.49 ? 68  ASP B OD2 1 
ATOM   1213 N  N   . GLU B 1 54 ? 3.317   -2.393  -16.097 1.00 39.90 ? 69  GLU B N   1 
ATOM   1214 C  CA  . GLU B 1 54 ? 3.443   -2.986  -17.421 1.00 43.59 ? 69  GLU B CA  1 
ATOM   1215 C  C   . GLU B 1 54 ? 3.562   -4.505  -17.437 1.00 43.20 ? 69  GLU B C   1 
ATOM   1216 O  O   . GLU B 1 54 ? 2.968   -5.163  -18.290 1.00 43.22 ? 69  GLU B O   1 
ATOM   1217 C  CB  . GLU B 1 54 ? 4.636   -2.378  -18.164 1.00 47.68 ? 69  GLU B CB  1 
ATOM   1218 C  CG  . GLU B 1 54 ? 4.319   -1.076  -18.893 1.00 53.29 ? 69  GLU B CG  1 
ATOM   1219 C  CD  . GLU B 1 54 ? 3.444   -1.287  -20.125 1.00 56.38 ? 69  GLU B CD  1 
ATOM   1220 O  OE1 . GLU B 1 54 ? 3.935   -1.868  -21.122 1.00 57.47 ? 69  GLU B OE1 1 
ATOM   1221 O  OE2 . GLU B 1 54 ? 2.263   -0.875  -20.090 1.00 57.59 ? 69  GLU B OE2 1 
ATOM   1222 N  N   . LYS B 1 55 ? 4.317   -5.070  -16.502 1.00 43.16 ? 70  LYS B N   1 
ATOM   1223 C  CA  . LYS B 1 55 ? 4.488   -6.519  -16.480 1.00 43.61 ? 70  LYS B CA  1 
ATOM   1224 C  C   . LYS B 1 55 ? 3.717   -7.244  -15.387 1.00 42.61 ? 70  LYS B C   1 
ATOM   1225 O  O   . LYS B 1 55 ? 3.865   -8.449  -15.199 1.00 42.25 ? 70  LYS B O   1 
ATOM   1226 C  CB  . LYS B 1 55 ? 5.976   -6.871  -16.414 1.00 45.34 ? 70  LYS B CB  1 
ATOM   1227 C  CG  . LYS B 1 55 ? 6.802   -5.969  -15.525 1.00 47.41 ? 70  LYS B CG  1 
ATOM   1228 C  CD  . LYS B 1 55 ? 8.280   -6.221  -15.759 1.00 49.84 ? 70  LYS B CD  1 
ATOM   1229 C  CE  . LYS B 1 55 ? 9.140   -5.230  -14.995 1.00 51.22 ? 70  LYS B CE  1 
ATOM   1230 N  NZ  . LYS B 1 55 ? 10.565  -5.330  -15.406 1.00 51.18 ? 70  LYS B NZ  1 
ATOM   1231 N  N   . GLN B 1 56 ? 2.885   -6.500  -14.673 1.00 42.50 ? 71  GLN B N   1 
ATOM   1232 C  CA  . GLN B 1 56 ? 2.050   -7.054  -13.615 1.00 41.85 ? 71  GLN B CA  1 
ATOM   1233 C  C   . GLN B 1 56 ? 0.867   -6.106  -13.623 1.00 40.96 ? 71  GLN B C   1 
ATOM   1234 O  O   . GLN B 1 56 ? 0.632   -5.363  -12.678 1.00 41.30 ? 71  GLN B O   1 
ATOM   1235 C  CB  . GLN B 1 56 ? 2.772   -7.004  -12.273 1.00 42.94 ? 71  GLN B CB  1 
ATOM   1236 C  CG  . GLN B 1 56 ? 2.289   -8.044  -11.286 1.00 45.92 ? 71  GLN B CG  1 
ATOM   1237 C  CD  . GLN B 1 56 ? 2.692   -9.458  -11.678 1.00 48.27 ? 71  GLN B CD  1 
ATOM   1238 O  OE1 . GLN B 1 56 ? 2.296   -10.434 -11.030 1.00 49.16 ? 71  GLN B OE1 1 
ATOM   1239 N  NE2 . GLN B 1 56 ? 3.490   -9.575  -12.737 1.00 48.07 ? 71  GLN B NE2 1 
ATOM   1240 N  N   . GLN B 1 57 ? 0.135   -6.144  -14.728 1.00 40.48 ? 72  GLN B N   1 
ATOM   1241 C  CA  . GLN B 1 57 ? -1.000  -5.270  -14.950 1.00 39.43 ? 72  GLN B CA  1 
ATOM   1242 C  C   . GLN B 1 57 ? -2.091  -5.200  -13.896 1.00 37.18 ? 72  GLN B C   1 
ATOM   1243 O  O   . GLN B 1 57 ? -2.840  -4.226  -13.863 1.00 37.80 ? 72  GLN B O   1 
ATOM   1244 C  CB  . GLN B 1 57 ? -1.593  -5.570  -16.328 1.00 40.37 ? 72  GLN B CB  1 
ATOM   1245 C  CG  . GLN B 1 57 ? -0.805  -4.889  -17.443 1.00 43.48 ? 72  GLN B CG  1 
ATOM   1246 C  CD  . GLN B 1 57 ? -1.147  -5.401  -18.827 1.00 45.04 ? 72  GLN B CD  1 
ATOM   1247 O  OE1 . GLN B 1 57 ? -2.317  -5.613  -19.157 1.00 45.50 ? 72  GLN B OE1 1 
ATOM   1248 N  NE2 . GLN B 1 57 ? -0.124  -5.588  -19.652 1.00 45.17 ? 72  GLN B NE2 1 
ATOM   1249 N  N   . HIS B 1 58 ? -2.184  -6.202  -13.028 1.00 34.30 ? 73  HIS B N   1 
ATOM   1250 C  CA  . HIS B 1 58 ? -3.207  -6.180  -11.982 1.00 32.19 ? 73  HIS B CA  1 
ATOM   1251 C  C   . HIS B 1 58 ? -2.793  -5.292  -10.794 1.00 29.54 ? 73  HIS B C   1 
ATOM   1252 O  O   . HIS B 1 58 ? -3.564  -5.088  -9.856  1.00 26.56 ? 73  HIS B O   1 
ATOM   1253 C  CB  . HIS B 1 58 ? -3.492  -7.605  -11.506 1.00 33.80 ? 73  HIS B CB  1 
ATOM   1254 C  CG  . HIS B 1 58 ? -2.319  -8.271  -10.869 1.00 37.39 ? 73  HIS B CG  1 
ATOM   1255 N  ND1 . HIS B 1 58 ? -2.154  -8.341  -9.501  1.00 39.28 ? 73  HIS B ND1 1 
ATOM   1256 C  CD2 . HIS B 1 58 ? -1.225  -8.860  -11.412 1.00 37.67 ? 73  HIS B CD2 1 
ATOM   1257 C  CE1 . HIS B 1 58 ? -1.009  -8.941  -9.229  1.00 40.29 ? 73  HIS B CE1 1 
ATOM   1258 N  NE2 . HIS B 1 58 ? -0.426  -9.265  -10.371 1.00 40.40 ? 73  HIS B NE2 1 
ATOM   1259 N  N   . ILE B 1 59 ? -1.573  -4.759  -10.864 1.00 27.98 ? 74  ILE B N   1 
ATOM   1260 C  CA  . ILE B 1 59 ? -1.020  -3.895  -9.824  1.00 26.17 ? 74  ILE B CA  1 
ATOM   1261 C  C   . ILE B 1 59 ? -1.021  -2.426  -10.236 1.00 25.38 ? 74  ILE B C   1 
ATOM   1262 O  O   . ILE B 1 59 ? -0.475  -2.063  -11.279 1.00 26.65 ? 74  ILE B O   1 
ATOM   1263 C  CB  . ILE B 1 59 ? 0.446   -4.260  -9.495  1.00 25.57 ? 74  ILE B CB  1 
ATOM   1264 C  CG1 . ILE B 1 59 ? 0.529   -5.669  -8.910  1.00 25.70 ? 74  ILE B CG1 1 
ATOM   1265 C  CG2 . ILE B 1 59 ? 1.022   -3.244  -8.527  1.00 24.69 ? 74  ILE B CG2 1 
ATOM   1266 C  CD1 . ILE B 1 59 ? 1.944   -6.084  -8.543  1.00 25.22 ? 74  ILE B CD1 1 
ATOM   1267 N  N   . VAL B 1 60 ? -1.632  -1.584  -9.414  1.00 23.66 ? 75  VAL B N   1 
ATOM   1268 C  CA  . VAL B 1 60 ? -1.668  -0.159  -9.690  1.00 22.31 ? 75  VAL B CA  1 
ATOM   1269 C  C   . VAL B 1 60 ? -0.580  0.483   -8.840  1.00 23.65 ? 75  VAL B C   1 
ATOM   1270 O  O   . VAL B 1 60 ? -0.694  0.563   -7.617  1.00 24.73 ? 75  VAL B O   1 
ATOM   1271 C  CB  . VAL B 1 60 ? -3.043  0.442   -9.337  1.00 21.43 ? 75  VAL B CB  1 
ATOM   1272 C  CG1 . VAL B 1 60 ? -2.985  1.971   -9.376  1.00 17.25 ? 75  VAL B CG1 1 
ATOM   1273 C  CG2 . VAL B 1 60 ? -4.087  -0.074  -10.322 1.00 19.31 ? 75  VAL B CG2 1 
ATOM   1274 N  N   . TYR B 1 61 ? 0.496   0.911   -9.488  1.00 24.51 ? 76  TYR B N   1 
ATOM   1275 C  CA  . TYR B 1 61 ? 1.597   1.542   -8.775  1.00 24.17 ? 76  TYR B CA  1 
ATOM   1276 C  C   . TYR B 1 61 ? 1.293   3.037   -8.681  1.00 23.64 ? 76  TYR B C   1 
ATOM   1277 O  O   . TYR B 1 61 ? 1.533   3.792   -9.622  1.00 24.53 ? 76  TYR B O   1 
ATOM   1278 C  CB  . TYR B 1 61 ? 2.919   1.294   -9.512  1.00 23.21 ? 76  TYR B CB  1 
ATOM   1279 C  CG  . TYR B 1 61 ? 4.114   1.579   -8.650  1.00 23.06 ? 76  TYR B CG  1 
ATOM   1280 C  CD1 . TYR B 1 61 ? 4.464   0.722   -7.606  1.00 23.55 ? 76  TYR B CD1 1 
ATOM   1281 C  CD2 . TYR B 1 61 ? 4.833   2.756   -8.807  1.00 23.98 ? 76  TYR B CD2 1 
ATOM   1282 C  CE1 . TYR B 1 61 ? 5.496   1.036   -6.732  1.00 24.20 ? 76  TYR B CE1 1 
ATOM   1283 C  CE2 . TYR B 1 61 ? 5.865   3.086   -7.940  1.00 27.12 ? 76  TYR B CE2 1 
ATOM   1284 C  CZ  . TYR B 1 61 ? 6.191   2.226   -6.902  1.00 27.27 ? 76  TYR B CZ  1 
ATOM   1285 O  OH  . TYR B 1 61 ? 7.189   2.590   -6.029  1.00 28.05 ? 76  TYR B OH  1 
ATOM   1286 N  N   . CYS B 1 62 ? 0.756   3.455   -7.541  1.00 22.62 ? 77  CYS B N   1 
ATOM   1287 C  CA  . CYS B 1 62 ? 0.376   4.846   -7.339  1.00 23.83 ? 77  CYS B CA  1 
ATOM   1288 C  C   . CYS B 1 62 ? 1.288   5.579   -6.377  1.00 24.84 ? 77  CYS B C   1 
ATOM   1289 O  O   . CYS B 1 62 ? 0.926   6.623   -5.837  1.00 23.28 ? 77  CYS B O   1 
ATOM   1290 C  CB  . CYS B 1 62 ? -1.056  4.912   -6.809  1.00 23.50 ? 77  CYS B CB  1 
ATOM   1291 S  SG  . CYS B 1 62 ? -1.358  3.893   -5.336  1.00 23.26 ? 77  CYS B SG  1 
ATOM   1292 N  N   . SER B 1 63 ? 2.481   5.038   -6.182  1.00 27.38 ? 78  SER B N   1 
ATOM   1293 C  CA  . SER B 1 63 ? 3.432   5.623   -5.251  1.00 29.41 ? 78  SER B CA  1 
ATOM   1294 C  C   . SER B 1 63 ? 3.713   7.112   -5.442  1.00 29.94 ? 78  SER B C   1 
ATOM   1295 O  O   . SER B 1 63 ? 3.683   7.869   -4.478  1.00 29.69 ? 78  SER B O   1 
ATOM   1296 C  CB  . SER B 1 63 ? 4.744   4.845   -5.296  1.00 30.14 ? 78  SER B CB  1 
ATOM   1297 O  OG  . SER B 1 63 ? 5.503   5.115   -4.135  1.00 32.82 ? 78  SER B OG  1 
ATOM   1298 N  N   . ASN B 1 64 ? 3.979   7.537   -6.675  1.00 30.52 ? 79  ASN B N   1 
ATOM   1299 C  CA  . ASN B 1 64 ? 4.285   8.946   -6.926  1.00 31.07 ? 79  ASN B CA  1 
ATOM   1300 C  C   . ASN B 1 64 ? 3.134   9.713   -7.557  1.00 30.46 ? 79  ASN B C   1 
ATOM   1301 O  O   . ASN B 1 64 ? 3.347   10.627  -8.348  1.00 30.47 ? 79  ASN B O   1 
ATOM   1302 C  CB  . ASN B 1 64 ? 5.515   9.065   -7.826  1.00 33.62 ? 79  ASN B CB  1 
ATOM   1303 C  CG  . ASN B 1 64 ? 6.556   8.016   -7.522  1.00 36.40 ? 79  ASN B CG  1 
ATOM   1304 O  OD1 . ASN B 1 64 ? 6.646   7.001   -8.218  1.00 39.17 ? 79  ASN B OD1 1 
ATOM   1305 N  ND2 . ASN B 1 64 ? 7.339   8.239   -6.469  1.00 35.39 ? 79  ASN B ND2 1 
ATOM   1306 N  N   . ASP B 1 65 ? 1.913   9.345   -7.197  1.00 29.37 ? 80  ASP B N   1 
ATOM   1307 C  CA  . ASP B 1 65 ? 0.736   9.993   -7.742  1.00 27.75 ? 80  ASP B CA  1 
ATOM   1308 C  C   . ASP B 1 65 ? -0.137  10.422  -6.573  1.00 27.64 ? 80  ASP B C   1 
ATOM   1309 O  O   . ASP B 1 65 ? -0.037  9.850   -5.487  1.00 27.32 ? 80  ASP B O   1 
ATOM   1310 C  CB  . ASP B 1 65 ? -0.023  8.996   -8.625  1.00 26.95 ? 80  ASP B CB  1 
ATOM   1311 C  CG  . ASP B 1 65 ? -1.082  9.656   -9.481  1.00 26.59 ? 80  ASP B CG  1 
ATOM   1312 O  OD1 . ASP B 1 65 ? -0.753  10.062  -10.612 1.00 26.33 ? 80  ASP B OD1 1 
ATOM   1313 O  OD2 . ASP B 1 65 ? -2.240  9.777   -9.021  1.00 27.17 ? 80  ASP B OD2 1 
ATOM   1314 N  N   . LEU B 1 66 ? -0.987  11.423  -6.781  1.00 28.07 ? 81  LEU B N   1 
ATOM   1315 C  CA  . LEU B 1 66 ? -1.874  11.873  -5.710  1.00 27.34 ? 81  LEU B CA  1 
ATOM   1316 C  C   . LEU B 1 66 ? -2.706  10.684  -5.236  1.00 26.62 ? 81  LEU B C   1 
ATOM   1317 O  O   . LEU B 1 66 ? -3.147  10.639  -4.080  1.00 26.86 ? 81  LEU B O   1 
ATOM   1318 C  CB  . LEU B 1 66 ? -2.804  12.993  -6.196  1.00 27.84 ? 81  LEU B CB  1 
ATOM   1319 C  CG  . LEU B 1 66 ? -4.051  13.269  -5.331  1.00 30.66 ? 81  LEU B CG  1 
ATOM   1320 C  CD1 . LEU B 1 66 ? -3.644  13.610  -3.908  1.00 30.86 ? 81  LEU B CD1 1 
ATOM   1321 C  CD2 . LEU B 1 66 ? -4.876  14.403  -5.934  1.00 30.84 ? 81  LEU B CD2 1 
ATOM   1322 N  N   . LEU B 1 67 ? -2.918  9.719   -6.131  1.00 24.31 ? 82  LEU B N   1 
ATOM   1323 C  CA  . LEU B 1 67 ? -3.700  8.543   -5.774  1.00 22.49 ? 82  LEU B CA  1 
ATOM   1324 C  C   . LEU B 1 67 ? -3.010  7.784   -4.656  1.00 21.82 ? 82  LEU B C   1 
ATOM   1325 O  O   . LEU B 1 67 ? -3.657  7.087   -3.873  1.00 22.13 ? 82  LEU B O   1 
ATOM   1326 C  CB  . LEU B 1 67 ? -3.886  7.628   -6.979  1.00 20.02 ? 82  LEU B CB  1 
ATOM   1327 C  CG  . LEU B 1 67 ? -4.829  6.448   -6.719  1.00 18.48 ? 82  LEU B CG  1 
ATOM   1328 C  CD1 . LEU B 1 67 ? -6.145  6.957   -6.133  1.00 15.61 ? 82  LEU B CD1 1 
ATOM   1329 C  CD2 . LEU B 1 67 ? -5.055  5.694   -8.010  1.00 13.70 ? 82  LEU B CD2 1 
ATOM   1330 N  N   . GLY B 1 68 ? -1.691  7.936   -4.580  1.00 20.75 ? 83  GLY B N   1 
ATOM   1331 C  CA  . GLY B 1 68 ? -0.931  7.271   -3.543  1.00 20.99 ? 83  GLY B CA  1 
ATOM   1332 C  C   . GLY B 1 68 ? -1.230  7.869   -2.186  1.00 20.46 ? 83  GLY B C   1 
ATOM   1333 O  O   . GLY B 1 68 ? -1.374  7.151   -1.197  1.00 17.91 ? 83  GLY B O   1 
ATOM   1334 N  N   . ASP B 1 69 ? -1.335  9.192   -2.144  1.00 22.05 ? 84  ASP B N   1 
ATOM   1335 C  CA  . ASP B 1 69 ? -1.618  9.896   -0.900  1.00 25.21 ? 84  ASP B CA  1 
ATOM   1336 C  C   . ASP B 1 69 ? -3.021  9.599   -0.357  1.00 26.78 ? 84  ASP B C   1 
ATOM   1337 O  O   . ASP B 1 69 ? -3.205  9.420   0.854   1.00 26.80 ? 84  ASP B O   1 
ATOM   1338 C  CB  . ASP B 1 69 ? -1.447  11.413  -1.097  1.00 26.38 ? 84  ASP B CB  1 
ATOM   1339 C  CG  . ASP B 1 69 ? -0.003  11.816  -1.393  1.00 28.13 ? 84  ASP B CG  1 
ATOM   1340 O  OD1 . ASP B 1 69 ? 0.891   11.405  -0.623  1.00 27.10 ? 84  ASP B OD1 1 
ATOM   1341 O  OD2 . ASP B 1 69 ? 0.240   12.552  -2.381  1.00 27.86 ? 84  ASP B OD2 1 
ATOM   1342 N  N   . LEU B 1 70 ? -4.008  9.545   -1.250  1.00 28.03 ? 85  LEU B N   1 
ATOM   1343 C  CA  . LEU B 1 70 ? -5.388  9.289   -0.836  1.00 28.36 ? 85  LEU B CA  1 
ATOM   1344 C  C   . LEU B 1 70 ? -5.624  7.853   -0.389  1.00 26.96 ? 85  LEU B C   1 
ATOM   1345 O  O   . LEU B 1 70 ? -6.374  7.614   0.558   1.00 26.10 ? 85  LEU B O   1 
ATOM   1346 C  CB  . LEU B 1 70 ? -6.361  9.647   -1.968  1.00 31.59 ? 85  LEU B CB  1 
ATOM   1347 C  CG  . LEU B 1 70 ? -6.373  11.122  -2.396  1.00 34.95 ? 85  LEU B CG  1 
ATOM   1348 C  CD1 . LEU B 1 70 ? -7.312  11.308  -3.572  1.00 35.84 ? 85  LEU B CD1 1 
ATOM   1349 C  CD2 . LEU B 1 70 ? -6.807  12.003  -1.230  1.00 35.37 ? 85  LEU B CD2 1 
ATOM   1350 N  N   . PHE B 1 71 ? -4.991  6.896   -1.067  1.00 25.77 ? 86  PHE B N   1 
ATOM   1351 C  CA  . PHE B 1 71 ? -5.153  5.486   -0.715  1.00 24.48 ? 86  PHE B CA  1 
ATOM   1352 C  C   . PHE B 1 71 ? -4.169  5.032   0.368   1.00 24.20 ? 86  PHE B C   1 
ATOM   1353 O  O   . PHE B 1 71 ? -4.314  3.952   0.943   1.00 24.17 ? 86  PHE B O   1 
ATOM   1354 C  CB  . PHE B 1 71 ? -5.011  4.608   -1.964  1.00 22.50 ? 86  PHE B CB  1 
ATOM   1355 C  CG  . PHE B 1 71 ? -6.283  4.466   -2.765  1.00 21.18 ? 86  PHE B CG  1 
ATOM   1356 C  CD1 . PHE B 1 71 ? -7.340  5.360   -2.599  1.00 19.68 ? 86  PHE B CD1 1 
ATOM   1357 C  CD2 . PHE B 1 71 ? -6.414  3.435   -3.701  1.00 20.40 ? 86  PHE B CD2 1 
ATOM   1358 C  CE1 . PHE B 1 71 ? -8.503  5.231   -3.349  1.00 20.64 ? 86  PHE B CE1 1 
ATOM   1359 C  CE2 . PHE B 1 71 ? -7.575  3.292   -4.463  1.00 18.77 ? 86  PHE B CE2 1 
ATOM   1360 C  CZ  . PHE B 1 71 ? -8.623  4.189   -4.289  1.00 20.92 ? 86  PHE B CZ  1 
ATOM   1361 N  N   . GLY B 1 72 ? -3.166  5.860   0.637   1.00 23.71 ? 87  GLY B N   1 
ATOM   1362 C  CA  . GLY B 1 72 ? -2.192  5.540   1.667   1.00 23.95 ? 87  GLY B CA  1 
ATOM   1363 C  C   . GLY B 1 72 ? -1.265  4.378   1.380   1.00 23.39 ? 87  GLY B C   1 
ATOM   1364 O  O   . GLY B 1 72 ? -0.642  3.829   2.290   1.00 24.02 ? 87  GLY B O   1 
ATOM   1365 N  N   . VAL B 1 73 ? -1.168  3.993   0.117   1.00 22.60 ? 88  VAL B N   1 
ATOM   1366 C  CA  . VAL B 1 73 ? -0.292  2.896   -0.251  1.00 21.51 ? 88  VAL B CA  1 
ATOM   1367 C  C   . VAL B 1 73 ? 0.561   3.207   -1.469  1.00 20.71 ? 88  VAL B C   1 
ATOM   1368 O  O   . VAL B 1 73 ? 0.195   4.012   -2.324  1.00 21.91 ? 88  VAL B O   1 
ATOM   1369 C  CB  . VAL B 1 73 ? -1.096  1.605   -0.513  1.00 22.13 ? 88  VAL B CB  1 
ATOM   1370 C  CG1 . VAL B 1 73 ? -1.707  1.117   0.794   1.00 20.56 ? 88  VAL B CG1 1 
ATOM   1371 C  CG2 . VAL B 1 73 ? -2.179  1.852   -1.559  1.00 19.07 ? 88  VAL B CG2 1 
ATOM   1372 N  N   . PRO B 1 74 ? 1.737   2.592   -1.551  1.00 19.73 ? 89  PRO B N   1 
ATOM   1373 C  CA  . PRO B 1 74 ? 2.570   2.869   -2.714  1.00 19.24 ? 89  PRO B CA  1 
ATOM   1374 C  C   . PRO B 1 74 ? 2.000   2.097   -3.922  1.00 19.14 ? 89  PRO B C   1 
ATOM   1375 O  O   . PRO B 1 74 ? 2.343   2.364   -5.079  1.00 19.76 ? 89  PRO B O   1 
ATOM   1376 C  CB  . PRO B 1 74 ? 3.935   2.365   -2.262  1.00 18.27 ? 89  PRO B CB  1 
ATOM   1377 C  CG  . PRO B 1 74 ? 3.574   1.172   -1.446  1.00 17.14 ? 89  PRO B CG  1 
ATOM   1378 C  CD  . PRO B 1 74 ? 2.418   1.683   -0.614  1.00 18.97 ? 89  PRO B CD  1 
ATOM   1379 N  N   . SER B 1 75 ? 1.116   1.144   -3.642  1.00 17.28 ? 90  SER B N   1 
ATOM   1380 C  CA  . SER B 1 75 ? 0.515   0.349   -4.700  1.00 17.24 ? 90  SER B CA  1 
ATOM   1381 C  C   . SER B 1 75 ? -0.607  -0.510  -4.134  1.00 18.73 ? 90  SER B C   1 
ATOM   1382 O  O   . SER B 1 75 ? -0.785  -0.586  -2.913  1.00 20.14 ? 90  SER B O   1 
ATOM   1383 C  CB  . SER B 1 75 ? 1.569   -0.557  -5.340  1.00 16.82 ? 90  SER B CB  1 
ATOM   1384 O  OG  . SER B 1 75 ? 1.934   -1.627  -4.473  1.00 14.60 ? 90  SER B OG  1 
ATOM   1385 N  N   . PHE B 1 76 ? -1.362  -1.150  -5.025  1.00 18.19 ? 91  PHE B N   1 
ATOM   1386 C  CA  . PHE B 1 76 ? -2.455  -2.031  -4.620  1.00 19.08 ? 91  PHE B CA  1 
ATOM   1387 C  C   . PHE B 1 76 ? -2.857  -2.898  -5.798  1.00 18.30 ? 91  PHE B C   1 
ATOM   1388 O  O   . PHE B 1 76 ? -2.548  -2.575  -6.932  1.00 18.47 ? 91  PHE B O   1 
ATOM   1389 C  CB  . PHE B 1 76 ? -3.660  -1.214  -4.102  1.00 20.19 ? 91  PHE B CB  1 
ATOM   1390 C  CG  . PHE B 1 76 ? -4.350  -0.382  -5.154  1.00 19.37 ? 91  PHE B CG  1 
ATOM   1391 C  CD1 . PHE B 1 76 ? -5.242  -0.962  -6.052  1.00 20.10 ? 91  PHE B CD1 1 
ATOM   1392 C  CD2 . PHE B 1 76 ? -4.101  0.981   -5.252  1.00 19.65 ? 91  PHE B CD2 1 
ATOM   1393 C  CE1 . PHE B 1 76 ? -5.874  -0.194  -7.035  1.00 19.87 ? 91  PHE B CE1 1 
ATOM   1394 C  CE2 . PHE B 1 76 ? -4.726  1.760   -6.232  1.00 19.64 ? 91  PHE B CE2 1 
ATOM   1395 C  CZ  . PHE B 1 76 ? -5.612  1.172   -7.123  1.00 19.59 ? 91  PHE B CZ  1 
ATOM   1396 N  N   . SER B 1 77 ? -3.533  -4.006  -5.527  1.00 20.46 ? 92  SER B N   1 
ATOM   1397 C  CA  . SER B 1 77 ? -3.974  -4.913  -6.588  1.00 22.69 ? 92  SER B CA  1 
ATOM   1398 C  C   . SER B 1 77 ? -5.470  -4.714  -6.888  1.00 23.60 ? 92  SER B C   1 
ATOM   1399 O  O   . SER B 1 77 ? -6.280  -4.573  -5.965  1.00 23.54 ? 92  SER B O   1 
ATOM   1400 C  CB  . SER B 1 77 ? -3.715  -6.371  -6.169  1.00 22.10 ? 92  SER B CB  1 
ATOM   1401 O  OG  . SER B 1 77 ? -4.031  -7.286  -7.214  1.00 22.49 ? 92  SER B OG  1 
ATOM   1402 N  N   . VAL B 1 78 ? -5.841  -4.701  -8.169  1.00 24.29 ? 93  VAL B N   1 
ATOM   1403 C  CA  . VAL B 1 78 ? -7.246  -4.525  -8.535  1.00 23.91 ? 93  VAL B CA  1 
ATOM   1404 C  C   . VAL B 1 78 ? -8.055  -5.794  -8.309  1.00 24.82 ? 93  VAL B C   1 
ATOM   1405 O  O   . VAL B 1 78 ? -9.203  -5.897  -8.725  1.00 24.92 ? 93  VAL B O   1 
ATOM   1406 C  CB  . VAL B 1 78 ? -7.407  -4.087  -9.992  1.00 22.88 ? 93  VAL B CB  1 
ATOM   1407 C  CG1 . VAL B 1 78 ? -6.725  -2.741  -10.180 1.00 21.87 ? 93  VAL B CG1 1 
ATOM   1408 C  CG2 . VAL B 1 78 ? -6.843  -5.154  -10.939 1.00 20.93 ? 93  VAL B CG2 1 
ATOM   1409 N  N   . LYS B 1 79 ? -7.442  -6.759  -7.642  1.00 26.41 ? 94  LYS B N   1 
ATOM   1410 C  CA  . LYS B 1 79 ? -8.113  -8.008  -7.320  1.00 27.53 ? 94  LYS B CA  1 
ATOM   1411 C  C   . LYS B 1 79 ? -8.594  -7.936  -5.865  1.00 27.69 ? 94  LYS B C   1 
ATOM   1412 O  O   . LYS B 1 79 ? -9.489  -8.674  -5.457  1.00 27.50 ? 94  LYS B O   1 
ATOM   1413 C  CB  . LYS B 1 79 ? -7.153  -9.178  -7.513  1.00 28.01 ? 94  LYS B CB  1 
ATOM   1414 C  CG  . LYS B 1 79 ? -6.723  -9.374  -8.953  1.00 29.48 ? 94  LYS B CG  1 
ATOM   1415 C  CD  . LYS B 1 79 ? -5.813  -10.579 -9.081  1.00 31.17 ? 94  LYS B CD  1 
ATOM   1416 C  CE  . LYS B 1 79 ? -5.499  -10.871 -10.534 1.00 34.28 ? 94  LYS B CE  1 
ATOM   1417 N  NZ  . LYS B 1 79 ? -4.588  -12.045 -10.661 1.00 35.80 ? 94  LYS B NZ  1 
ATOM   1418 N  N   . GLU B 1 80 ? -7.989  -7.030  -5.098  1.00 28.38 ? 95  GLU B N   1 
ATOM   1419 C  CA  . GLU B 1 80 ? -8.339  -6.808  -3.694  1.00 29.39 ? 95  GLU B CA  1 
ATOM   1420 C  C   . GLU B 1 80 ? -9.548  -5.888  -3.701  1.00 28.34 ? 95  GLU B C   1 
ATOM   1421 O  O   . GLU B 1 80 ? -9.433  -4.720  -3.349  1.00 29.78 ? 95  GLU B O   1 
ATOM   1422 C  CB  . GLU B 1 80 ? -7.206  -6.082  -2.971  1.00 31.05 ? 95  GLU B CB  1 
ATOM   1423 C  CG  . GLU B 1 80 ? -5.848  -6.684  -3.174  1.00 34.91 ? 95  GLU B CG  1 
ATOM   1424 C  CD  . GLU B 1 80 ? -5.665  -7.921  -2.359  1.00 35.99 ? 95  GLU B CD  1 
ATOM   1425 O  OE1 . GLU B 1 80 ? -5.474  -7.791  -1.130  1.00 37.38 ? 95  GLU B OE1 1 
ATOM   1426 O  OE2 . GLU B 1 80 ? -5.724  -9.020  -2.947  1.00 38.53 ? 95  GLU B OE2 1 
ATOM   1427 N  N   . HIS B 1 81 ? -10.705 -6.400  -4.092  1.00 27.54 ? 96  HIS B N   1 
ATOM   1428 C  CA  . HIS B 1 81 ? -11.883 -5.549  -4.161  1.00 26.68 ? 96  HIS B CA  1 
ATOM   1429 C  C   . HIS B 1 81 ? -12.289 -4.895  -2.850  1.00 25.18 ? 96  HIS B C   1 
ATOM   1430 O  O   . HIS B 1 81 ? -12.468 -3.672  -2.806  1.00 24.19 ? 96  HIS B O   1 
ATOM   1431 C  CB  . HIS B 1 81 ? -13.054 -6.315  -4.787  1.00 27.57 ? 96  HIS B CB  1 
ATOM   1432 C  CG  . HIS B 1 81 ? -12.817 -6.687  -6.221  1.00 29.40 ? 96  HIS B CG  1 
ATOM   1433 N  ND1 . HIS B 1 81 ? -13.837 -6.991  -7.098  1.00 30.44 ? 96  HIS B ND1 1 
ATOM   1434 C  CD2 . HIS B 1 81 ? -11.672 -6.790  -6.936  1.00 30.32 ? 96  HIS B CD2 1 
ATOM   1435 C  CE1 . HIS B 1 81 ? -13.332 -7.260  -8.288  1.00 28.52 ? 96  HIS B CE1 1 
ATOM   1436 N  NE2 . HIS B 1 81 ? -12.019 -7.146  -8.217  1.00 30.29 ? 96  HIS B NE2 1 
ATOM   1437 N  N   . ARG B 1 82 ? -12.404 -5.684  -1.782  1.00 23.55 ? 97  ARG B N   1 
ATOM   1438 C  CA  . ARG B 1 82 ? -12.798 -5.133  -0.489  1.00 22.07 ? 97  ARG B CA  1 
ATOM   1439 C  C   . ARG B 1 82 ? -11.814 -4.088  0.027   1.00 21.76 ? 97  ARG B C   1 
ATOM   1440 O  O   . ARG B 1 82 ? -12.219 -3.113  0.653   1.00 20.59 ? 97  ARG B O   1 
ATOM   1441 C  CB  . ARG B 1 82 ? -12.977 -6.251  0.543   1.00 21.79 ? 97  ARG B CB  1 
ATOM   1442 C  CG  . ARG B 1 82 ? -13.334 -5.755  1.942   1.00 21.84 ? 97  ARG B CG  1 
ATOM   1443 C  CD  . ARG B 1 82 ? -14.500 -4.788  1.904   1.00 20.91 ? 97  ARG B CD  1 
ATOM   1444 N  NE  . ARG B 1 82 ? -15.750 -5.448  1.550   1.00 22.21 ? 97  ARG B NE  1 
ATOM   1445 C  CZ  . ARG B 1 82 ? -16.859 -4.805  1.188   1.00 22.27 ? 97  ARG B CZ  1 
ATOM   1446 N  NH1 . ARG B 1 82 ? -16.873 -3.480  1.126   1.00 19.10 ? 97  ARG B NH1 1 
ATOM   1447 N  NH2 . ARG B 1 82 ? -17.960 -5.486  0.896   1.00 21.77 ? 97  ARG B NH2 1 
ATOM   1448 N  N   . LYS B 1 83 ? -10.523 -4.277  -0.238  1.00 22.89 ? 98  LYS B N   1 
ATOM   1449 C  CA  . LYS B 1 83 ? -9.524  -3.300  0.209   1.00 23.94 ? 98  LYS B CA  1 
ATOM   1450 C  C   . LYS B 1 83 ? -9.678  -1.970  -0.542  1.00 21.43 ? 98  LYS B C   1 
ATOM   1451 O  O   . LYS B 1 83 ? -9.525  -0.891  0.037   1.00 20.96 ? 98  LYS B O   1 
ATOM   1452 C  CB  . LYS B 1 83 ? -8.095  -3.836  0.021   1.00 27.18 ? 98  LYS B CB  1 
ATOM   1453 C  CG  . LYS B 1 83 ? -7.727  -5.009  0.936   1.00 32.57 ? 98  LYS B CG  1 
ATOM   1454 C  CD  . LYS B 1 83 ? -8.350  -6.338  0.471   1.00 36.88 ? 98  LYS B CD  1 
ATOM   1455 C  CE  . LYS B 1 83 ? -7.773  -7.528  1.248   1.00 37.04 ? 98  LYS B CE  1 
ATOM   1456 N  NZ  . LYS B 1 83 ? -7.930  -8.825  0.515   1.00 37.94 ? 98  LYS B NZ  1 
ATOM   1457 N  N   . ILE B 1 84 ? -9.979  -2.050  -1.833  1.00 19.32 ? 99  ILE B N   1 
ATOM   1458 C  CA  . ILE B 1 84 ? -10.169 -0.846  -2.630  1.00 16.74 ? 99  ILE B CA  1 
ATOM   1459 C  C   . ILE B 1 84 ? -11.400 -0.082  -2.130  1.00 16.99 ? 99  ILE B C   1 
ATOM   1460 O  O   . ILE B 1 84 ? -11.364 1.140   -1.989  1.00 16.02 ? 99  ILE B O   1 
ATOM   1461 C  CB  . ILE B 1 84 ? -10.296 -1.205  -4.118  1.00 14.66 ? 99  ILE B CB  1 
ATOM   1462 C  CG1 . ILE B 1 84 ? -8.982  -1.839  -4.583  1.00 12.77 ? 99  ILE B CG1 1 
ATOM   1463 C  CG2 . ILE B 1 84 ? -10.583 0.033   -4.935  1.00 12.25 ? 99  ILE B CG2 1 
ATOM   1464 C  CD1 . ILE B 1 84 ? -8.989  -2.301  -6.003  1.00 13.12 ? 99  ILE B CD1 1 
ATOM   1465 N  N   . TYR B 1 85 ? -12.485 -0.796  -1.837  1.00 16.97 ? 100 TYR B N   1 
ATOM   1466 C  CA  . TYR B 1 85 ? -13.677 -0.138  -1.323  1.00 17.02 ? 100 TYR B CA  1 
ATOM   1467 C  C   . TYR B 1 85 ? -13.346 0.597   -0.029  1.00 16.87 ? 100 TYR B C   1 
ATOM   1468 O  O   . TYR B 1 85 ? -13.753 1.749   0.175   1.00 16.74 ? 100 TYR B O   1 
ATOM   1469 C  CB  . TYR B 1 85 ? -14.803 -1.152  -1.093  1.00 17.82 ? 100 TYR B CB  1 
ATOM   1470 C  CG  . TYR B 1 85 ? -15.753 -1.219  -2.266  1.00 19.19 ? 100 TYR B CG  1 
ATOM   1471 C  CD1 . TYR B 1 85 ? -15.284 -1.543  -3.542  1.00 21.01 ? 100 TYR B CD1 1 
ATOM   1472 C  CD2 . TYR B 1 85 ? -17.098 -0.882  -2.122  1.00 18.86 ? 100 TYR B CD2 1 
ATOM   1473 C  CE1 . TYR B 1 85 ? -16.129 -1.520  -4.652  1.00 21.46 ? 100 TYR B CE1 1 
ATOM   1474 C  CE2 . TYR B 1 85 ? -17.955 -0.854  -3.225  1.00 21.51 ? 100 TYR B CE2 1 
ATOM   1475 C  CZ  . TYR B 1 85 ? -17.460 -1.173  -4.491  1.00 22.67 ? 100 TYR B CZ  1 
ATOM   1476 O  OH  . TYR B 1 85 ? -18.279 -1.131  -5.598  1.00 22.67 ? 100 TYR B OH  1 
ATOM   1477 N  N   . THR B 1 86 ? -12.586 -0.065  0.837   1.00 16.14 ? 101 THR B N   1 
ATOM   1478 C  CA  . THR B 1 86 ? -12.196 0.540   2.101   1.00 13.71 ? 101 THR B CA  1 
ATOM   1479 C  C   . THR B 1 86 ? -11.395 1.807   1.857   1.00 15.25 ? 101 THR B C   1 
ATOM   1480 O  O   . THR B 1 86 ? -11.666 2.844   2.461   1.00 15.38 ? 101 THR B O   1 
ATOM   1481 C  CB  . THR B 1 86 ? -11.367 -0.425  2.938   1.00 11.58 ? 101 THR B CB  1 
ATOM   1482 O  OG1 . THR B 1 86 ? -12.201 -1.505  3.381   1.00 7.80  ? 101 THR B OG1 1 
ATOM   1483 C  CG2 . THR B 1 86 ? -10.769 0.293   4.131   1.00 9.05  ? 101 THR B CG2 1 
ATOM   1484 N  N   . MET B 1 87 ? -10.414 1.740   0.966   1.00 15.94 ? 102 MET B N   1 
ATOM   1485 C  CA  . MET B 1 87 ? -9.612  2.925   0.689   1.00 17.45 ? 102 MET B CA  1 
ATOM   1486 C  C   . MET B 1 87 ? -10.475 4.075   0.163   1.00 17.53 ? 102 MET B C   1 
ATOM   1487 O  O   . MET B 1 87 ? -10.254 5.236   0.507   1.00 17.83 ? 102 MET B O   1 
ATOM   1488 C  CB  . MET B 1 87 ? -8.499  2.603   -0.308  1.00 17.96 ? 102 MET B CB  1 
ATOM   1489 C  CG  . MET B 1 87 ? -7.478  1.615   0.229   1.00 19.49 ? 102 MET B CG  1 
ATOM   1490 S  SD  . MET B 1 87 ? -6.068  1.347   -0.876  1.00 21.80 ? 102 MET B SD  1 
ATOM   1491 C  CE  . MET B 1 87 ? -6.758  0.193   -2.040  1.00 20.11 ? 102 MET B CE  1 
ATOM   1492 N  N   . ILE B 1 88 ? -11.467 3.753   -0.658  1.00 17.56 ? 103 ILE B N   1 
ATOM   1493 C  CA  . ILE B 1 88 ? -12.337 4.780   -1.212  1.00 16.78 ? 103 ILE B CA  1 
ATOM   1494 C  C   . ILE B 1 88 ? -13.252 5.374   -0.139  1.00 17.41 ? 103 ILE B C   1 
ATOM   1495 O  O   . ILE B 1 88 ? -13.453 6.592   -0.089  1.00 15.81 ? 103 ILE B O   1 
ATOM   1496 C  CB  . ILE B 1 88 ? -13.185 4.217   -2.371  1.00 15.09 ? 103 ILE B CB  1 
ATOM   1497 C  CG1 . ILE B 1 88 ? -12.260 3.699   -3.472  1.00 12.92 ? 103 ILE B CG1 1 
ATOM   1498 C  CG2 . ILE B 1 88 ? -14.103 5.302   -2.924  1.00 14.48 ? 103 ILE B CG2 1 
ATOM   1499 C  CD1 . ILE B 1 88 ? -12.969 2.946   -4.560  1.00 11.83 ? 103 ILE B CD1 1 
ATOM   1500 N  N   . TYR B 1 89 ? -13.786 4.506   0.720   1.00 18.66 ? 104 TYR B N   1 
ATOM   1501 C  CA  . TYR B 1 89 ? -14.681 4.911   1.807   1.00 20.55 ? 104 TYR B CA  1 
ATOM   1502 C  C   . TYR B 1 89 ? -14.056 5.944   2.742   1.00 22.04 ? 104 TYR B C   1 
ATOM   1503 O  O   . TYR B 1 89 ? -14.735 6.868   3.199   1.00 22.36 ? 104 TYR B O   1 
ATOM   1504 C  CB  . TYR B 1 89 ? -15.100 3.686   2.625   1.00 21.28 ? 104 TYR B CB  1 
ATOM   1505 C  CG  . TYR B 1 89 ? -16.213 2.870   2.016   1.00 20.91 ? 104 TYR B CG  1 
ATOM   1506 C  CD1 . TYR B 1 89 ? -16.256 1.482   2.180   1.00 21.32 ? 104 TYR B CD1 1 
ATOM   1507 C  CD2 . TYR B 1 89 ? -17.240 3.482   1.294   1.00 20.53 ? 104 TYR B CD2 1 
ATOM   1508 C  CE1 . TYR B 1 89 ? -17.297 0.716   1.636   1.00 21.50 ? 104 TYR B CE1 1 
ATOM   1509 C  CE2 . TYR B 1 89 ? -18.289 2.728   0.746   1.00 22.60 ? 104 TYR B CE2 1 
ATOM   1510 C  CZ  . TYR B 1 89 ? -18.309 1.349   0.923   1.00 21.93 ? 104 TYR B CZ  1 
ATOM   1511 O  OH  . TYR B 1 89 ? -19.338 0.613   0.396   1.00 23.18 ? 104 TYR B OH  1 
ATOM   1512 N  N   . ARG B 1 90 ? -12.768 5.774   3.034   1.00 22.63 ? 105 ARG B N   1 
ATOM   1513 C  CA  . ARG B 1 90 ? -12.045 6.697   3.902   1.00 23.69 ? 105 ARG B CA  1 
ATOM   1514 C  C   . ARG B 1 90 ? -12.005 8.097   3.289   1.00 24.47 ? 105 ARG B C   1 
ATOM   1515 O  O   . ARG B 1 90 ? -11.842 9.091   3.998   1.00 23.80 ? 105 ARG B O   1 
ATOM   1516 C  CB  . ARG B 1 90 ? -10.614 6.203   4.127   1.00 24.84 ? 105 ARG B CB  1 
ATOM   1517 C  CG  . ARG B 1 90 ? -10.525 4.811   4.722   1.00 27.28 ? 105 ARG B CG  1 
ATOM   1518 C  CD  . ARG B 1 90 ? -9.083  4.335   4.822   1.00 29.14 ? 105 ARG B CD  1 
ATOM   1519 N  NE  . ARG B 1 90 ? -8.361  4.961   5.927   1.00 32.03 ? 105 ARG B NE  1 
ATOM   1520 C  CZ  . ARG B 1 90 ? -7.120  4.640   6.283   1.00 32.93 ? 105 ARG B CZ  1 
ATOM   1521 N  NH1 . ARG B 1 90 ? -6.459  3.700   5.617   1.00 33.92 ? 105 ARG B NH1 1 
ATOM   1522 N  NH2 . ARG B 1 90 ? -6.546  5.242   7.315   1.00 32.51 ? 105 ARG B NH2 1 
ATOM   1523 N  N   . ASN B 1 91 ? -12.155 8.170   1.968   1.00 25.66 ? 106 ASN B N   1 
ATOM   1524 C  CA  . ASN B 1 91 ? -12.137 9.448   1.262   1.00 25.00 ? 106 ASN B CA  1 
ATOM   1525 C  C   . ASN B 1 91 ? -13.518 9.992   0.944   1.00 24.39 ? 106 ASN B C   1 
ATOM   1526 O  O   . ASN B 1 91 ? -13.675 10.736  -0.023  1.00 23.63 ? 106 ASN B O   1 
ATOM   1527 C  CB  . ASN B 1 91 ? -11.365 9.341   -0.052  1.00 25.83 ? 106 ASN B CB  1 
ATOM   1528 C  CG  . ASN B 1 91 ? -9.897  9.104   0.157   1.00 26.43 ? 106 ASN B CG  1 
ATOM   1529 O  OD1 . ASN B 1 91 ? -9.468  7.976   0.389   1.00 27.17 ? 106 ASN B OD1 1 
ATOM   1530 N  ND2 . ASN B 1 91 ? -9.110  10.172  0.085   1.00 26.60 ? 106 ASN B ND2 1 
ATOM   1531 N  N   . LEU B 1 92 ? -14.525 9.632   1.727   1.00 23.69 ? 107 LEU B N   1 
ATOM   1532 C  CA  . LEU B 1 92 ? -15.847 10.159  1.440   1.00 24.93 ? 107 LEU B CA  1 
ATOM   1533 C  C   . LEU B 1 92 ? -16.845 10.043  2.566   1.00 25.58 ? 107 LEU B C   1 
ATOM   1534 O  O   . LEU B 1 92 ? -16.592 9.423   3.594   1.00 26.62 ? 107 LEU B O   1 
ATOM   1535 C  CB  . LEU B 1 92 ? -16.419 9.496   0.181   1.00 23.12 ? 107 LEU B CB  1 
ATOM   1536 C  CG  . LEU B 1 92 ? -16.649 7.983   0.214   1.00 22.42 ? 107 LEU B CG  1 
ATOM   1537 C  CD1 . LEU B 1 92 ? -17.819 7.641   1.142   1.00 17.77 ? 107 LEU B CD1 1 
ATOM   1538 C  CD2 . LEU B 1 92 ? -16.905 7.495   -1.210  1.00 18.86 ? 107 LEU B CD2 1 
ATOM   1539 N  N   . VAL B 1 93 ? -17.994 10.661  2.350   1.00 26.51 ? 108 VAL B N   1 
ATOM   1540 C  CA  . VAL B 1 93 ? -19.068 10.640  3.319   1.00 27.96 ? 108 VAL B CA  1 
ATOM   1541 C  C   . VAL B 1 93 ? -20.269 10.008  2.640   1.00 29.66 ? 108 VAL B C   1 
ATOM   1542 O  O   . VAL B 1 93 ? -20.686 10.449  1.566   1.00 29.39 ? 108 VAL B O   1 
ATOM   1543 C  CB  . VAL B 1 93 ? -19.423 12.061  3.772   1.00 26.37 ? 108 VAL B CB  1 
ATOM   1544 C  CG1 . VAL B 1 93 ? -20.704 12.039  4.580   1.00 25.53 ? 108 VAL B CG1 1 
ATOM   1545 C  CG2 . VAL B 1 93 ? -18.274 12.639  4.579   1.00 23.59 ? 108 VAL B CG2 1 
ATOM   1546 N  N   . VAL B 1 94 ? -20.810 8.962   3.252   1.00 31.48 ? 109 VAL B N   1 
ATOM   1547 C  CA  . VAL B 1 94 ? -21.959 8.281   2.683   1.00 33.46 ? 109 VAL B CA  1 
ATOM   1548 C  C   . VAL B 1 94 ? -23.206 9.122   2.869   1.00 36.00 ? 109 VAL B C   1 
ATOM   1549 O  O   . VAL B 1 94 ? -23.606 9.412   3.989   1.00 36.21 ? 109 VAL B O   1 
ATOM   1550 C  CB  . VAL B 1 94 ? -22.163 6.899   3.325   1.00 32.21 ? 109 VAL B CB  1 
ATOM   1551 C  CG1 . VAL B 1 94 ? -23.532 6.348   2.961   1.00 32.52 ? 109 VAL B CG1 1 
ATOM   1552 C  CG2 . VAL B 1 94 ? -21.081 5.947   2.836   1.00 31.56 ? 109 VAL B CG2 1 
ATOM   1553 N  N   . VAL B 1 95 ? -23.802 9.528   1.754   1.00 40.03 ? 110 VAL B N   1 
ATOM   1554 C  CA  . VAL B 1 95 ? -25.014 10.329  1.789   1.00 43.78 ? 110 VAL B CA  1 
ATOM   1555 C  C   . VAL B 1 95 ? -26.124 9.449   2.346   1.00 48.00 ? 110 VAL B C   1 
ATOM   1556 O  O   . VAL B 1 95 ? -26.643 8.575   1.650   1.00 48.29 ? 110 VAL B O   1 
ATOM   1557 C  CB  . VAL B 1 95 ? -25.407 10.810  0.378   1.00 42.28 ? 110 VAL B CB  1 
ATOM   1558 C  CG1 . VAL B 1 95 ? -26.653 11.665  0.457   1.00 41.74 ? 110 VAL B CG1 1 
ATOM   1559 C  CG2 . VAL B 1 95 ? -24.266 11.599  -0.241  1.00 41.13 ? 110 VAL B CG2 1 
ATOM   1560 N  N   . ASN B 1 96 ? -26.466 9.669   3.612   1.00 52.84 ? 111 ASN B N   1 
ATOM   1561 C  CA  . ASN B 1 96 ? -27.515 8.894   4.266   1.00 57.87 ? 111 ASN B CA  1 
ATOM   1562 C  C   . ASN B 1 96 ? -28.885 9.383   3.821   1.00 59.34 ? 111 ASN B C   1 
ATOM   1563 O  O   . ASN B 1 96 ? -29.565 10.044  4.642   1.00 59.84 ? 111 ASN B O   1 
ATOM   1564 C  CB  . ASN B 1 96 ? -27.405 8.994   5.798   1.00 61.13 ? 111 ASN B CB  1 
ATOM   1565 C  CG  . ASN B 1 96 ? -26.312 8.094   6.375   1.00 64.23 ? 111 ASN B CG  1 
ATOM   1566 O  OD1 . ASN B 1 96 ? -26.249 6.897   6.074   1.00 65.47 ? 111 ASN B OD1 1 
ATOM   1567 N  ND2 . ASN B 1 96 ? -25.455 8.667   7.218   1.00 64.21 ? 111 ASN B ND2 1 
ATOM   1568 O  OXT . ASN B 1 96 ? -29.247 9.105   2.652   1.00 60.22 ? 111 ASN B OXT 1 
HETATM 1569 CL CL1 . DIZ C 2 .  ? 14.040  2.088   4.414   1.00 23.67 ? 112 DIZ A CL1 1 
HETATM 1570 C  C1  . DIZ C 2 .  ? 15.408  1.427   3.641   1.00 19.71 ? 112 DIZ A C1  1 
HETATM 1571 C  C2  . DIZ C 2 .  ? 16.479  0.951   4.430   1.00 20.30 ? 112 DIZ A C2  1 
HETATM 1572 C  C3  . DIZ C 2 .  ? 17.608  0.369   3.811   1.00 20.35 ? 112 DIZ A C3  1 
HETATM 1573 C  C4  . DIZ C 2 .  ? 17.683  0.255   2.369   1.00 19.96 ? 112 DIZ A C4  1 
HETATM 1574 C  C5  . DIZ C 2 .  ? 16.589  0.764   1.591   1.00 19.16 ? 112 DIZ A C5  1 
HETATM 1575 C  C6  . DIZ C 2 .  ? 15.455  1.347   2.230   1.00 19.05 ? 112 DIZ A C6  1 
HETATM 1576 C  C7  . DIZ C 2 .  ? 18.863  -0.439  1.659   1.00 19.88 ? 112 DIZ A C7  1 
HETATM 1577 C  C8  . DIZ C 2 .  ? 20.231  -0.302  2.370   1.00 19.11 ? 112 DIZ A C8  1 
HETATM 1578 O  O1  . DIZ C 2 .  ? 20.752  0.738   2.724   1.00 19.82 ? 112 DIZ A O1  1 
HETATM 1579 O  O2  . DIZ C 2 .  ? 20.857  -1.478  2.591   1.00 19.25 ? 112 DIZ A O2  1 
HETATM 1580 N  N1  . DIZ C 2 .  ? 18.446  -1.914  1.399   1.00 20.21 ? 112 DIZ A N1  1 
HETATM 1581 C  C9  . DIZ C 2 .  ? 18.531  -2.363  0.073   1.00 19.90 ? 112 DIZ A C9  1 
HETATM 1582 O  O3  . DIZ C 2 .  ? 18.930  -1.626  -0.846  1.00 18.53 ? 112 DIZ A O3  1 
HETATM 1583 C  C10 . DIZ C 2 .  ? 18.137  -3.734  -0.307  1.00 20.59 ? 112 DIZ A C10 1 
HETATM 1584 C  C11 . DIZ C 2 .  ? 17.469  -3.840  -1.541  1.00 21.46 ? 112 DIZ A C11 1 
HETATM 1585 C  C12 . DIZ C 2 .  ? 17.030  -5.077  -2.006  1.00 22.62 ? 112 DIZ A C12 1 
HETATM 1586 I  I1  . DIZ C 2 .  ? 16.075  -5.120  -3.804  1.00 28.56 ? 112 DIZ A I1  1 
HETATM 1587 C  C13 . DIZ C 2 .  ? 17.232  -6.252  -1.255  1.00 21.39 ? 112 DIZ A C13 1 
HETATM 1588 C  C14 . DIZ C 2 .  ? 17.905  -6.161  -0.002  1.00 21.18 ? 112 DIZ A C14 1 
HETATM 1589 C  C15 . DIZ C 2 .  ? 18.365  -4.898  0.484   1.00 21.13 ? 112 DIZ A C15 1 
HETATM 1590 N  N2  . DIZ C 2 .  ? 19.000  -4.913  1.727   1.00 20.55 ? 112 DIZ A N2  1 
HETATM 1591 C  C16 . DIZ C 2 .  ? 18.889  -3.990  2.743   1.00 21.76 ? 112 DIZ A C16 1 
HETATM 1592 O  O4  . DIZ C 2 .  ? 19.525  -4.178  3.782   1.00 24.87 ? 112 DIZ A O4  1 
HETATM 1593 C  C17 . DIZ C 2 .  ? 17.969  -2.727  2.595   1.00 21.19 ? 112 DIZ A C17 1 
HETATM 1594 C  C18 . DIZ C 2 .  ? 16.437  -3.065  2.714   1.00 21.92 ? 112 DIZ A C18 1 
HETATM 1595 C  C19 . DIZ C 2 .  ? 15.453  -2.215  2.152   1.00 22.07 ? 112 DIZ A C19 1 
HETATM 1596 C  C20 . DIZ C 2 .  ? 14.081  -2.453  2.262   1.00 22.59 ? 112 DIZ A C20 1 
HETATM 1597 C  C21 . DIZ C 2 .  ? 13.639  -3.564  2.950   1.00 20.71 ? 112 DIZ A C21 1 
HETATM 1598 CL CL2 . DIZ C 2 .  ? 11.986  -3.795  3.089   1.00 21.93 ? 112 DIZ A CL2 1 
HETATM 1599 C  C22 . DIZ C 2 .  ? 14.550  -4.470  3.528   1.00 22.54 ? 112 DIZ A C22 1 
HETATM 1600 C  C23 . DIZ C 2 .  ? 15.951  -4.222  3.410   1.00 22.97 ? 112 DIZ A C23 1 
HETATM 1601 CL CL1 . DIZ D 2 .  ? -13.201 -2.774  -6.259  1.00 27.39 ? 112 DIZ B CL1 1 
HETATM 1602 C  C1  . DIZ D 2 .  ? -13.039 -3.049  -7.938  1.00 20.71 ? 112 DIZ B C1  1 
HETATM 1603 C  C2  . DIZ D 2 .  ? -14.004 -2.527  -8.812  1.00 21.74 ? 112 DIZ B C2  1 
HETATM 1604 C  C3  . DIZ D 2 .  ? -13.871 -2.722  -10.200 1.00 20.02 ? 112 DIZ B C3  1 
HETATM 1605 C  C4  . DIZ D 2 .  ? -12.750 -3.454  -10.739 1.00 20.81 ? 112 DIZ B C4  1 
HETATM 1606 C  C5  . DIZ D 2 .  ? -11.790 -3.986  -9.825  1.00 17.97 ? 112 DIZ B C5  1 
HETATM 1607 C  C6  . DIZ D 2 .  ? -11.937 -3.782  -8.433  1.00 20.70 ? 112 DIZ B C6  1 
HETATM 1608 C  C7  . DIZ D 2 .  ? -12.537 -3.633  -12.261 1.00 21.72 ? 112 DIZ B C7  1 
HETATM 1609 C  C8  . DIZ D 2 .  ? -13.842 -3.790  -13.091 1.00 23.84 ? 112 DIZ B C8  1 
HETATM 1610 O  O1  . DIZ D 2 .  ? -14.793 -4.516  -12.810 1.00 26.49 ? 112 DIZ B O1  1 
HETATM 1611 O  O2  . DIZ D 2 .  ? -13.880 -3.034  -14.213 1.00 23.96 ? 112 DIZ B O2  1 
HETATM 1612 N  N1  . DIZ D 2 .  ? -11.615 -2.476  -12.739 1.00 20.47 ? 112 DIZ B N1  1 
HETATM 1613 C  C9  . DIZ D 2 .  ? -10.436 -2.846  -13.416 1.00 21.43 ? 112 DIZ B C9  1 
HETATM 1614 O  O3  . DIZ D 2 .  ? -10.153 -4.039  -13.631 1.00 22.43 ? 112 DIZ B O3  1 
HETATM 1615 C  C10 . DIZ D 2 .  ? -9.453  -1.833  -13.900 1.00 21.07 ? 112 DIZ B C10 1 
HETATM 1616 C  C11 . DIZ D 2 .  ? -8.096  -2.205  -13.765 1.00 22.43 ? 112 DIZ B C11 1 
HETATM 1617 C  C12 . DIZ D 2 .  ? -7.075  -1.343  -14.161 1.00 22.63 ? 112 DIZ B C12 1 
HETATM 1618 I  I1  . DIZ D 2 .  ? -5.144  -1.989  -13.921 1.00 26.47 ? 112 DIZ B I1  1 
HETATM 1619 C  C13 . DIZ D 2 .  ? -7.370  -0.067  -14.707 1.00 20.87 ? 112 DIZ B C13 1 
HETATM 1620 C  C14 . DIZ D 2 .  ? -8.733  0.326   -14.848 1.00 20.27 ? 112 DIZ B C14 1 
HETATM 1621 C  C15 . DIZ D 2 .  ? -9.788  -0.555  -14.448 1.00 21.16 ? 112 DIZ B C15 1 
HETATM 1622 N  N2  . DIZ D 2 .  ? -11.102 -0.082  -14.619 1.00 20.83 ? 112 DIZ B N2  1 
HETATM 1623 C  C16 . DIZ D 2 .  ? -12.179 -0.253  -13.773 1.00 21.13 ? 112 DIZ B C16 1 
HETATM 1624 O  O4  . DIZ D 2 .  ? -13.261 0.232   -14.095 1.00 26.49 ? 112 DIZ B O4  1 
HETATM 1625 C  C17 . DIZ D 2 .  ? -12.047 -1.049  -12.422 1.00 21.03 ? 112 DIZ B C17 1 
HETATM 1626 C  C18 . DIZ D 2 .  ? -11.279 -0.242  -11.292 1.00 19.39 ? 112 DIZ B C18 1 
HETATM 1627 C  C19 . DIZ D 2 .  ? -10.660 -0.905  -10.194 1.00 17.45 ? 112 DIZ B C19 1 
HETATM 1628 C  C20 . DIZ D 2 .  ? -9.997  -0.214  -9.157  1.00 19.38 ? 112 DIZ B C20 1 
HETATM 1629 C  C21 . DIZ D 2 .  ? -9.932  1.181   -9.182  1.00 18.45 ? 112 DIZ B C21 1 
HETATM 1630 CL CL2 . DIZ D 2 .  ? -9.153  1.993   -7.899  1.00 16.27 ? 112 DIZ B CL2 1 
HETATM 1631 C  C22 . DIZ D 2 .  ? -10.520 1.903   -10.253 1.00 18.17 ? 112 DIZ B C22 1 
HETATM 1632 C  C23 . DIZ D 2 .  ? -11.186 1.197   -11.300 1.00 19.45 ? 112 DIZ B C23 1 
HETATM 1633 O  O   . HOH E 3 .  ? 7.460   6.487   9.346   1.00 8.49  ? 113 HOH A O   1 
HETATM 1634 O  O   . HOH E 3 .  ? 20.179  -7.218  2.362   1.00 6.25  ? 114 HOH A O   1 
HETATM 1635 O  O   . HOH E 3 .  ? 20.220  -13.951 10.163  1.00 16.61 ? 115 HOH A O   1 
HETATM 1636 O  O   . HOH E 3 .  ? 8.878   8.818   11.839  1.00 14.06 ? 116 HOH A O   1 
HETATM 1637 O  O   . HOH E 3 .  ? -4.703  -4.381  1.078   1.00 30.80 ? 117 HOH A O   1 
HETATM 1638 O  O   . HOH E 3 .  ? 12.220  7.438   17.556  1.00 22.14 ? 118 HOH A O   1 
HETATM 1639 O  O   . HOH E 3 .  ? 1.518   -1.981  6.981   1.00 17.76 ? 119 HOH A O   1 
HETATM 1640 O  O   . HOH E 3 .  ? 20.685  -6.990  5.036   1.00 17.48 ? 120 HOH A O   1 
HETATM 1641 O  O   . HOH E 3 .  ? 3.321   -8.251  12.257  1.00 20.48 ? 121 HOH A O   1 
HETATM 1642 O  O   . HOH E 3 .  ? 10.413  11.419  5.892   1.00 14.77 ? 122 HOH A O   1 
HETATM 1643 O  O   . HOH E 3 .  ? 11.448  8.663   1.924   1.00 28.08 ? 123 HOH A O   1 
HETATM 1644 O  O   . HOH E 3 .  ? 4.723   -10.266 19.380  1.00 27.77 ? 124 HOH A O   1 
HETATM 1645 O  O   . HOH E 3 .  ? 22.334  -4.482  4.604   1.00 28.35 ? 125 HOH A O   1 
HETATM 1646 O  O   . HOH E 3 .  ? 11.242  -11.564 25.531  1.00 28.35 ? 126 HOH A O   1 
HETATM 1647 O  O   . HOH E 3 .  ? -2.975  -9.669  2.348   1.00 34.42 ? 127 HOH A O   1 
HETATM 1648 O  O   . HOH E 3 .  ? 21.207  -14.240 4.447   1.00 23.99 ? 128 HOH A O   1 
HETATM 1649 O  O   . HOH E 3 .  ? 6.185   -14.810 15.436  1.00 25.89 ? 129 HOH A O   1 
HETATM 1650 O  O   . HOH E 3 .  ? 5.383   -16.565 2.046   1.00 27.19 ? 130 HOH A O   1 
HETATM 1651 O  O   . HOH E 3 .  ? 7.412   2.600   -3.300  1.00 20.85 ? 131 HOH A O   1 
HETATM 1652 O  O   . HOH E 3 .  ? 15.134  -9.907  23.628  1.00 18.42 ? 132 HOH A O   1 
HETATM 1653 O  O   . HOH E 3 .  ? -1.343  -7.578  -0.915  1.00 26.98 ? 133 HOH A O   1 
HETATM 1654 O  O   . HOH E 3 .  ? -1.757  -3.431  12.451  1.00 26.11 ? 134 HOH A O   1 
HETATM 1655 O  O   . HOH E 3 .  ? 14.919  7.928   0.841   1.00 16.36 ? 135 HOH A O   1 
HETATM 1656 O  O   . HOH E 3 .  ? 3.661   3.693   2.926   1.00 15.99 ? 136 HOH A O   1 
HETATM 1657 O  O   . HOH E 3 .  ? 9.352   7.299   0.898   1.00 25.60 ? 137 HOH A O   1 
HETATM 1658 O  O   . HOH F 3 .  ? -10.775 -3.770  3.624   1.00 15.81 ? 113 HOH B O   1 
HETATM 1659 O  O   . HOH F 3 .  ? -15.104 11.371  -17.936 1.00 17.49 ? 114 HOH B O   1 
HETATM 1660 O  O   . HOH F 3 .  ? -2.527  -2.011  -1.373  1.00 16.66 ? 115 HOH B O   1 
HETATM 1661 O  O   . HOH F 3 .  ? 0.949   2.084   3.563   1.00 11.46 ? 116 HOH B O   1 
HETATM 1662 O  O   . HOH F 3 .  ? 4.797   -1.725  -9.560  1.00 17.55 ? 117 HOH B O   1 
HETATM 1663 O  O   . HOH F 3 .  ? -6.014  -8.685  3.073   1.00 34.93 ? 118 HOH B O   1 
HETATM 1664 O  O   . HOH F 3 .  ? -24.562 17.045  -7.413  1.00 14.78 ? 119 HOH B O   1 
HETATM 1665 O  O   . HOH F 3 .  ? -18.378 16.066  -3.057  1.00 16.83 ? 120 HOH B O   1 
HETATM 1666 O  O   . HOH F 3 .  ? -3.592  -4.416  -2.987  1.00 28.64 ? 121 HOH B O   1 
HETATM 1667 O  O   . HOH F 3 .  ? -13.612 3.117   -16.010 1.00 15.77 ? 122 HOH B O   1 
HETATM 1668 O  O   . HOH F 3 .  ? -11.136 8.358   -20.642 1.00 31.22 ? 123 HOH B O   1 
HETATM 1669 O  O   . HOH F 3 .  ? -17.488 0.722   -11.820 1.00 24.08 ? 124 HOH B O   1 
HETATM 1670 O  O   . HOH F 3 .  ? -10.536 12.741  -0.521  1.00 25.10 ? 125 HOH B O   1 
HETATM 1671 O  O   . HOH F 3 .  ? -12.037 -8.562  -2.169  1.00 21.42 ? 126 HOH B O   1 
HETATM 1672 O  O   . HOH F 3 .  ? -9.565  15.990  3.006   1.00 18.90 ? 127 HOH B O   1 
HETATM 1673 O  O   . HOH F 3 .  ? -14.741 0.736   -16.413 1.00 22.01 ? 128 HOH B O   1 
HETATM 1674 O  O   . HOH F 3 .  ? -19.230 8.060   6.242   1.00 19.11 ? 129 HOH B O   1 
HETATM 1675 O  O   . HOH F 3 .  ? 4.836   -0.268  -15.923 1.00 25.08 ? 130 HOH B O   1 
HETATM 1676 O  O   . HOH F 3 .  ? -10.540 -7.590  -11.409 1.00 26.54 ? 131 HOH B O   1 
HETATM 1677 O  O   . HOH F 3 .  ? -20.163 12.883  -13.476 1.00 22.59 ? 132 HOH B O   1 
HETATM 1678 O  O   . HOH F 3 .  ? 1.897   9.698   -11.649 1.00 34.26 ? 133 HOH B O   1 
HETATM 1679 O  O   . HOH F 3 .  ? -11.077 1.532   -16.614 1.00 23.61 ? 134 HOH B O   1 
HETATM 1680 O  O   . HOH F 3 .  ? -14.861 18.285  -18.336 1.00 31.31 ? 135 HOH B O   1 
HETATM 1681 O  O   . HOH F 3 .  ? -3.138  3.972   7.219   0.5  26.77 ? 136 HOH B O   1 
HETATM 1682 O  O   . HOH F 3 .  ? 2.193   5.516   1.275   1.00 16.51 ? 137 HOH B O   1 
# 
loop_
_pdbx_poly_seq_scheme.asym_id 
_pdbx_poly_seq_scheme.entity_id 
_pdbx_poly_seq_scheme.seq_id 
_pdbx_poly_seq_scheme.mon_id 
_pdbx_poly_seq_scheme.ndb_seq_num 
_pdbx_poly_seq_scheme.pdb_seq_num 
_pdbx_poly_seq_scheme.auth_seq_num 
_pdbx_poly_seq_scheme.pdb_mon_id 
_pdbx_poly_seq_scheme.auth_mon_id 
_pdbx_poly_seq_scheme.pdb_strand_id 
_pdbx_poly_seq_scheme.pdb_ins_code 
_pdbx_poly_seq_scheme.hetero 
A 1 1  GLY 1  16  16  GLY GLY A . n 
A 1 2  SER 2  17  17  SER SER A . n 
A 1 3  GLN 3  18  18  GLN GLN A . n 
A 1 4  ILE 4  19  19  ILE ILE A . n 
A 1 5  PRO 5  20  20  PRO PRO A . n 
A 1 6  ALA 6  21  21  ALA ALA A . n 
A 1 7  SER 7  22  22  SER SER A . n 
A 1 8  GLU 8  23  23  GLU GLU A . n 
A 1 9  GLN 9  24  24  GLN GLN A . n 
A 1 10 GLU 10 25  25  GLU GLU A . n 
A 1 11 THR 11 26  26  THR THR A . n 
A 1 12 LEU 12 27  27  LEU LEU A . n 
A 1 13 VAL 13 28  28  VAL VAL A . n 
A 1 14 ARG 14 29  29  ARG ARG A . n 
A 1 15 PRO 15 30  30  PRO PRO A . n 
A 1 16 LYS 16 31  31  LYS LYS A . n 
A 1 17 PRO 17 32  32  PRO PRO A . n 
A 1 18 LEU 18 33  33  LEU LEU A . n 
A 1 19 LEU 19 34  34  LEU LEU A . n 
A 1 20 LEU 20 35  35  LEU LEU A . n 
A 1 21 LYS 21 36  36  LYS LYS A . n 
A 1 22 LEU 22 37  37  LEU LEU A . n 
A 1 23 LEU 23 38  38  LEU LEU A . n 
A 1 24 LYS 24 39  39  LYS LYS A . n 
A 1 25 SER 25 40  40  SER SER A . n 
A 1 26 VAL 26 41  41  VAL VAL A . n 
A 1 27 GLY 27 42  42  GLY GLY A . n 
A 1 28 ALA 28 43  43  ALA ALA A . n 
A 1 29 GLN 29 44  44  GLN GLN A . n 
A 1 30 LYS 30 45  45  LYS LYS A . n 
A 1 31 ASP 31 46  46  ASP ASP A . n 
A 1 32 THR 32 47  47  THR THR A . n 
A 1 33 TYR 33 48  48  TYR TYR A . n 
A 1 34 THR 34 49  49  THR THR A . n 
A 1 35 MET 35 50  50  MET MET A . n 
A 1 36 LYS 36 51  51  LYS LYS A . n 
A 1 37 GLU 37 52  52  GLU GLU A . n 
A 1 38 VAL 38 53  53  VAL VAL A . n 
A 1 39 LEU 39 54  54  LEU LEU A . n 
A 1 40 PHE 40 55  55  PHE PHE A . n 
A 1 41 TYR 41 56  56  TYR TYR A . n 
A 1 42 LEU 42 57  57  LEU LEU A . n 
A 1 43 GLY 43 58  58  GLY GLY A . n 
A 1 44 GLN 44 59  59  GLN GLN A . n 
A 1 45 TYR 45 60  60  TYR TYR A . n 
A 1 46 ILE 46 61  61  ILE ILE A . n 
A 1 47 MET 47 62  62  MET MET A . n 
A 1 48 THR 48 63  63  THR THR A . n 
A 1 49 LYS 49 64  64  LYS LYS A . n 
A 1 50 ARG 50 65  65  ARG ARG A . n 
A 1 51 LEU 51 66  66  LEU LEU A . n 
A 1 52 TYR 52 67  67  TYR TYR A . n 
A 1 53 ASP 53 68  68  ASP ASP A . n 
A 1 54 GLU 54 69  69  GLU GLU A . n 
A 1 55 LYS 55 70  70  LYS LYS A . n 
A 1 56 GLN 56 71  71  GLN GLN A . n 
A 1 57 GLN 57 72  72  GLN GLN A . n 
A 1 58 HIS 58 73  73  HIS HIS A . n 
A 1 59 ILE 59 74  74  ILE ILE A . n 
A 1 60 VAL 60 75  75  VAL VAL A . n 
A 1 61 TYR 61 76  76  TYR TYR A . n 
A 1 62 CYS 62 77  77  CYS CYS A . n 
A 1 63 SER 63 78  78  SER SER A . n 
A 1 64 ASN 64 79  79  ASN ASN A . n 
A 1 65 ASP 65 80  80  ASP ASP A . n 
A 1 66 LEU 66 81  81  LEU LEU A . n 
A 1 67 LEU 67 82  82  LEU LEU A . n 
A 1 68 GLY 68 83  83  GLY GLY A . n 
A 1 69 ASP 69 84  84  ASP ASP A . n 
A 1 70 LEU 70 85  85  LEU LEU A . n 
A 1 71 PHE 71 86  86  PHE PHE A . n 
A 1 72 GLY 72 87  87  GLY GLY A . n 
A 1 73 VAL 73 88  88  VAL VAL A . n 
A 1 74 PRO 74 89  89  PRO PRO A . n 
A 1 75 SER 75 90  90  SER SER A . n 
A 1 76 PHE 76 91  91  PHE PHE A . n 
A 1 77 SER 77 92  92  SER SER A . n 
A 1 78 VAL 78 93  93  VAL VAL A . n 
A 1 79 LYS 79 94  94  LYS LYS A . n 
A 1 80 GLU 80 95  95  GLU GLU A . n 
A 1 81 HIS 81 96  96  HIS HIS A . n 
A 1 82 ARG 82 97  97  ARG ARG A . n 
A 1 83 LYS 83 98  98  LYS LYS A . n 
A 1 84 ILE 84 99  99  ILE ILE A . n 
A 1 85 TYR 85 100 100 TYR TYR A . n 
A 1 86 THR 86 101 101 THR THR A . n 
A 1 87 MET 87 102 102 MET MET A . n 
A 1 88 ILE 88 103 103 ILE ILE A . n 
A 1 89 TYR 89 104 104 TYR TYR A . n 
A 1 90 ARG 90 105 105 ARG ARG A . n 
A 1 91 ASN 91 106 106 ASN ASN A . n 
A 1 92 LEU 92 107 107 LEU LEU A . n 
A 1 93 VAL 93 108 108 VAL VAL A . n 
A 1 94 VAL 94 109 109 VAL VAL A . n 
A 1 95 VAL 95 110 110 VAL VAL A . n 
A 1 96 ASN 96 111 111 ASN ASN A . n 
B 1 1  GLY 1  16  16  GLY GLY B . n 
B 1 2  SER 2  17  17  SER SER B . n 
B 1 3  GLN 3  18  18  GLN GLN B . n 
B 1 4  ILE 4  19  19  ILE ILE B . n 
B 1 5  PRO 5  20  20  PRO PRO B . n 
B 1 6  ALA 6  21  21  ALA ALA B . n 
B 1 7  SER 7  22  22  SER SER B . n 
B 1 8  GLU 8  23  23  GLU GLU B . n 
B 1 9  GLN 9  24  24  GLN GLN B . n 
B 1 10 GLU 10 25  25  GLU GLU B . n 
B 1 11 THR 11 26  26  THR THR B . n 
B 1 12 LEU 12 27  27  LEU LEU B . n 
B 1 13 VAL 13 28  28  VAL VAL B . n 
B 1 14 ARG 14 29  29  ARG ARG B . n 
B 1 15 PRO 15 30  30  PRO PRO B . n 
B 1 16 LYS 16 31  31  LYS LYS B . n 
B 1 17 PRO 17 32  32  PRO PRO B . n 
B 1 18 LEU 18 33  33  LEU LEU B . n 
B 1 19 LEU 19 34  34  LEU LEU B . n 
B 1 20 LEU 20 35  35  LEU LEU B . n 
B 1 21 LYS 21 36  36  LYS LYS B . n 
B 1 22 LEU 22 37  37  LEU LEU B . n 
B 1 23 LEU 23 38  38  LEU LEU B . n 
B 1 24 LYS 24 39  39  LYS LYS B . n 
B 1 25 SER 25 40  40  SER SER B . n 
B 1 26 VAL 26 41  41  VAL VAL B . n 
B 1 27 GLY 27 42  42  GLY GLY B . n 
B 1 28 ALA 28 43  43  ALA ALA B . n 
B 1 29 GLN 29 44  44  GLN GLN B . n 
B 1 30 LYS 30 45  45  LYS LYS B . n 
B 1 31 ASP 31 46  46  ASP ASP B . n 
B 1 32 THR 32 47  47  THR THR B . n 
B 1 33 TYR 33 48  48  TYR TYR B . n 
B 1 34 THR 34 49  49  THR THR B . n 
B 1 35 MET 35 50  50  MET MET B . n 
B 1 36 LYS 36 51  51  LYS LYS B . n 
B 1 37 GLU 37 52  52  GLU GLU B . n 
B 1 38 VAL 38 53  53  VAL VAL B . n 
B 1 39 LEU 39 54  54  LEU LEU B . n 
B 1 40 PHE 40 55  55  PHE PHE B . n 
B 1 41 TYR 41 56  56  TYR TYR B . n 
B 1 42 LEU 42 57  57  LEU LEU B . n 
B 1 43 GLY 43 58  58  GLY GLY B . n 
B 1 44 GLN 44 59  59  GLN GLN B . n 
B 1 45 TYR 45 60  60  TYR TYR B . n 
B 1 46 ILE 46 61  61  ILE ILE B . n 
B 1 47 MET 47 62  62  MET MET B . n 
B 1 48 THR 48 63  63  THR THR B . n 
B 1 49 LYS 49 64  64  LYS LYS B . n 
B 1 50 ARG 50 65  65  ARG ARG B . n 
B 1 51 LEU 51 66  66  LEU LEU B . n 
B 1 52 TYR 52 67  67  TYR TYR B . n 
B 1 53 ASP 53 68  68  ASP ASP B . n 
B 1 54 GLU 54 69  69  GLU GLU B . n 
B 1 55 LYS 55 70  70  LYS LYS B . n 
B 1 56 GLN 56 71  71  GLN GLN B . n 
B 1 57 GLN 57 72  72  GLN GLN B . n 
B 1 58 HIS 58 73  73  HIS HIS B . n 
B 1 59 ILE 59 74  74  ILE ILE B . n 
B 1 60 VAL 60 75  75  VAL VAL B . n 
B 1 61 TYR 61 76  76  TYR TYR B . n 
B 1 62 CYS 62 77  77  CYS CYS B . n 
B 1 63 SER 63 78  78  SER SER B . n 
B 1 64 ASN 64 79  79  ASN ASN B . n 
B 1 65 ASP 65 80  80  ASP ASP B . n 
B 1 66 LEU 66 81  81  LEU LEU B . n 
B 1 67 LEU 67 82  82  LEU LEU B . n 
B 1 68 GLY 68 83  83  GLY GLY B . n 
B 1 69 ASP 69 84  84  ASP ASP B . n 
B 1 70 LEU 70 85  85  LEU LEU B . n 
B 1 71 PHE 71 86  86  PHE PHE B . n 
B 1 72 GLY 72 87  87  GLY GLY B . n 
B 1 73 VAL 73 88  88  VAL VAL B . n 
B 1 74 PRO 74 89  89  PRO PRO B . n 
B 1 75 SER 75 90  90  SER SER B . n 
B 1 76 PHE 76 91  91  PHE PHE B . n 
B 1 77 SER 77 92  92  SER SER B . n 
B 1 78 VAL 78 93  93  VAL VAL B . n 
B 1 79 LYS 79 94  94  LYS LYS B . n 
B 1 80 GLU 80 95  95  GLU GLU B . n 
B 1 81 HIS 81 96  96  HIS HIS B . n 
B 1 82 ARG 82 97  97  ARG ARG B . n 
B 1 83 LYS 83 98  98  LYS LYS B . n 
B 1 84 ILE 84 99  99  ILE ILE B . n 
B 1 85 TYR 85 100 100 TYR TYR B . n 
B 1 86 THR 86 101 101 THR THR B . n 
B 1 87 MET 87 102 102 MET MET B . n 
B 1 88 ILE 88 103 103 ILE ILE B . n 
B 1 89 TYR 89 104 104 TYR TYR B . n 
B 1 90 ARG 90 105 105 ARG ARG B . n 
B 1 91 ASN 91 106 106 ASN ASN B . n 
B 1 92 LEU 92 107 107 LEU LEU B . n 
B 1 93 VAL 93 108 108 VAL VAL B . n 
B 1 94 VAL 94 109 109 VAL VAL B . n 
B 1 95 VAL 95 110 110 VAL VAL B . n 
B 1 96 ASN 96 111 111 ASN ASN B . n 
# 
loop_
_pdbx_nonpoly_scheme.asym_id 
_pdbx_nonpoly_scheme.entity_id 
_pdbx_nonpoly_scheme.mon_id 
_pdbx_nonpoly_scheme.ndb_seq_num 
_pdbx_nonpoly_scheme.pdb_seq_num 
_pdbx_nonpoly_scheme.auth_seq_num 
_pdbx_nonpoly_scheme.pdb_mon_id 
_pdbx_nonpoly_scheme.auth_mon_id 
_pdbx_nonpoly_scheme.pdb_strand_id 
_pdbx_nonpoly_scheme.pdb_ins_code 
C 2 DIZ 1  112 1  DIZ DCB A . 
D 2 DIZ 1  112 1  DIZ DCB B . 
E 3 HOH 1  113 1  HOH HOH A . 
E 3 HOH 2  114 2  HOH HOH A . 
E 3 HOH 3  115 4  HOH HOH A . 
E 3 HOH 4  116 6  HOH HOH A . 
E 3 HOH 5  117 8  HOH HOH A . 
E 3 HOH 6  118 9  HOH HOH A . 
E 3 HOH 7  119 10 HOH HOH A . 
E 3 HOH 8  120 14 HOH HOH A . 
E 3 HOH 9  121 15 HOH HOH A . 
E 3 HOH 10 122 16 HOH HOH A . 
E 3 HOH 11 123 17 HOH HOH A . 
E 3 HOH 12 124 18 HOH HOH A . 
E 3 HOH 13 125 21 HOH HOH A . 
E 3 HOH 14 126 22 HOH HOH A . 
E 3 HOH 15 127 25 HOH HOH A . 
E 3 HOH 16 128 27 HOH HOH A . 
E 3 HOH 17 129 31 HOH HOH A . 
E 3 HOH 18 130 34 HOH HOH A . 
E 3 HOH 19 131 35 HOH HOH A . 
E 3 HOH 20 132 40 HOH HOH A . 
E 3 HOH 21 133 42 HOH HOH A . 
E 3 HOH 22 134 44 HOH HOH A . 
E 3 HOH 23 135 45 HOH HOH A . 
E 3 HOH 24 136 49 HOH HOH A . 
E 3 HOH 25 137 50 HOH HOH A . 
F 3 HOH 1  113 3  HOH HOH B . 
F 3 HOH 2  114 5  HOH HOH B . 
F 3 HOH 3  115 7  HOH HOH B . 
F 3 HOH 4  116 11 HOH HOH B . 
F 3 HOH 5  117 12 HOH HOH B . 
F 3 HOH 6  118 13 HOH HOH B . 
F 3 HOH 7  119 19 HOH HOH B . 
F 3 HOH 8  120 20 HOH HOH B . 
F 3 HOH 9  121 23 HOH HOH B . 
F 3 HOH 10 122 24 HOH HOH B . 
F 3 HOH 11 123 26 HOH HOH B . 
F 3 HOH 12 124 28 HOH HOH B . 
F 3 HOH 13 125 29 HOH HOH B . 
F 3 HOH 14 126 30 HOH HOH B . 
F 3 HOH 15 127 32 HOH HOH B . 
F 3 HOH 16 128 33 HOH HOH B . 
F 3 HOH 17 129 36 HOH HOH B . 
F 3 HOH 18 130 37 HOH HOH B . 
F 3 HOH 19 131 38 HOH HOH B . 
F 3 HOH 20 132 39 HOH HOH B . 
F 3 HOH 21 133 41 HOH HOH B . 
F 3 HOH 22 134 43 HOH HOH B . 
F 3 HOH 23 135 46 HOH HOH B . 
F 3 HOH 24 136 47 HOH HOH B . 
F 3 HOH 25 137 48 HOH HOH B . 
# 
_pdbx_struct_assembly.id                   1 
_pdbx_struct_assembly.details              author_defined_assembly 
_pdbx_struct_assembly.method_details       ? 
_pdbx_struct_assembly.oligomeric_details   dimeric 
_pdbx_struct_assembly.oligomeric_count     2 
# 
_pdbx_struct_assembly_gen.assembly_id       1 
_pdbx_struct_assembly_gen.oper_expression   1 
_pdbx_struct_assembly_gen.asym_id_list      A,B,C,D,E,F 
# 
_pdbx_struct_oper_list.id                   1 
_pdbx_struct_oper_list.type                 'identity operation' 
_pdbx_struct_oper_list.name                 1_555 
_pdbx_struct_oper_list.symmetry_operation   x,y,z 
_pdbx_struct_oper_list.matrix[1][1]         1.0000000000 
_pdbx_struct_oper_list.matrix[1][2]         0.0000000000 
_pdbx_struct_oper_list.matrix[1][3]         0.0000000000 
_pdbx_struct_oper_list.vector[1]            0.0000000000 
_pdbx_struct_oper_list.matrix[2][1]         0.0000000000 
_pdbx_struct_oper_list.matrix[2][2]         1.0000000000 
_pdbx_struct_oper_list.matrix[2][3]         0.0000000000 
_pdbx_struct_oper_list.vector[2]            0.0000000000 
_pdbx_struct_oper_list.matrix[3][1]         0.0000000000 
_pdbx_struct_oper_list.matrix[3][2]         0.0000000000 
_pdbx_struct_oper_list.matrix[3][3]         1.0000000000 
_pdbx_struct_oper_list.vector[3]            0.0000000000 
# 
_pdbx_struct_special_symmetry.id              1 
_pdbx_struct_special_symmetry.PDB_model_num   1 
_pdbx_struct_special_symmetry.auth_asym_id    B 
_pdbx_struct_special_symmetry.auth_comp_id    HOH 
_pdbx_struct_special_symmetry.auth_seq_id     136 
_pdbx_struct_special_symmetry.PDB_ins_code    ? 
_pdbx_struct_special_symmetry.label_asym_id   F 
_pdbx_struct_special_symmetry.label_comp_id   HOH 
_pdbx_struct_special_symmetry.label_seq_id    . 
# 
loop_
_pdbx_audit_revision_history.ordinal 
_pdbx_audit_revision_history.data_content_type 
_pdbx_audit_revision_history.major_revision 
_pdbx_audit_revision_history.minor_revision 
_pdbx_audit_revision_history.revision_date 
1 'Structure model' 1 0 2005-02-08 
2 'Structure model' 1 1 2008-04-30 
3 'Structure model' 1 2 2011-07-13 
4 'Structure model' 1 3 2011-11-16 
5 'Structure model' 1 4 2018-01-31 
6 'Structure model' 1 5 2023-08-23 
# 
_pdbx_audit_revision_details.ordinal             1 
_pdbx_audit_revision_details.revision_ordinal    1 
_pdbx_audit_revision_details.data_content_type   'Structure model' 
_pdbx_audit_revision_details.provider            repository 
_pdbx_audit_revision_details.type                'Initial release' 
_pdbx_audit_revision_details.description         ? 
_pdbx_audit_revision_details.details             ? 
# 
loop_
_pdbx_audit_revision_group.ordinal 
_pdbx_audit_revision_group.revision_ordinal 
_pdbx_audit_revision_group.data_content_type 
_pdbx_audit_revision_group.group 
1 2 'Structure model' 'Version format compliance' 
2 3 'Structure model' 'Version format compliance' 
3 4 'Structure model' 'Atomic model'              
4 5 'Structure model' 'Experimental preparation'  
5 6 'Structure model' 'Data collection'           
6 6 'Structure model' 'Database references'       
7 6 'Structure model' 'Derived calculations'      
8 6 'Structure model' 'Refinement description'    
# 
loop_
_pdbx_audit_revision_category.ordinal 
_pdbx_audit_revision_category.revision_ordinal 
_pdbx_audit_revision_category.data_content_type 
_pdbx_audit_revision_category.category 
1 5 'Structure model' exptl_crystal_grow            
2 6 'Structure model' chem_comp_atom                
3 6 'Structure model' chem_comp_bond                
4 6 'Structure model' database_2                    
5 6 'Structure model' pdbx_initial_refinement_model 
6 6 'Structure model' struct_ref_seq_dif            
7 6 'Structure model' struct_site                   
# 
loop_
_pdbx_audit_revision_item.ordinal 
_pdbx_audit_revision_item.revision_ordinal 
_pdbx_audit_revision_item.data_content_type 
_pdbx_audit_revision_item.item 
1 5 'Structure model' '_exptl_crystal_grow.temp'            
2 6 'Structure model' '_database_2.pdbx_DOI'                
3 6 'Structure model' '_database_2.pdbx_database_accession' 
4 6 'Structure model' '_struct_ref_seq_dif.details'         
5 6 'Structure model' '_struct_site.pdbx_auth_asym_id'      
6 6 'Structure model' '_struct_site.pdbx_auth_comp_id'      
7 6 'Structure model' '_struct_site.pdbx_auth_seq_id'       
# 
loop_
_software.name 
_software.classification 
_software.version 
_software.citation_id 
_software.pdbx_ordinal 
CNX            refinement       2000.1 ? 1 
'PROTEUM PLUS' 'data reduction' .      ? 2 
'PROTEUM PLUS' 'data scaling'   .      ? 3 
CNX            phasing          2000.1 ? 4 
# 
loop_
_pdbx_validate_torsion.id 
_pdbx_validate_torsion.PDB_model_num 
_pdbx_validate_torsion.auth_comp_id 
_pdbx_validate_torsion.auth_asym_id 
_pdbx_validate_torsion.auth_seq_id 
_pdbx_validate_torsion.PDB_ins_code 
_pdbx_validate_torsion.label_alt_id 
_pdbx_validate_torsion.phi 
_pdbx_validate_torsion.psi 
1 1 SER A 17 ? ? 54.94   -85.74 
2 1 GLN A 18 ? ? -110.08 52.64  
3 1 PRO A 32 ? ? -29.84  -55.33 
4 1 GLN A 44 ? ? -151.91 27.10  
5 1 ASN A 79 ? ? -88.24  33.02  
6 1 GLN B 18 ? ? 58.79   -2.04  
7 1 GLN B 44 ? ? -151.84 45.36  
8 1 GLN B 71 ? ? -151.85 65.82  
# 
loop_
_chem_comp_atom.comp_id 
_chem_comp_atom.atom_id 
_chem_comp_atom.type_symbol 
_chem_comp_atom.pdbx_aromatic_flag 
_chem_comp_atom.pdbx_stereo_config 
_chem_comp_atom.pdbx_ordinal 
ALA N    N  N N 1   
ALA CA   C  N S 2   
ALA C    C  N N 3   
ALA O    O  N N 4   
ALA CB   C  N N 5   
ALA OXT  O  N N 6   
ALA H    H  N N 7   
ALA H2   H  N N 8   
ALA HA   H  N N 9   
ALA HB1  H  N N 10  
ALA HB2  H  N N 11  
ALA HB3  H  N N 12  
ALA HXT  H  N N 13  
ARG N    N  N N 14  
ARG CA   C  N S 15  
ARG C    C  N N 16  
ARG O    O  N N 17  
ARG CB   C  N N 18  
ARG CG   C  N N 19  
ARG CD   C  N N 20  
ARG NE   N  N N 21  
ARG CZ   C  N N 22  
ARG NH1  N  N N 23  
ARG NH2  N  N N 24  
ARG OXT  O  N N 25  
ARG H    H  N N 26  
ARG H2   H  N N 27  
ARG HA   H  N N 28  
ARG HB2  H  N N 29  
ARG HB3  H  N N 30  
ARG HG2  H  N N 31  
ARG HG3  H  N N 32  
ARG HD2  H  N N 33  
ARG HD3  H  N N 34  
ARG HE   H  N N 35  
ARG HH11 H  N N 36  
ARG HH12 H  N N 37  
ARG HH21 H  N N 38  
ARG HH22 H  N N 39  
ARG HXT  H  N N 40  
ASN N    N  N N 41  
ASN CA   C  N S 42  
ASN C    C  N N 43  
ASN O    O  N N 44  
ASN CB   C  N N 45  
ASN CG   C  N N 46  
ASN OD1  O  N N 47  
ASN ND2  N  N N 48  
ASN OXT  O  N N 49  
ASN H    H  N N 50  
ASN H2   H  N N 51  
ASN HA   H  N N 52  
ASN HB2  H  N N 53  
ASN HB3  H  N N 54  
ASN HD21 H  N N 55  
ASN HD22 H  N N 56  
ASN HXT  H  N N 57  
ASP N    N  N N 58  
ASP CA   C  N S 59  
ASP C    C  N N 60  
ASP O    O  N N 61  
ASP CB   C  N N 62  
ASP CG   C  N N 63  
ASP OD1  O  N N 64  
ASP OD2  O  N N 65  
ASP OXT  O  N N 66  
ASP H    H  N N 67  
ASP H2   H  N N 68  
ASP HA   H  N N 69  
ASP HB2  H  N N 70  
ASP HB3  H  N N 71  
ASP HD2  H  N N 72  
ASP HXT  H  N N 73  
CYS N    N  N N 74  
CYS CA   C  N R 75  
CYS C    C  N N 76  
CYS O    O  N N 77  
CYS CB   C  N N 78  
CYS SG   S  N N 79  
CYS OXT  O  N N 80  
CYS H    H  N N 81  
CYS H2   H  N N 82  
CYS HA   H  N N 83  
CYS HB2  H  N N 84  
CYS HB3  H  N N 85  
CYS HG   H  N N 86  
CYS HXT  H  N N 87  
DIZ CL1  CL N N 88  
DIZ C1   C  Y N 89  
DIZ C2   C  Y N 90  
DIZ C3   C  Y N 91  
DIZ C4   C  Y N 92  
DIZ C5   C  Y N 93  
DIZ C6   C  Y N 94  
DIZ C7   C  N S 95  
DIZ C8   C  N N 96  
DIZ O1   O  N N 97  
DIZ O2   O  N N 98  
DIZ N1   N  N N 99  
DIZ C9   C  N N 100 
DIZ O3   O  N N 101 
DIZ C10  C  Y N 102 
DIZ C11  C  Y N 103 
DIZ C12  C  Y N 104 
DIZ I1   I  N N 105 
DIZ C13  C  Y N 106 
DIZ C14  C  Y N 107 
DIZ C15  C  Y N 108 
DIZ N2   N  N N 109 
DIZ C16  C  N N 110 
DIZ O4   O  N N 111 
DIZ C17  C  N S 112 
DIZ C18  C  Y N 113 
DIZ C19  C  Y N 114 
DIZ C20  C  Y N 115 
DIZ C21  C  Y N 116 
DIZ CL2  CL N N 117 
DIZ C22  C  Y N 118 
DIZ C23  C  Y N 119 
DIZ H2   H  N N 120 
DIZ H3   H  N N 121 
DIZ H5   H  N N 122 
DIZ H6   H  N N 123 
DIZ H7   H  N N 124 
DIZ HO2  H  N N 125 
DIZ H11  H  N N 126 
DIZ H13  H  N N 127 
DIZ H14  H  N N 128 
DIZ HN2  H  N N 129 
DIZ H17  H  N N 130 
DIZ H19  H  N N 131 
DIZ H20  H  N N 132 
DIZ H22  H  N N 133 
DIZ H23  H  N N 134 
GLN N    N  N N 135 
GLN CA   C  N S 136 
GLN C    C  N N 137 
GLN O    O  N N 138 
GLN CB   C  N N 139 
GLN CG   C  N N 140 
GLN CD   C  N N 141 
GLN OE1  O  N N 142 
GLN NE2  N  N N 143 
GLN OXT  O  N N 144 
GLN H    H  N N 145 
GLN H2   H  N N 146 
GLN HA   H  N N 147 
GLN HB2  H  N N 148 
GLN HB3  H  N N 149 
GLN HG2  H  N N 150 
GLN HG3  H  N N 151 
GLN HE21 H  N N 152 
GLN HE22 H  N N 153 
GLN HXT  H  N N 154 
GLU N    N  N N 155 
GLU CA   C  N S 156 
GLU C    C  N N 157 
GLU O    O  N N 158 
GLU CB   C  N N 159 
GLU CG   C  N N 160 
GLU CD   C  N N 161 
GLU OE1  O  N N 162 
GLU OE2  O  N N 163 
GLU OXT  O  N N 164 
GLU H    H  N N 165 
GLU H2   H  N N 166 
GLU HA   H  N N 167 
GLU HB2  H  N N 168 
GLU HB3  H  N N 169 
GLU HG2  H  N N 170 
GLU HG3  H  N N 171 
GLU HE2  H  N N 172 
GLU HXT  H  N N 173 
GLY N    N  N N 174 
GLY CA   C  N N 175 
GLY C    C  N N 176 
GLY O    O  N N 177 
GLY OXT  O  N N 178 
GLY H    H  N N 179 
GLY H2   H  N N 180 
GLY HA2  H  N N 181 
GLY HA3  H  N N 182 
GLY HXT  H  N N 183 
HIS N    N  N N 184 
HIS CA   C  N S 185 
HIS C    C  N N 186 
HIS O    O  N N 187 
HIS CB   C  N N 188 
HIS CG   C  Y N 189 
HIS ND1  N  Y N 190 
HIS CD2  C  Y N 191 
HIS CE1  C  Y N 192 
HIS NE2  N  Y N 193 
HIS OXT  O  N N 194 
HIS H    H  N N 195 
HIS H2   H  N N 196 
HIS HA   H  N N 197 
HIS HB2  H  N N 198 
HIS HB3  H  N N 199 
HIS HD1  H  N N 200 
HIS HD2  H  N N 201 
HIS HE1  H  N N 202 
HIS HE2  H  N N 203 
HIS HXT  H  N N 204 
HOH O    O  N N 205 
HOH H1   H  N N 206 
HOH H2   H  N N 207 
ILE N    N  N N 208 
ILE CA   C  N S 209 
ILE C    C  N N 210 
ILE O    O  N N 211 
ILE CB   C  N S 212 
ILE CG1  C  N N 213 
ILE CG2  C  N N 214 
ILE CD1  C  N N 215 
ILE OXT  O  N N 216 
ILE H    H  N N 217 
ILE H2   H  N N 218 
ILE HA   H  N N 219 
ILE HB   H  N N 220 
ILE HG12 H  N N 221 
ILE HG13 H  N N 222 
ILE HG21 H  N N 223 
ILE HG22 H  N N 224 
ILE HG23 H  N N 225 
ILE HD11 H  N N 226 
ILE HD12 H  N N 227 
ILE HD13 H  N N 228 
ILE HXT  H  N N 229 
LEU N    N  N N 230 
LEU CA   C  N S 231 
LEU C    C  N N 232 
LEU O    O  N N 233 
LEU CB   C  N N 234 
LEU CG   C  N N 235 
LEU CD1  C  N N 236 
LEU CD2  C  N N 237 
LEU OXT  O  N N 238 
LEU H    H  N N 239 
LEU H2   H  N N 240 
LEU HA   H  N N 241 
LEU HB2  H  N N 242 
LEU HB3  H  N N 243 
LEU HG   H  N N 244 
LEU HD11 H  N N 245 
LEU HD12 H  N N 246 
LEU HD13 H  N N 247 
LEU HD21 H  N N 248 
LEU HD22 H  N N 249 
LEU HD23 H  N N 250 
LEU HXT  H  N N 251 
LYS N    N  N N 252 
LYS CA   C  N S 253 
LYS C    C  N N 254 
LYS O    O  N N 255 
LYS CB   C  N N 256 
LYS CG   C  N N 257 
LYS CD   C  N N 258 
LYS CE   C  N N 259 
LYS NZ   N  N N 260 
LYS OXT  O  N N 261 
LYS H    H  N N 262 
LYS H2   H  N N 263 
LYS HA   H  N N 264 
LYS HB2  H  N N 265 
LYS HB3  H  N N 266 
LYS HG2  H  N N 267 
LYS HG3  H  N N 268 
LYS HD2  H  N N 269 
LYS HD3  H  N N 270 
LYS HE2  H  N N 271 
LYS HE3  H  N N 272 
LYS HZ1  H  N N 273 
LYS HZ2  H  N N 274 
LYS HZ3  H  N N 275 
LYS HXT  H  N N 276 
MET N    N  N N 277 
MET CA   C  N S 278 
MET C    C  N N 279 
MET O    O  N N 280 
MET CB   C  N N 281 
MET CG   C  N N 282 
MET SD   S  N N 283 
MET CE   C  N N 284 
MET OXT  O  N N 285 
MET H    H  N N 286 
MET H2   H  N N 287 
MET HA   H  N N 288 
MET HB2  H  N N 289 
MET HB3  H  N N 290 
MET HG2  H  N N 291 
MET HG3  H  N N 292 
MET HE1  H  N N 293 
MET HE2  H  N N 294 
MET HE3  H  N N 295 
MET HXT  H  N N 296 
PHE N    N  N N 297 
PHE CA   C  N S 298 
PHE C    C  N N 299 
PHE O    O  N N 300 
PHE CB   C  N N 301 
PHE CG   C  Y N 302 
PHE CD1  C  Y N 303 
PHE CD2  C  Y N 304 
PHE CE1  C  Y N 305 
PHE CE2  C  Y N 306 
PHE CZ   C  Y N 307 
PHE OXT  O  N N 308 
PHE H    H  N N 309 
PHE H2   H  N N 310 
PHE HA   H  N N 311 
PHE HB2  H  N N 312 
PHE HB3  H  N N 313 
PHE HD1  H  N N 314 
PHE HD2  H  N N 315 
PHE HE1  H  N N 316 
PHE HE2  H  N N 317 
PHE HZ   H  N N 318 
PHE HXT  H  N N 319 
PRO N    N  N N 320 
PRO CA   C  N S 321 
PRO C    C  N N 322 
PRO O    O  N N 323 
PRO CB   C  N N 324 
PRO CG   C  N N 325 
PRO CD   C  N N 326 
PRO OXT  O  N N 327 
PRO H    H  N N 328 
PRO HA   H  N N 329 
PRO HB2  H  N N 330 
PRO HB3  H  N N 331 
PRO HG2  H  N N 332 
PRO HG3  H  N N 333 
PRO HD2  H  N N 334 
PRO HD3  H  N N 335 
PRO HXT  H  N N 336 
SER N    N  N N 337 
SER CA   C  N S 338 
SER C    C  N N 339 
SER O    O  N N 340 
SER CB   C  N N 341 
SER OG   O  N N 342 
SER OXT  O  N N 343 
SER H    H  N N 344 
SER H2   H  N N 345 
SER HA   H  N N 346 
SER HB2  H  N N 347 
SER HB3  H  N N 348 
SER HG   H  N N 349 
SER HXT  H  N N 350 
THR N    N  N N 351 
THR CA   C  N S 352 
THR C    C  N N 353 
THR O    O  N N 354 
THR CB   C  N R 355 
THR OG1  O  N N 356 
THR CG2  C  N N 357 
THR OXT  O  N N 358 
THR H    H  N N 359 
THR H2   H  N N 360 
THR HA   H  N N 361 
THR HB   H  N N 362 
THR HG1  H  N N 363 
THR HG21 H  N N 364 
THR HG22 H  N N 365 
THR HG23 H  N N 366 
THR HXT  H  N N 367 
TYR N    N  N N 368 
TYR CA   C  N S 369 
TYR C    C  N N 370 
TYR O    O  N N 371 
TYR CB   C  N N 372 
TYR CG   C  Y N 373 
TYR CD1  C  Y N 374 
TYR CD2  C  Y N 375 
TYR CE1  C  Y N 376 
TYR CE2  C  Y N 377 
TYR CZ   C  Y N 378 
TYR OH   O  N N 379 
TYR OXT  O  N N 380 
TYR H    H  N N 381 
TYR H2   H  N N 382 
TYR HA   H  N N 383 
TYR HB2  H  N N 384 
TYR HB3  H  N N 385 
TYR HD1  H  N N 386 
TYR HD2  H  N N 387 
TYR HE1  H  N N 388 
TYR HE2  H  N N 389 
TYR HH   H  N N 390 
TYR HXT  H  N N 391 
VAL N    N  N N 392 
VAL CA   C  N S 393 
VAL C    C  N N 394 
VAL O    O  N N 395 
VAL CB   C  N N 396 
VAL CG1  C  N N 397 
VAL CG2  C  N N 398 
VAL OXT  O  N N 399 
VAL H    H  N N 400 
VAL H2   H  N N 401 
VAL HA   H  N N 402 
VAL HB   H  N N 403 
VAL HG11 H  N N 404 
VAL HG12 H  N N 405 
VAL HG13 H  N N 406 
VAL HG21 H  N N 407 
VAL HG22 H  N N 408 
VAL HG23 H  N N 409 
VAL HXT  H  N N 410 
# 
loop_
_chem_comp_bond.comp_id 
_chem_comp_bond.atom_id_1 
_chem_comp_bond.atom_id_2 
_chem_comp_bond.value_order 
_chem_comp_bond.pdbx_aromatic_flag 
_chem_comp_bond.pdbx_stereo_config 
_chem_comp_bond.pdbx_ordinal 
ALA N   CA   sing N N 1   
ALA N   H    sing N N 2   
ALA N   H2   sing N N 3   
ALA CA  C    sing N N 4   
ALA CA  CB   sing N N 5   
ALA CA  HA   sing N N 6   
ALA C   O    doub N N 7   
ALA C   OXT  sing N N 8   
ALA CB  HB1  sing N N 9   
ALA CB  HB2  sing N N 10  
ALA CB  HB3  sing N N 11  
ALA OXT HXT  sing N N 12  
ARG N   CA   sing N N 13  
ARG N   H    sing N N 14  
ARG N   H2   sing N N 15  
ARG CA  C    sing N N 16  
ARG CA  CB   sing N N 17  
ARG CA  HA   sing N N 18  
ARG C   O    doub N N 19  
ARG C   OXT  sing N N 20  
ARG CB  CG   sing N N 21  
ARG CB  HB2  sing N N 22  
ARG CB  HB3  sing N N 23  
ARG CG  CD   sing N N 24  
ARG CG  HG2  sing N N 25  
ARG CG  HG3  sing N N 26  
ARG CD  NE   sing N N 27  
ARG CD  HD2  sing N N 28  
ARG CD  HD3  sing N N 29  
ARG NE  CZ   sing N N 30  
ARG NE  HE   sing N N 31  
ARG CZ  NH1  sing N N 32  
ARG CZ  NH2  doub N N 33  
ARG NH1 HH11 sing N N 34  
ARG NH1 HH12 sing N N 35  
ARG NH2 HH21 sing N N 36  
ARG NH2 HH22 sing N N 37  
ARG OXT HXT  sing N N 38  
ASN N   CA   sing N N 39  
ASN N   H    sing N N 40  
ASN N   H2   sing N N 41  
ASN CA  C    sing N N 42  
ASN CA  CB   sing N N 43  
ASN CA  HA   sing N N 44  
ASN C   O    doub N N 45  
ASN C   OXT  sing N N 46  
ASN CB  CG   sing N N 47  
ASN CB  HB2  sing N N 48  
ASN CB  HB3  sing N N 49  
ASN CG  OD1  doub N N 50  
ASN CG  ND2  sing N N 51  
ASN ND2 HD21 sing N N 52  
ASN ND2 HD22 sing N N 53  
ASN OXT HXT  sing N N 54  
ASP N   CA   sing N N 55  
ASP N   H    sing N N 56  
ASP N   H2   sing N N 57  
ASP CA  C    sing N N 58  
ASP CA  CB   sing N N 59  
ASP CA  HA   sing N N 60  
ASP C   O    doub N N 61  
ASP C   OXT  sing N N 62  
ASP CB  CG   sing N N 63  
ASP CB  HB2  sing N N 64  
ASP CB  HB3  sing N N 65  
ASP CG  OD1  doub N N 66  
ASP CG  OD2  sing N N 67  
ASP OD2 HD2  sing N N 68  
ASP OXT HXT  sing N N 69  
CYS N   CA   sing N N 70  
CYS N   H    sing N N 71  
CYS N   H2   sing N N 72  
CYS CA  C    sing N N 73  
CYS CA  CB   sing N N 74  
CYS CA  HA   sing N N 75  
CYS C   O    doub N N 76  
CYS C   OXT  sing N N 77  
CYS CB  SG   sing N N 78  
CYS CB  HB2  sing N N 79  
CYS CB  HB3  sing N N 80  
CYS SG  HG   sing N N 81  
CYS OXT HXT  sing N N 82  
DIZ CL1 C1   sing N N 83  
DIZ C1  C2   doub Y N 84  
DIZ C1  C6   sing Y N 85  
DIZ C2  C3   sing Y N 86  
DIZ C2  H2   sing N N 87  
DIZ C3  C4   doub Y N 88  
DIZ C3  H3   sing N N 89  
DIZ C4  C5   sing Y N 90  
DIZ C4  C7   sing N N 91  
DIZ C5  C6   doub Y N 92  
DIZ C5  H5   sing N N 93  
DIZ C6  H6   sing N N 94  
DIZ C7  C8   sing N N 95  
DIZ C7  N1   sing N N 96  
DIZ C7  H7   sing N N 97  
DIZ C8  O1   doub N N 98  
DIZ C8  O2   sing N N 99  
DIZ O2  HO2  sing N N 100 
DIZ N1  C9   sing N N 101 
DIZ N1  C17  sing N N 102 
DIZ C9  O3   doub N N 103 
DIZ C9  C10  sing N N 104 
DIZ C10 C11  sing Y N 105 
DIZ C10 C15  doub Y N 106 
DIZ C11 C12  doub Y N 107 
DIZ C11 H11  sing N N 108 
DIZ C12 I1   sing N N 109 
DIZ C12 C13  sing Y N 110 
DIZ C13 C14  doub Y N 111 
DIZ C13 H13  sing N N 112 
DIZ C14 C15  sing Y N 113 
DIZ C14 H14  sing N N 114 
DIZ C15 N2   sing N N 115 
DIZ N2  C16  sing N N 116 
DIZ N2  HN2  sing N N 117 
DIZ C16 O4   doub N N 118 
DIZ C16 C17  sing N N 119 
DIZ C17 C18  sing N N 120 
DIZ C17 H17  sing N N 121 
DIZ C18 C19  sing Y N 122 
DIZ C18 C23  doub Y N 123 
DIZ C19 C20  doub Y N 124 
DIZ C19 H19  sing N N 125 
DIZ C20 C21  sing Y N 126 
DIZ C20 H20  sing N N 127 
DIZ C21 CL2  sing N N 128 
DIZ C21 C22  doub Y N 129 
DIZ C22 C23  sing Y N 130 
DIZ C22 H22  sing N N 131 
DIZ C23 H23  sing N N 132 
GLN N   CA   sing N N 133 
GLN N   H    sing N N 134 
GLN N   H2   sing N N 135 
GLN CA  C    sing N N 136 
GLN CA  CB   sing N N 137 
GLN CA  HA   sing N N 138 
GLN C   O    doub N N 139 
GLN C   OXT  sing N N 140 
GLN CB  CG   sing N N 141 
GLN CB  HB2  sing N N 142 
GLN CB  HB3  sing N N 143 
GLN CG  CD   sing N N 144 
GLN CG  HG2  sing N N 145 
GLN CG  HG3  sing N N 146 
GLN CD  OE1  doub N N 147 
GLN CD  NE2  sing N N 148 
GLN NE2 HE21 sing N N 149 
GLN NE2 HE22 sing N N 150 
GLN OXT HXT  sing N N 151 
GLU N   CA   sing N N 152 
GLU N   H    sing N N 153 
GLU N   H2   sing N N 154 
GLU CA  C    sing N N 155 
GLU CA  CB   sing N N 156 
GLU CA  HA   sing N N 157 
GLU C   O    doub N N 158 
GLU C   OXT  sing N N 159 
GLU CB  CG   sing N N 160 
GLU CB  HB2  sing N N 161 
GLU CB  HB3  sing N N 162 
GLU CG  CD   sing N N 163 
GLU CG  HG2  sing N N 164 
GLU CG  HG3  sing N N 165 
GLU CD  OE1  doub N N 166 
GLU CD  OE2  sing N N 167 
GLU OE2 HE2  sing N N 168 
GLU OXT HXT  sing N N 169 
GLY N   CA   sing N N 170 
GLY N   H    sing N N 171 
GLY N   H2   sing N N 172 
GLY CA  C    sing N N 173 
GLY CA  HA2  sing N N 174 
GLY CA  HA3  sing N N 175 
GLY C   O    doub N N 176 
GLY C   OXT  sing N N 177 
GLY OXT HXT  sing N N 178 
HIS N   CA   sing N N 179 
HIS N   H    sing N N 180 
HIS N   H2   sing N N 181 
HIS CA  C    sing N N 182 
HIS CA  CB   sing N N 183 
HIS CA  HA   sing N N 184 
HIS C   O    doub N N 185 
HIS C   OXT  sing N N 186 
HIS CB  CG   sing N N 187 
HIS CB  HB2  sing N N 188 
HIS CB  HB3  sing N N 189 
HIS CG  ND1  sing Y N 190 
HIS CG  CD2  doub Y N 191 
HIS ND1 CE1  doub Y N 192 
HIS ND1 HD1  sing N N 193 
HIS CD2 NE2  sing Y N 194 
HIS CD2 HD2  sing N N 195 
HIS CE1 NE2  sing Y N 196 
HIS CE1 HE1  sing N N 197 
HIS NE2 HE2  sing N N 198 
HIS OXT HXT  sing N N 199 
HOH O   H1   sing N N 200 
HOH O   H2   sing N N 201 
ILE N   CA   sing N N 202 
ILE N   H    sing N N 203 
ILE N   H2   sing N N 204 
ILE CA  C    sing N N 205 
ILE CA  CB   sing N N 206 
ILE CA  HA   sing N N 207 
ILE C   O    doub N N 208 
ILE C   OXT  sing N N 209 
ILE CB  CG1  sing N N 210 
ILE CB  CG2  sing N N 211 
ILE CB  HB   sing N N 212 
ILE CG1 CD1  sing N N 213 
ILE CG1 HG12 sing N N 214 
ILE CG1 HG13 sing N N 215 
ILE CG2 HG21 sing N N 216 
ILE CG2 HG22 sing N N 217 
ILE CG2 HG23 sing N N 218 
ILE CD1 HD11 sing N N 219 
ILE CD1 HD12 sing N N 220 
ILE CD1 HD13 sing N N 221 
ILE OXT HXT  sing N N 222 
LEU N   CA   sing N N 223 
LEU N   H    sing N N 224 
LEU N   H2   sing N N 225 
LEU CA  C    sing N N 226 
LEU CA  CB   sing N N 227 
LEU CA  HA   sing N N 228 
LEU C   O    doub N N 229 
LEU C   OXT  sing N N 230 
LEU CB  CG   sing N N 231 
LEU CB  HB2  sing N N 232 
LEU CB  HB3  sing N N 233 
LEU CG  CD1  sing N N 234 
LEU CG  CD2  sing N N 235 
LEU CG  HG   sing N N 236 
LEU CD1 HD11 sing N N 237 
LEU CD1 HD12 sing N N 238 
LEU CD1 HD13 sing N N 239 
LEU CD2 HD21 sing N N 240 
LEU CD2 HD22 sing N N 241 
LEU CD2 HD23 sing N N 242 
LEU OXT HXT  sing N N 243 
LYS N   CA   sing N N 244 
LYS N   H    sing N N 245 
LYS N   H2   sing N N 246 
LYS CA  C    sing N N 247 
LYS CA  CB   sing N N 248 
LYS CA  HA   sing N N 249 
LYS C   O    doub N N 250 
LYS C   OXT  sing N N 251 
LYS CB  CG   sing N N 252 
LYS CB  HB2  sing N N 253 
LYS CB  HB3  sing N N 254 
LYS CG  CD   sing N N 255 
LYS CG  HG2  sing N N 256 
LYS CG  HG3  sing N N 257 
LYS CD  CE   sing N N 258 
LYS CD  HD2  sing N N 259 
LYS CD  HD3  sing N N 260 
LYS CE  NZ   sing N N 261 
LYS CE  HE2  sing N N 262 
LYS CE  HE3  sing N N 263 
LYS NZ  HZ1  sing N N 264 
LYS NZ  HZ2  sing N N 265 
LYS NZ  HZ3  sing N N 266 
LYS OXT HXT  sing N N 267 
MET N   CA   sing N N 268 
MET N   H    sing N N 269 
MET N   H2   sing N N 270 
MET CA  C    sing N N 271 
MET CA  CB   sing N N 272 
MET CA  HA   sing N N 273 
MET C   O    doub N N 274 
MET C   OXT  sing N N 275 
MET CB  CG   sing N N 276 
MET CB  HB2  sing N N 277 
MET CB  HB3  sing N N 278 
MET CG  SD   sing N N 279 
MET CG  HG2  sing N N 280 
MET CG  HG3  sing N N 281 
MET SD  CE   sing N N 282 
MET CE  HE1  sing N N 283 
MET CE  HE2  sing N N 284 
MET CE  HE3  sing N N 285 
MET OXT HXT  sing N N 286 
PHE N   CA   sing N N 287 
PHE N   H    sing N N 288 
PHE N   H2   sing N N 289 
PHE CA  C    sing N N 290 
PHE CA  CB   sing N N 291 
PHE CA  HA   sing N N 292 
PHE C   O    doub N N 293 
PHE C   OXT  sing N N 294 
PHE CB  CG   sing N N 295 
PHE CB  HB2  sing N N 296 
PHE CB  HB3  sing N N 297 
PHE CG  CD1  doub Y N 298 
PHE CG  CD2  sing Y N 299 
PHE CD1 CE1  sing Y N 300 
PHE CD1 HD1  sing N N 301 
PHE CD2 CE2  doub Y N 302 
PHE CD2 HD2  sing N N 303 
PHE CE1 CZ   doub Y N 304 
PHE CE1 HE1  sing N N 305 
PHE CE2 CZ   sing Y N 306 
PHE CE2 HE2  sing N N 307 
PHE CZ  HZ   sing N N 308 
PHE OXT HXT  sing N N 309 
PRO N   CA   sing N N 310 
PRO N   CD   sing N N 311 
PRO N   H    sing N N 312 
PRO CA  C    sing N N 313 
PRO CA  CB   sing N N 314 
PRO CA  HA   sing N N 315 
PRO C   O    doub N N 316 
PRO C   OXT  sing N N 317 
PRO CB  CG   sing N N 318 
PRO CB  HB2  sing N N 319 
PRO CB  HB3  sing N N 320 
PRO CG  CD   sing N N 321 
PRO CG  HG2  sing N N 322 
PRO CG  HG3  sing N N 323 
PRO CD  HD2  sing N N 324 
PRO CD  HD3  sing N N 325 
PRO OXT HXT  sing N N 326 
SER N   CA   sing N N 327 
SER N   H    sing N N 328 
SER N   H2   sing N N 329 
SER CA  C    sing N N 330 
SER CA  CB   sing N N 331 
SER CA  HA   sing N N 332 
SER C   O    doub N N 333 
SER C   OXT  sing N N 334 
SER CB  OG   sing N N 335 
SER CB  HB2  sing N N 336 
SER CB  HB3  sing N N 337 
SER OG  HG   sing N N 338 
SER OXT HXT  sing N N 339 
THR N   CA   sing N N 340 
THR N   H    sing N N 341 
THR N   H2   sing N N 342 
THR CA  C    sing N N 343 
THR CA  CB   sing N N 344 
THR CA  HA   sing N N 345 
THR C   O    doub N N 346 
THR C   OXT  sing N N 347 
THR CB  OG1  sing N N 348 
THR CB  CG2  sing N N 349 
THR CB  HB   sing N N 350 
THR OG1 HG1  sing N N 351 
THR CG2 HG21 sing N N 352 
THR CG2 HG22 sing N N 353 
THR CG2 HG23 sing N N 354 
THR OXT HXT  sing N N 355 
TYR N   CA   sing N N 356 
TYR N   H    sing N N 357 
TYR N   H2   sing N N 358 
TYR CA  C    sing N N 359 
TYR CA  CB   sing N N 360 
TYR CA  HA   sing N N 361 
TYR C   O    doub N N 362 
TYR C   OXT  sing N N 363 
TYR CB  CG   sing N N 364 
TYR CB  HB2  sing N N 365 
TYR CB  HB3  sing N N 366 
TYR CG  CD1  doub Y N 367 
TYR CG  CD2  sing Y N 368 
TYR CD1 CE1  sing Y N 369 
TYR CD1 HD1  sing N N 370 
TYR CD2 CE2  doub Y N 371 
TYR CD2 HD2  sing N N 372 
TYR CE1 CZ   doub Y N 373 
TYR CE1 HE1  sing N N 374 
TYR CE2 CZ   sing Y N 375 
TYR CE2 HE2  sing N N 376 
TYR CZ  OH   sing N N 377 
TYR OH  HH   sing N N 378 
TYR OXT HXT  sing N N 379 
VAL N   CA   sing N N 380 
VAL N   H    sing N N 381 
VAL N   H2   sing N N 382 
VAL CA  C    sing N N 383 
VAL CA  CB   sing N N 384 
VAL CA  HA   sing N N 385 
VAL C   O    doub N N 386 
VAL C   OXT  sing N N 387 
VAL CB  CG1  sing N N 388 
VAL CB  CG2  sing N N 389 
VAL CB  HB   sing N N 390 
VAL CG1 HG11 sing N N 391 
VAL CG1 HG12 sing N N 392 
VAL CG1 HG13 sing N N 393 
VAL CG2 HG21 sing N N 394 
VAL CG2 HG22 sing N N 395 
VAL CG2 HG23 sing N N 396 
VAL OXT HXT  sing N N 397 
# 
loop_
_pdbx_entity_nonpoly.entity_id 
_pdbx_entity_nonpoly.name 
_pdbx_entity_nonpoly.comp_id 
2 '(4-CHLOROPHENYL)[3-(4-CHLOROPHENYL)-7-IODO-2,5-DIOXO-1,2,3,5-TETRAHYDRO-4H-1,4-BENZODIAZEPIN-4-YL]ACETIC ACID' DIZ 
3 water                                                                                                           HOH 
# 
_pdbx_initial_refinement_model.id               1 
_pdbx_initial_refinement_model.entity_id_list   ? 
_pdbx_initial_refinement_model.type             'experimental model' 
_pdbx_initial_refinement_model.source_name      PDB 
_pdbx_initial_refinement_model.accession_code   1T4F 
_pdbx_initial_refinement_model.details          'PDB ENTRY 1T4F' 
# 
